data_3RSJ
#
_entry.id   3RSJ
#
_cell.length_a   65.468
_cell.length_b   84.266
_cell.length_c   117.600
_cell.angle_alpha   72.55
_cell.angle_beta   87.01
_cell.angle_gamma   67.13
#
_symmetry.space_group_name_H-M   'P 1'
#
loop_
_entity.id
_entity.type
_entity.pdbx_description
1 polymer BoNT/F
2 branched 'N-acetyl-alpha-neuraminic acid-(2-3)-beta-D-galactopyranose-(1-3)-2-acetamido-2-deoxy-beta-D-galactopyranose'
3 branched 'N-acetyl-alpha-neuraminic acid-(2-3)-beta-D-galactopyranose-(1-3)-2-acetamido-2-deoxy-beta-D-galactopyranose-(1-4)-[N-acetyl-alpha-neuraminic acid-(2-3)]beta-D-galactopyranose'
4 branched 'N-acetyl-alpha-neuraminic acid-(2-3)-beta-D-galactopyranose-(1-3)-2-acetamido-2-deoxy-beta-D-galactopyranose-(1-4)-beta-D-galactopyranose'
5 water water
#
_entity_poly.entity_id   1
_entity_poly.type   'polypeptide(L)'
_entity_poly.pdbx_seq_one_letter_code
;IKDNSILDMRYENNKFIDISGYGSNISINGDVYIYSTNRNQFGIYSSKPSEVNIAQNNDIIYNGRYQNFSISFWVRIPKY
FNKVNLNNEYTIIDCIRNNNSGWKISLNYNKIIWTLQDTAGNNQKLVFNYTQMISISDYINKWIFVTITNNRLGNSRIYI
NGNLIDEKSISNLGDIHVSDNILFKIVGCNDTRYVGIRYFKVFDTELGKTEIETLYSDEPDPSILKDFWGNYLLYNKRYY
LLNLLRTDKSITQNSNFLNINQQRGVYQKPNIFSNTRLYTGVEVIIRKNGSTDISNTDNFVRKNDLAYINVVDRDVEYRL
YADISIAKPEKIIKLIRTSNSNNSLGQIIVMDSIGNNCTMNFQNNNGGNIGLLGFHSNNLVASSWYYNNIRKNTSSNGCF
WSFISKEHGWQEN
;
_entity_poly.pdbx_strand_id   A,B,C,D
#
# COMPACT_ATOMS: atom_id res chain seq x y z
N ILE A 1 29.81 2.73 -16.30
CA ILE A 1 30.98 3.65 -16.36
C ILE A 1 30.57 5.01 -16.95
N LYS A 2 31.23 6.06 -16.45
CA LYS A 2 31.01 7.43 -16.87
C LYS A 2 31.22 7.58 -18.38
N ASP A 3 31.86 6.60 -19.00
CA ASP A 3 32.13 6.64 -20.44
C ASP A 3 30.84 6.57 -21.25
N ASN A 4 29.83 5.89 -20.72
CA ASN A 4 28.57 5.76 -21.43
C ASN A 4 27.52 6.78 -21.01
N SER A 5 27.94 7.80 -20.28
CA SER A 5 27.01 8.82 -19.82
C SER A 5 26.89 9.92 -20.87
N ILE A 6 25.65 10.29 -21.20
CA ILE A 6 25.42 11.32 -22.20
C ILE A 6 24.71 12.53 -21.59
N LEU A 7 24.64 12.52 -20.26
CA LEU A 7 24.00 13.61 -19.51
C LEU A 7 24.31 13.39 -18.04
N ASP A 8 25.00 14.36 -17.44
CA ASP A 8 25.39 14.26 -16.03
C ASP A 8 25.14 15.59 -15.35
N MET A 9 24.03 15.65 -14.61
CA MET A 9 23.61 16.86 -13.92
C MET A 9 24.31 17.09 -12.58
N ARG A 10 25.02 18.21 -12.46
CA ARG A 10 25.72 18.57 -11.24
C ARG A 10 25.45 20.04 -10.95
N TYR A 11 25.68 20.46 -9.71
CA TYR A 11 25.48 21.85 -9.35
C TYR A 11 26.86 22.47 -9.13
N GLU A 12 27.10 23.64 -9.69
CA GLU A 12 28.38 24.31 -9.54
C GLU A 12 28.26 25.79 -9.91
N ASN A 13 28.84 26.65 -9.08
CA ASN A 13 28.78 28.09 -9.31
C ASN A 13 27.35 28.61 -9.41
N ASN A 14 26.54 28.19 -8.45
CA ASN A 14 25.14 28.60 -8.36
C ASN A 14 24.23 28.35 -9.54
N LYS A 15 24.41 27.20 -10.19
CA LYS A 15 23.58 26.80 -11.33
C LYS A 15 23.89 25.36 -11.70
N PHE A 16 22.96 24.69 -12.36
CA PHE A 16 23.16 23.31 -12.77
C PHE A 16 23.88 23.26 -14.10
N ILE A 17 24.76 22.30 -14.24
CA ILE A 17 25.51 22.14 -15.48
C ILE A 17 25.62 20.65 -15.87
N ASP A 18 25.76 20.40 -17.17
CA ASP A 18 25.91 19.05 -17.69
C ASP A 18 27.39 18.83 -17.86
N ILE A 19 27.93 17.84 -17.16
CA ILE A 19 29.37 17.57 -17.22
C ILE A 19 29.73 16.34 -18.05
N SER A 20 28.79 15.89 -18.88
CA SER A 20 29.01 14.72 -19.72
C SER A 20 29.83 15.08 -20.95
N GLY A 21 29.81 16.36 -21.31
CA GLY A 21 30.56 16.81 -22.46
C GLY A 21 29.65 17.14 -23.63
N TYR A 22 28.44 16.59 -23.66
CA TYR A 22 27.53 16.89 -24.76
C TYR A 22 26.98 18.30 -24.56
N GLY A 23 27.22 18.84 -23.37
CA GLY A 23 26.80 20.19 -23.04
C GLY A 23 25.34 20.63 -23.07
N SER A 24 24.42 19.77 -22.65
CA SER A 24 23.01 20.17 -22.64
C SER A 24 22.88 21.38 -21.72
N ASN A 25 22.05 22.34 -22.10
CA ASN A 25 21.84 23.55 -21.31
C ASN A 25 20.76 23.28 -20.25
N ILE A 26 21.10 23.52 -18.99
CA ILE A 26 20.15 23.30 -17.88
C ILE A 26 19.78 24.64 -17.24
N SER A 27 18.49 24.97 -17.27
CA SER A 27 18.02 26.23 -16.70
C SER A 27 17.04 26.02 -15.56
N ILE A 28 17.10 26.90 -14.57
CA ILE A 28 16.21 26.84 -13.43
C ILE A 28 15.20 27.99 -13.46
N ASN A 29 13.92 27.65 -13.48
CA ASN A 29 12.86 28.64 -13.51
C ASN A 29 12.02 28.58 -12.22
N GLY A 30 11.58 29.74 -11.74
CA GLY A 30 10.78 29.79 -10.52
C GLY A 30 11.56 29.48 -9.26
N ASP A 31 10.86 28.99 -8.25
CA ASP A 31 11.44 28.65 -6.94
C ASP A 31 11.89 27.20 -6.84
N VAL A 32 13.19 26.99 -6.86
CA VAL A 32 13.77 25.65 -6.74
C VAL A 32 14.70 25.59 -5.55
N TYR A 33 14.35 24.72 -4.61
CA TYR A 33 15.13 24.56 -3.39
C TYR A 33 16.46 23.85 -3.65
N ILE A 34 17.53 24.38 -3.07
CA ILE A 34 18.84 23.76 -3.23
C ILE A 34 19.31 23.40 -1.81
N TYR A 35 19.57 22.12 -1.58
CA TYR A 35 20.01 21.67 -0.27
C TYR A 35 21.38 22.26 0.08
N SER A 36 21.47 22.80 1.29
CA SER A 36 22.69 23.42 1.74
C SER A 36 23.91 22.51 1.84
N THR A 37 23.76 21.33 2.44
CA THR A 37 24.91 20.44 2.61
C THR A 37 25.29 19.59 1.39
N ASN A 38 24.39 19.49 0.42
CA ASN A 38 24.66 18.76 -0.83
C ASN A 38 23.91 19.49 -1.92
N ARG A 39 24.60 20.39 -2.62
CA ARG A 39 23.98 21.21 -3.65
C ARG A 39 23.42 20.42 -4.84
N ASN A 40 23.83 19.17 -5.00
CA ASN A 40 23.32 18.37 -6.11
C ASN A 40 21.86 17.99 -5.82
N GLN A 41 21.41 18.21 -4.59
CA GLN A 41 20.03 17.90 -4.19
C GLN A 41 19.14 19.14 -4.33
N PHE A 42 18.05 19.01 -5.08
CA PHE A 42 17.15 20.14 -5.23
C PHE A 42 15.70 19.71 -5.05
N GLY A 43 14.84 20.66 -4.77
CA GLY A 43 13.43 20.32 -4.59
C GLY A 43 12.55 21.16 -5.48
N ILE A 44 11.52 20.54 -6.04
CA ILE A 44 10.58 21.26 -6.89
C ILE A 44 9.19 21.23 -6.26
N TYR A 45 8.41 22.27 -6.52
CA TYR A 45 7.08 22.41 -5.96
C TYR A 45 5.93 22.23 -6.95
N SER A 46 4.80 21.80 -6.42
CA SER A 46 3.64 21.54 -7.27
C SER A 46 2.65 22.70 -7.48
N SER A 47 2.60 23.62 -6.53
CA SER A 47 1.60 24.69 -6.59
C SER A 47 2.06 26.10 -6.95
N LYS A 48 3.32 26.24 -7.32
CA LYS A 48 3.87 27.54 -7.68
C LYS A 48 4.96 27.35 -8.70
N PRO A 49 5.32 28.42 -9.42
CA PRO A 49 6.38 28.35 -10.44
C PRO A 49 7.60 27.67 -9.83
N SER A 50 8.13 26.67 -10.51
CA SER A 50 9.26 25.91 -10.00
C SER A 50 9.59 24.80 -10.99
N GLU A 51 10.80 24.83 -11.53
CA GLU A 51 11.20 23.80 -12.47
C GLU A 51 12.66 23.88 -12.89
N VAL A 52 13.20 22.73 -13.26
CA VAL A 52 14.56 22.65 -13.74
C VAL A 52 14.38 22.03 -15.12
N ASN A 53 14.90 22.70 -16.15
CA ASN A 53 14.76 22.18 -17.49
C ASN A 53 16.10 21.90 -18.16
N ILE A 54 16.17 20.80 -18.88
CA ILE A 54 17.37 20.44 -19.59
C ILE A 54 17.08 20.48 -21.09
N ALA A 55 17.62 21.47 -21.78
CA ALA A 55 17.43 21.58 -23.22
C ALA A 55 18.50 20.63 -23.76
N GLN A 56 18.08 19.42 -24.13
CA GLN A 56 19.01 18.41 -24.61
C GLN A 56 19.81 18.79 -25.85
N ASN A 57 21.07 18.32 -25.89
CA ASN A 57 21.93 18.57 -27.03
C ASN A 57 21.19 17.88 -28.17
N ASN A 58 21.10 18.54 -29.30
CA ASN A 58 20.39 17.98 -30.46
C ASN A 58 20.88 16.58 -30.79
N ASP A 59 22.18 16.37 -30.64
CA ASP A 59 22.81 15.09 -30.94
C ASP A 59 22.48 13.99 -29.92
N ILE A 60 21.73 14.33 -28.89
CA ILE A 60 21.37 13.36 -27.86
C ILE A 60 19.88 12.98 -27.89
N ILE A 61 19.05 13.85 -28.47
CA ILE A 61 17.61 13.61 -28.56
C ILE A 61 17.32 12.33 -29.36
N TYR A 62 17.29 11.20 -28.68
CA TYR A 62 17.04 9.92 -29.34
C TYR A 62 15.71 9.78 -30.06
N ASN A 63 15.79 9.64 -31.38
CA ASN A 63 14.62 9.49 -32.22
C ASN A 63 14.68 8.10 -32.82
N GLY A 64 15.67 7.33 -32.38
CA GLY A 64 15.84 5.99 -32.89
C GLY A 64 14.77 4.99 -32.47
N ARG A 65 15.07 3.72 -32.69
CA ARG A 65 14.18 2.63 -32.34
C ARG A 65 15.03 1.40 -32.06
N TYR A 66 16.33 1.61 -31.88
CA TYR A 66 17.27 0.54 -31.62
C TYR A 66 18.25 0.95 -30.51
N GLN A 67 18.34 2.26 -30.28
CA GLN A 67 19.26 2.76 -29.26
C GLN A 67 18.93 2.35 -27.84
N ASN A 68 19.88 1.72 -27.16
CA ASN A 68 19.68 1.33 -25.78
C ASN A 68 19.99 2.53 -24.90
N PHE A 69 19.31 2.66 -23.76
CA PHE A 69 19.55 3.77 -22.86
C PHE A 69 19.08 3.48 -21.44
N SER A 70 19.62 4.24 -20.49
CA SER A 70 19.27 4.06 -19.09
C SER A 70 19.29 5.41 -18.41
N ILE A 71 18.55 5.51 -17.30
CA ILE A 71 18.55 6.75 -16.52
C ILE A 71 18.62 6.36 -15.05
N SER A 72 19.20 7.24 -14.25
CA SER A 72 19.33 7.01 -12.81
C SER A 72 19.26 8.34 -12.10
N PHE A 73 18.80 8.29 -10.85
CA PHE A 73 18.66 9.49 -10.02
C PHE A 73 18.09 9.01 -8.71
N TRP A 74 18.11 9.87 -7.71
CA TRP A 74 17.52 9.55 -6.42
C TRP A 74 16.33 10.50 -6.30
N VAL A 75 15.27 10.05 -5.64
CA VAL A 75 14.11 10.91 -5.45
C VAL A 75 13.72 10.87 -3.98
N ARG A 76 13.19 11.97 -3.46
CA ARG A 76 12.79 12.04 -2.06
C ARG A 76 11.33 12.47 -2.04
N ILE A 77 10.48 11.56 -1.58
CA ILE A 77 9.04 11.78 -1.57
C ILE A 77 8.45 11.88 -0.16
N PRO A 78 7.97 13.07 0.21
CA PRO A 78 7.38 13.25 1.54
C PRO A 78 6.23 12.30 1.78
N LYS A 79 5.91 12.09 3.05
CA LYS A 79 4.81 11.21 3.45
C LYS A 79 3.53 11.85 2.92
N TYR A 80 2.64 11.04 2.38
CA TYR A 80 1.38 11.56 1.87
C TYR A 80 0.47 11.62 3.09
N PHE A 81 -0.32 12.68 3.19
CA PHE A 81 -1.20 12.78 4.35
C PHE A 81 -2.62 13.15 4.06
N ASN A 82 -2.94 13.42 2.80
CA ASN A 82 -4.31 13.81 2.43
C ASN A 82 -4.99 12.81 1.51
N LYS A 83 -6.33 12.80 1.59
CA LYS A 83 -7.12 11.90 0.76
C LYS A 83 -6.95 12.27 -0.72
N VAL A 84 -6.64 13.54 -1.00
CA VAL A 84 -6.47 13.95 -2.38
C VAL A 84 -5.22 13.32 -3.00
N ASN A 85 -4.35 12.77 -2.17
CA ASN A 85 -3.13 12.14 -2.68
C ASN A 85 -3.35 10.69 -3.14
N LEU A 86 -4.43 10.06 -2.67
CA LEU A 86 -4.71 8.64 -2.96
C LEU A 86 -4.73 8.13 -4.40
N ASN A 87 -5.43 8.82 -5.29
CA ASN A 87 -5.49 8.43 -6.69
C ASN A 87 -5.20 9.70 -7.49
N ASN A 88 -3.96 10.16 -7.42
CA ASN A 88 -3.56 11.37 -8.13
C ASN A 88 -2.17 11.16 -8.72
N GLU A 89 -2.10 10.56 -9.90
CA GLU A 89 -0.79 10.35 -10.51
C GLU A 89 -0.29 11.70 -11.05
N TYR A 90 0.99 12.00 -10.81
CA TYR A 90 1.56 13.23 -11.31
C TYR A 90 2.97 12.95 -11.83
N THR A 91 3.36 13.62 -12.91
CA THR A 91 4.69 13.40 -13.45
C THR A 91 5.66 14.33 -12.74
N ILE A 92 6.89 13.88 -12.53
CA ILE A 92 7.92 14.69 -11.88
C ILE A 92 9.10 14.94 -12.84
N ILE A 93 9.35 13.99 -13.75
CA ILE A 93 10.42 14.12 -14.75
C ILE A 93 9.80 13.79 -16.12
N ASP A 94 9.72 14.78 -16.99
CA ASP A 94 9.09 14.57 -18.29
C ASP A 94 9.99 14.70 -19.52
N CYS A 95 9.87 13.73 -20.41
CA CYS A 95 10.63 13.75 -21.66
C CYS A 95 9.70 13.18 -22.73
N ILE A 96 8.47 13.66 -22.73
CA ILE A 96 7.43 13.23 -23.67
C ILE A 96 7.26 14.31 -24.76
N ARG A 97 7.24 13.86 -26.01
CA ARG A 97 7.10 14.77 -27.14
C ARG A 97 5.66 14.95 -27.58
N ASN A 98 5.19 16.19 -27.55
CA ASN A 98 3.82 16.51 -27.95
C ASN A 98 2.80 15.48 -27.46
N ASN A 99 2.70 15.33 -26.14
CA ASN A 99 1.76 14.40 -25.50
C ASN A 99 1.73 13.02 -26.12
N ASN A 100 2.85 12.53 -26.63
CA ASN A 100 2.84 11.21 -27.23
C ASN A 100 4.06 10.34 -26.95
N SER A 101 5.01 10.35 -27.87
CA SER A 101 6.21 9.54 -27.75
C SER A 101 7.17 10.02 -26.67
N GLY A 102 7.94 9.09 -26.08
CA GLY A 102 8.90 9.48 -25.07
C GLY A 102 8.87 8.69 -23.77
N TRP A 103 9.47 9.25 -22.74
CA TRP A 103 9.49 8.59 -21.44
C TRP A 103 9.21 9.61 -20.35
N LYS A 104 8.76 9.12 -19.20
CA LYS A 104 8.49 10.01 -18.08
C LYS A 104 8.45 9.23 -16.79
N ILE A 105 8.77 9.93 -15.71
CA ILE A 105 8.73 9.37 -14.39
C ILE A 105 7.59 10.11 -13.72
N SER A 106 6.66 9.36 -13.15
CA SER A 106 5.55 9.97 -12.44
C SER A 106 5.42 9.29 -11.10
N LEU A 107 4.60 9.87 -10.24
CA LEU A 107 4.37 9.34 -8.91
C LEU A 107 2.89 9.33 -8.59
N ASN A 108 2.55 8.61 -7.54
CA ASN A 108 1.18 8.50 -7.06
C ASN A 108 1.33 7.95 -5.64
N TYR A 109 0.22 7.88 -4.92
CA TYR A 109 0.25 7.33 -3.57
C TYR A 109 0.85 5.91 -3.65
N ASN A 110 1.86 5.65 -2.83
CA ASN A 110 2.52 4.34 -2.79
C ASN A 110 3.16 3.86 -4.12
N LYS A 111 3.42 4.76 -5.06
CA LYS A 111 4.01 4.36 -6.34
C LYS A 111 5.06 5.29 -6.94
N ILE A 112 5.99 4.70 -7.68
CA ILE A 112 7.00 5.41 -8.47
C ILE A 112 6.77 4.72 -9.83
N ILE A 113 6.40 5.52 -10.82
CA ILE A 113 6.04 5.00 -12.14
C ILE A 113 6.91 5.45 -13.31
N TRP A 114 7.29 4.48 -14.15
CA TRP A 114 8.06 4.75 -15.35
C TRP A 114 7.21 4.39 -16.56
N THR A 115 7.17 5.27 -17.54
CA THR A 115 6.40 5.03 -18.75
C THR A 115 7.28 5.28 -19.97
N LEU A 116 7.20 4.37 -20.95
CA LEU A 116 7.97 4.48 -22.18
C LEU A 116 7.00 4.27 -23.35
N GLN A 117 6.82 5.28 -24.20
CA GLN A 117 5.87 5.16 -25.31
C GLN A 117 6.42 5.54 -26.67
N ASP A 118 5.97 4.84 -27.71
CA ASP A 118 6.43 5.14 -29.06
C ASP A 118 5.49 6.08 -29.79
N THR A 119 5.87 6.43 -31.01
CA THR A 119 5.13 7.35 -31.86
C THR A 119 3.74 6.82 -32.24
N ALA A 120 3.58 5.51 -32.25
CA ALA A 120 2.29 4.90 -32.59
C ALA A 120 1.31 5.01 -31.42
N GLY A 121 1.84 5.04 -30.21
CA GLY A 121 0.98 5.14 -29.04
C GLY A 121 1.20 3.95 -28.12
N ASN A 122 1.92 2.95 -28.61
CA ASN A 122 2.20 1.78 -27.79
C ASN A 122 3.10 2.25 -26.66
N ASN A 123 2.96 1.63 -25.50
CA ASN A 123 3.77 2.01 -24.37
C ASN A 123 3.94 0.83 -23.44
N GLN A 124 4.76 1.01 -22.41
CA GLN A 124 4.99 -0.02 -21.42
C GLN A 124 5.20 0.70 -20.10
N LYS A 125 4.63 0.17 -19.04
CA LYS A 125 4.78 0.79 -17.72
C LYS A 125 5.44 -0.13 -16.70
N LEU A 126 6.29 0.46 -15.88
CA LEU A 126 6.99 -0.26 -14.81
C LEU A 126 6.63 0.50 -13.55
N VAL A 127 6.32 -0.21 -12.47
CA VAL A 127 5.94 0.44 -11.22
C VAL A 127 6.58 -0.18 -9.99
N PHE A 128 7.04 0.68 -9.09
CA PHE A 128 7.60 0.23 -7.82
C PHE A 128 6.51 0.53 -6.79
N ASN A 129 6.09 -0.50 -6.06
CA ASN A 129 5.06 -0.33 -5.03
C ASN A 129 5.67 -0.31 -3.63
N TYR A 130 5.19 0.60 -2.80
CA TYR A 130 5.64 0.64 -1.42
C TYR A 130 4.40 0.96 -0.57
N THR A 131 4.58 1.29 0.71
CA THR A 131 3.41 1.50 1.57
C THR A 131 3.57 2.56 2.65
N GLN A 132 2.45 2.95 3.24
CA GLN A 132 2.47 3.91 4.32
C GLN A 132 1.92 3.23 5.58
N MET A 133 1.53 1.97 5.45
CA MET A 133 1.02 1.20 6.58
C MET A 133 2.17 0.33 7.06
N ILE A 134 3.14 0.93 7.73
CA ILE A 134 4.33 0.22 8.17
C ILE A 134 4.99 0.92 9.36
N SER A 135 5.57 0.13 10.27
CA SER A 135 6.23 0.68 11.45
C SER A 135 7.34 1.66 11.08
N ILE A 136 8.37 1.14 10.40
CA ILE A 136 9.51 1.92 9.94
C ILE A 136 9.70 1.71 8.43
N SER A 137 9.71 2.80 7.67
CA SER A 137 9.88 2.72 6.21
C SER A 137 11.26 3.12 5.65
N ASP A 138 11.72 2.36 4.67
CA ASP A 138 13.00 2.65 4.02
C ASP A 138 12.74 3.60 2.84
N TYR A 139 11.49 3.94 2.59
CA TYR A 139 11.14 4.77 1.45
C TYR A 139 10.51 6.15 1.68
N ILE A 140 9.59 6.24 2.63
CA ILE A 140 8.89 7.50 2.90
C ILE A 140 9.78 8.66 3.36
N ASN A 141 9.82 9.72 2.56
CA ASN A 141 10.61 10.92 2.85
C ASN A 141 12.11 10.65 2.92
N LYS A 142 12.56 9.59 2.24
CA LYS A 142 13.98 9.25 2.22
C LYS A 142 14.48 9.16 0.80
N TRP A 143 15.77 9.39 0.60
CA TRP A 143 16.31 9.31 -0.75
C TRP A 143 16.18 7.88 -1.24
N ILE A 144 15.62 7.73 -2.43
CA ILE A 144 15.43 6.42 -3.03
C ILE A 144 16.19 6.47 -4.35
N PHE A 145 17.12 5.53 -4.54
CA PHE A 145 17.87 5.51 -5.77
C PHE A 145 17.06 4.76 -6.81
N VAL A 146 16.80 5.41 -7.93
CA VAL A 146 16.04 4.80 -9.01
C VAL A 146 16.93 4.55 -10.22
N THR A 147 16.70 3.43 -10.91
CA THR A 147 17.49 3.13 -12.10
C THR A 147 16.62 2.42 -13.14
N ILE A 148 16.51 3.04 -14.31
CA ILE A 148 15.74 2.49 -15.40
C ILE A 148 16.70 2.10 -16.52
N THR A 149 16.66 0.84 -16.97
CA THR A 149 17.54 0.39 -18.05
C THR A 149 16.65 -0.09 -19.19
N ASN A 150 17.01 0.24 -20.42
CA ASN A 150 16.19 -0.18 -21.54
C ASN A 150 16.98 -0.81 -22.69
N ASN A 151 16.61 -2.04 -23.03
CA ASN A 151 17.24 -2.73 -24.15
C ASN A 151 16.13 -2.81 -25.19
N ARG A 152 16.28 -2.09 -26.30
CA ARG A 152 15.26 -2.06 -27.34
C ARG A 152 14.92 -3.44 -27.91
N LEU A 153 15.92 -4.33 -27.96
CA LEU A 153 15.70 -5.67 -28.46
C LEU A 153 15.57 -6.61 -27.26
N GLY A 154 15.13 -6.04 -26.14
CA GLY A 154 14.97 -6.82 -24.92
C GLY A 154 13.90 -6.29 -23.98
N ASN A 155 14.29 -6.06 -22.73
CA ASN A 155 13.36 -5.58 -21.72
C ASN A 155 13.69 -4.22 -21.13
N SER A 156 12.71 -3.65 -20.46
CA SER A 156 12.87 -2.38 -19.76
C SER A 156 12.86 -2.82 -18.31
N ARG A 157 13.79 -2.29 -17.53
CA ARG A 157 13.87 -2.68 -16.13
C ARG A 157 13.97 -1.50 -15.18
N ILE A 158 13.31 -1.61 -14.04
CA ILE A 158 13.37 -0.58 -13.01
C ILE A 158 14.02 -1.17 -11.78
N TYR A 159 15.02 -0.47 -11.25
CA TYR A 159 15.72 -0.92 -10.05
C TYR A 159 15.45 0.10 -8.94
N ILE A 160 15.43 -0.38 -7.71
CA ILE A 160 15.22 0.49 -6.56
C ILE A 160 16.32 0.15 -5.56
N ASN A 161 17.13 1.15 -5.24
CA ASN A 161 18.25 0.98 -4.32
C ASN A 161 19.14 -0.18 -4.75
N GLY A 162 19.36 -0.26 -6.06
CA GLY A 162 20.23 -1.29 -6.62
C GLY A 162 19.60 -2.63 -6.98
N ASN A 163 18.39 -2.90 -6.49
CA ASN A 163 17.73 -4.17 -6.76
C ASN A 163 16.69 -4.13 -7.87
N LEU A 164 16.58 -5.24 -8.60
CA LEU A 164 15.62 -5.34 -9.69
C LEU A 164 14.22 -5.45 -9.09
N ILE A 165 13.32 -4.59 -9.53
CA ILE A 165 11.94 -4.57 -9.00
C ILE A 165 10.88 -5.05 -9.99
N ASP A 166 10.91 -4.52 -11.21
CA ASP A 166 9.94 -4.91 -12.22
C ASP A 166 10.66 -4.97 -13.57
N GLU A 167 10.13 -5.77 -14.49
CA GLU A 167 10.74 -5.94 -15.80
C GLU A 167 9.69 -6.34 -16.84
N LYS A 168 9.71 -5.66 -17.98
CA LYS A 168 8.77 -5.96 -19.04
C LYS A 168 9.40 -5.78 -20.41
N SER A 169 8.96 -6.57 -21.37
CA SER A 169 9.49 -6.48 -22.72
C SER A 169 8.93 -5.27 -23.45
N ILE A 170 9.80 -4.56 -24.14
CA ILE A 170 9.40 -3.39 -24.91
C ILE A 170 9.52 -3.75 -26.39
N SER A 171 9.17 -4.99 -26.72
CA SER A 171 9.23 -5.47 -28.10
C SER A 171 8.08 -4.87 -28.92
N ASN A 172 6.98 -4.58 -28.26
CA ASN A 172 5.83 -3.99 -28.92
C ASN A 172 6.09 -2.53 -29.27
N LEU A 173 7.29 -2.05 -28.93
CA LEU A 173 7.66 -0.67 -29.18
C LEU A 173 8.41 -0.43 -30.49
N GLY A 174 7.97 0.59 -31.22
CA GLY A 174 8.60 0.93 -32.48
C GLY A 174 9.47 2.17 -32.39
N ASP A 175 9.08 3.22 -33.11
CA ASP A 175 9.84 4.46 -33.09
C ASP A 175 9.56 5.27 -31.84
N ILE A 176 10.62 5.61 -31.11
CA ILE A 176 10.50 6.39 -29.90
C ILE A 176 11.25 7.71 -30.07
N HIS A 177 10.52 8.81 -30.15
CA HIS A 177 11.13 10.12 -30.32
C HIS A 177 10.87 10.90 -29.04
N VAL A 178 11.92 11.07 -28.22
CA VAL A 178 11.80 11.78 -26.97
C VAL A 178 11.72 13.27 -27.18
N SER A 179 11.38 13.99 -26.12
CA SER A 179 11.27 15.44 -26.18
C SER A 179 12.66 16.07 -26.24
N ASP A 180 12.75 17.28 -26.78
CA ASP A 180 14.04 17.96 -26.85
C ASP A 180 14.48 18.29 -25.43
N ASN A 181 13.51 18.45 -24.53
CA ASN A 181 13.82 18.78 -23.15
C ASN A 181 13.46 17.68 -22.16
N ILE A 182 14.17 17.69 -21.04
CA ILE A 182 13.90 16.77 -19.95
C ILE A 182 13.46 17.76 -18.87
N LEU A 183 12.17 17.81 -18.61
CA LEU A 183 11.64 18.75 -17.62
C LEU A 183 11.35 18.17 -16.23
N PHE A 184 11.97 18.78 -15.23
CA PHE A 184 11.81 18.41 -13.82
C PHE A 184 10.78 19.39 -13.31
N LYS A 185 9.54 18.94 -13.21
CA LYS A 185 8.46 19.80 -12.76
C LYS A 185 7.30 18.93 -12.32
N ILE A 186 6.69 19.27 -11.19
CA ILE A 186 5.55 18.51 -10.71
C ILE A 186 4.33 18.95 -11.50
N VAL A 187 3.81 18.06 -12.33
CA VAL A 187 2.66 18.37 -13.17
C VAL A 187 1.50 17.43 -12.96
N GLY A 188 0.33 18.00 -12.66
CA GLY A 188 -0.87 17.22 -12.45
C GLY A 188 -1.14 16.83 -11.02
N CYS A 189 -0.41 17.39 -10.06
CA CYS A 189 -0.61 17.07 -8.65
C CYS A 189 -1.68 17.99 -8.07
N ASN A 190 -2.76 17.41 -7.58
CA ASN A 190 -3.88 18.18 -7.03
C ASN A 190 -3.66 18.70 -5.60
N ASP A 191 -2.45 18.55 -5.07
CA ASP A 191 -2.19 18.97 -3.70
C ASP A 191 -0.98 19.88 -3.67
N THR A 192 -0.70 20.46 -2.51
CA THR A 192 0.47 21.32 -2.33
C THR A 192 1.58 20.38 -1.86
N ARG A 193 2.50 20.06 -2.77
CA ARG A 193 3.57 19.12 -2.49
C ARG A 193 4.90 19.49 -3.14
N TYR A 194 5.92 18.71 -2.83
CA TYR A 194 7.23 18.91 -3.42
C TYR A 194 7.93 17.57 -3.43
N VAL A 195 9.00 17.46 -4.21
CA VAL A 195 9.76 16.22 -4.26
C VAL A 195 11.21 16.64 -4.35
N GLY A 196 12.09 15.82 -3.79
CA GLY A 196 13.50 16.11 -3.85
C GLY A 196 14.07 15.24 -4.93
N ILE A 197 15.11 15.73 -5.59
CA ILE A 197 15.77 14.97 -6.66
C ILE A 197 17.26 15.25 -6.63
N ARG A 198 18.06 14.22 -6.95
CA ARG A 198 19.51 14.39 -6.97
C ARG A 198 20.23 13.40 -7.91
N TYR A 199 21.38 13.85 -8.41
CA TYR A 199 22.25 13.08 -9.27
C TYR A 199 21.61 12.42 -10.49
N PHE A 200 20.82 13.17 -11.24
CA PHE A 200 20.17 12.63 -12.42
C PHE A 200 21.17 12.41 -13.56
N LYS A 201 21.10 11.25 -14.20
CA LYS A 201 22.01 10.90 -15.29
C LYS A 201 21.35 10.08 -16.38
N VAL A 202 21.86 10.17 -17.61
CA VAL A 202 21.34 9.37 -18.71
C VAL A 202 22.54 8.68 -19.37
N PHE A 203 22.34 7.42 -19.75
CA PHE A 203 23.39 6.62 -20.38
C PHE A 203 22.87 6.04 -21.69
N ASP A 204 23.74 5.92 -22.69
CA ASP A 204 23.34 5.38 -23.99
C ASP A 204 23.57 3.88 -24.11
N THR A 205 23.47 3.17 -22.99
CA THR A 205 23.64 1.72 -22.97
C THR A 205 22.69 1.19 -21.91
N GLU A 206 22.55 -0.14 -21.85
CA GLU A 206 21.70 -0.77 -20.86
C GLU A 206 22.58 -1.13 -19.68
N LEU A 207 22.56 -0.28 -18.64
CA LEU A 207 23.38 -0.53 -17.46
C LEU A 207 23.26 -1.93 -16.90
N GLY A 208 24.40 -2.49 -16.52
CA GLY A 208 24.41 -3.82 -15.95
C GLY A 208 24.24 -3.75 -14.45
N LYS A 209 23.95 -4.91 -13.85
CA LYS A 209 23.75 -5.03 -12.41
C LYS A 209 24.88 -4.39 -11.61
N THR A 210 26.11 -4.74 -11.97
CA THR A 210 27.30 -4.24 -11.28
C THR A 210 27.57 -2.74 -11.45
N GLU A 211 27.12 -2.17 -12.56
CA GLU A 211 27.33 -0.74 -12.76
C GLU A 211 26.27 0.02 -11.96
N ILE A 212 25.14 -0.63 -11.74
CA ILE A 212 24.06 -0.01 -10.98
C ILE A 212 24.43 0.02 -9.51
N GLU A 213 24.96 -1.10 -9.01
CA GLU A 213 25.37 -1.15 -7.61
C GLU A 213 26.47 -0.13 -7.33
N THR A 214 27.32 0.13 -8.31
CA THR A 214 28.40 1.10 -8.16
C THR A 214 27.83 2.52 -8.05
N LEU A 215 26.87 2.85 -8.89
CA LEU A 215 26.23 4.16 -8.87
C LEU A 215 25.54 4.38 -7.54
N TYR A 216 24.97 3.30 -7.02
CA TYR A 216 24.25 3.33 -5.76
C TYR A 216 25.20 3.63 -4.60
N SER A 217 26.33 2.94 -4.57
CA SER A 217 27.29 3.11 -3.48
C SER A 217 28.24 4.30 -3.56
N ASP A 218 28.39 4.91 -4.73
CA ASP A 218 29.33 6.02 -4.85
C ASP A 218 28.81 7.45 -4.95
N GLU A 219 27.78 7.68 -5.78
CA GLU A 219 27.24 9.03 -5.98
C GLU A 219 27.33 9.92 -4.74
N PRO A 220 26.66 9.52 -3.64
CA PRO A 220 26.75 10.37 -2.44
C PRO A 220 28.01 9.98 -1.66
N ASP A 221 28.79 10.98 -1.26
CA ASP A 221 30.05 10.72 -0.54
C ASP A 221 29.95 9.60 0.49
N PRO A 222 30.56 8.45 0.20
CA PRO A 222 30.56 7.26 1.05
C PRO A 222 31.31 7.38 2.37
N SER A 223 32.19 8.37 2.50
CA SER A 223 32.92 8.55 3.74
C SER A 223 32.11 9.30 4.81
N ILE A 224 31.07 10.01 4.39
CA ILE A 224 30.23 10.76 5.31
C ILE A 224 29.03 9.91 5.75
N LEU A 225 28.82 9.80 7.05
CA LEU A 225 27.70 8.99 7.54
C LEU A 225 26.39 9.68 7.18
N LYS A 226 25.29 8.93 7.23
CA LYS A 226 24.01 9.49 6.87
C LYS A 226 23.00 9.43 8.00
N ASP A 227 22.08 10.39 7.99
CA ASP A 227 21.05 10.40 9.01
C ASP A 227 19.93 9.50 8.49
N PHE A 228 18.82 9.44 9.22
CA PHE A 228 17.68 8.59 8.87
C PHE A 228 17.14 8.81 7.45
N TRP A 229 17.07 10.07 7.03
CA TRP A 229 16.54 10.42 5.73
C TRP A 229 17.49 10.19 4.56
N GLY A 230 18.75 9.89 4.87
CA GLY A 230 19.70 9.66 3.80
C GLY A 230 20.55 10.90 3.49
N ASN A 231 20.43 11.92 4.32
CA ASN A 231 21.21 13.14 4.15
C ASN A 231 22.52 12.99 4.94
N TYR A 232 23.43 13.95 4.82
CA TYR A 232 24.69 13.86 5.56
C TYR A 232 24.46 14.09 7.07
N LEU A 233 25.12 13.27 7.89
CA LEU A 233 25.02 13.41 9.34
C LEU A 233 25.91 14.59 9.72
N LEU A 234 25.44 15.45 10.62
CA LEU A 234 26.22 16.61 11.00
C LEU A 234 26.50 16.72 12.49
N TYR A 235 27.55 17.46 12.81
CA TYR A 235 27.94 17.76 14.18
C TYR A 235 27.09 18.96 14.54
N ASN A 236 26.87 19.18 15.82
CA ASN A 236 26.12 20.35 16.28
C ASN A 236 24.70 20.42 15.73
N LYS A 237 24.04 19.27 15.64
CA LYS A 237 22.67 19.22 15.12
C LYS A 237 21.86 18.26 15.97
N ARG A 238 20.67 18.69 16.40
CA ARG A 238 19.82 17.84 17.23
C ARG A 238 19.18 16.71 16.42
N TYR A 239 19.11 15.53 17.03
CA TYR A 239 18.53 14.34 16.41
C TYR A 239 17.84 13.52 17.47
N TYR A 240 16.87 12.73 17.05
CA TYR A 240 16.21 11.80 17.96
C TYR A 240 16.92 10.50 17.65
N LEU A 241 16.92 9.57 18.59
CA LEU A 241 17.59 8.31 18.42
C LEU A 241 16.60 7.18 18.11
N LEU A 242 17.00 6.28 17.22
CA LEU A 242 16.19 5.13 16.86
C LEU A 242 17.13 3.92 16.90
N ASN A 243 16.79 2.90 17.68
CA ASN A 243 17.61 1.70 17.73
C ASN A 243 17.07 0.76 16.64
N LEU A 244 17.95 0.26 15.77
CA LEU A 244 17.50 -0.59 14.68
C LEU A 244 17.04 -2.00 15.06
N LEU A 245 17.32 -2.44 16.30
CA LEU A 245 16.85 -3.75 16.71
C LEU A 245 15.46 -3.54 17.34
N ARG A 246 15.39 -2.69 18.36
CA ARG A 246 14.13 -2.39 19.02
C ARG A 246 13.55 -1.07 18.49
N THR A 247 13.11 -1.08 17.24
CA THR A 247 12.57 0.10 16.57
C THR A 247 11.24 0.59 17.17
N ASP A 248 10.65 -0.23 18.03
CA ASP A 248 9.38 0.14 18.66
C ASP A 248 9.59 0.88 19.97
N LYS A 249 10.82 0.93 20.43
CA LYS A 249 11.12 1.58 21.71
C LYS A 249 11.70 2.98 21.65
N SER A 250 11.37 3.78 22.65
CA SER A 250 11.86 5.15 22.75
C SER A 250 13.02 5.18 23.73
N ILE A 251 14.01 6.02 23.46
CA ILE A 251 15.17 6.15 24.35
C ILE A 251 14.84 7.31 25.27
N THR A 252 14.60 6.99 26.55
CA THR A 252 14.22 8.00 27.54
C THR A 252 15.19 8.22 28.69
N GLN A 253 15.16 9.43 29.22
CA GLN A 253 16.00 9.79 30.35
C GLN A 253 15.27 9.39 31.62
N ASN A 254 15.87 8.51 32.41
CA ASN A 254 15.26 8.05 33.66
C ASN A 254 15.73 8.93 34.81
N SER A 255 16.94 8.66 35.28
CA SER A 255 17.52 9.48 36.35
C SER A 255 18.79 9.99 35.66
N ASN A 256 19.89 9.28 35.82
CA ASN A 256 21.11 9.66 35.14
C ASN A 256 21.39 8.50 34.17
N PHE A 257 20.33 7.75 33.86
CA PHE A 257 20.37 6.59 32.96
C PHE A 257 19.54 6.82 31.69
N LEU A 258 19.66 5.89 30.75
CA LEU A 258 18.91 5.92 29.51
C LEU A 258 18.17 4.61 29.30
N ASN A 259 16.84 4.68 29.34
CA ASN A 259 15.98 3.52 29.16
C ASN A 259 15.62 3.34 27.69
N ILE A 260 15.23 2.12 27.33
CA ILE A 260 14.80 1.79 25.96
C ILE A 260 13.71 0.74 26.09
N ASN A 261 12.82 0.96 27.06
CA ASN A 261 11.72 0.06 27.35
C ASN A 261 10.35 0.69 27.07
N GLN A 262 10.34 2.00 26.93
CA GLN A 262 9.08 2.69 26.67
C GLN A 262 8.72 2.61 25.18
N GLN A 263 7.43 2.54 24.89
CA GLN A 263 6.96 2.46 23.51
C GLN A 263 7.03 3.83 22.82
N ARG A 264 7.50 3.86 21.57
CA ARG A 264 7.56 5.11 20.81
C ARG A 264 6.12 5.53 20.50
N GLY A 265 5.27 4.55 20.26
CA GLY A 265 3.88 4.85 19.95
C GLY A 265 3.63 4.80 18.46
N VAL A 266 2.37 4.98 18.09
CA VAL A 266 1.95 4.93 16.71
C VAL A 266 1.19 6.20 16.31
N TYR A 267 1.54 6.75 15.16
CA TYR A 267 0.87 7.93 14.63
C TYR A 267 0.15 7.45 13.37
N GLN A 268 -1.15 7.70 13.29
CA GLN A 268 -1.91 7.23 12.14
C GLN A 268 -3.09 8.08 11.72
N LYS A 269 -3.48 7.91 10.46
CA LYS A 269 -4.61 8.59 9.86
C LYS A 269 -5.31 7.51 9.01
N PRO A 270 -6.53 7.13 9.40
CA PRO A 270 -7.30 6.11 8.70
C PRO A 270 -7.19 6.04 7.17
N ASN A 271 -6.69 4.90 6.71
CA ASN A 271 -6.52 4.60 5.30
C ASN A 271 -5.54 5.48 4.52
N ILE A 272 -4.61 6.11 5.23
CA ILE A 272 -3.61 6.93 4.59
C ILE A 272 -2.21 6.54 5.06
N PHE A 273 -2.01 6.45 6.38
CA PHE A 273 -0.73 6.04 6.94
C PHE A 273 -0.89 5.54 8.37
N SER A 274 0.07 4.72 8.80
CA SER A 274 0.10 4.22 10.17
C SER A 274 1.55 3.82 10.39
N ASN A 275 2.26 4.62 11.21
CA ASN A 275 3.68 4.38 11.46
C ASN A 275 4.06 4.61 12.92
N THR A 276 5.14 3.99 13.37
CA THR A 276 5.55 4.22 14.74
C THR A 276 6.10 5.65 14.80
N ARG A 277 5.85 6.34 15.91
CA ARG A 277 6.31 7.71 16.08
C ARG A 277 7.83 7.78 16.07
N LEU A 278 8.37 8.75 15.31
CA LEU A 278 9.81 8.92 15.22
C LEU A 278 10.34 10.02 16.16
N TYR A 279 9.59 11.11 16.29
CA TYR A 279 10.02 12.22 17.14
C TYR A 279 9.58 11.99 18.58
N THR A 280 10.31 11.17 19.32
CA THR A 280 9.99 10.87 20.71
C THR A 280 11.29 10.49 21.41
N GLY A 281 11.32 10.62 22.73
CA GLY A 281 12.52 10.28 23.46
C GLY A 281 13.49 11.46 23.52
N VAL A 282 14.70 11.22 24.02
CA VAL A 282 15.68 12.29 24.15
C VAL A 282 16.24 12.79 22.83
N GLU A 283 16.65 14.05 22.83
CA GLU A 283 17.29 14.64 21.67
C GLU A 283 18.77 14.64 22.01
N VAL A 284 19.60 14.17 21.08
CA VAL A 284 21.03 14.16 21.31
C VAL A 284 21.72 15.04 20.30
N ILE A 285 22.99 15.32 20.55
CA ILE A 285 23.78 16.13 19.64
C ILE A 285 25.19 15.56 19.57
N ILE A 286 25.77 15.58 18.38
CA ILE A 286 27.12 15.07 18.18
C ILE A 286 28.08 16.24 18.19
N ARG A 287 29.10 16.18 19.04
CA ARG A 287 30.11 17.23 19.16
C ARG A 287 31.52 16.74 18.77
N LYS A 288 32.29 17.61 18.13
CA LYS A 288 33.64 17.28 17.72
C LYS A 288 34.52 17.31 18.97
N ASN A 289 35.68 16.68 18.90
CA ASN A 289 36.60 16.69 20.04
C ASN A 289 37.70 17.74 19.79
N GLY A 290 38.80 17.61 20.51
CA GLY A 290 39.91 18.54 20.36
C GLY A 290 40.85 18.13 19.23
N ASN A 296 36.65 20.27 10.94
CA ASN A 296 37.49 21.29 10.28
C ASN A 296 36.63 22.26 9.45
N THR A 297 36.88 22.30 8.15
CA THR A 297 36.16 23.18 7.25
C THR A 297 34.67 22.85 7.13
N ASP A 298 34.20 21.84 7.86
CA ASP A 298 32.79 21.46 7.79
C ASP A 298 32.27 20.71 9.01
N ASN A 299 30.96 20.49 9.06
CA ASN A 299 30.31 19.80 10.18
C ASN A 299 29.90 18.37 9.84
N PHE A 300 30.44 17.84 8.74
CA PHE A 300 30.12 16.48 8.30
C PHE A 300 30.74 15.44 9.23
N VAL A 301 29.93 14.47 9.65
CA VAL A 301 30.44 13.40 10.51
C VAL A 301 30.88 12.29 9.58
N ARG A 302 32.19 12.02 9.55
CA ARG A 302 32.74 10.97 8.69
C ARG A 302 33.07 9.69 9.44
N LYS A 303 33.25 8.61 8.70
CA LYS A 303 33.59 7.32 9.29
C LYS A 303 34.94 7.42 9.98
N ASN A 304 35.00 6.84 11.18
CA ASN A 304 36.19 6.81 12.03
C ASN A 304 36.41 8.09 12.84
N ASP A 305 35.55 9.09 12.64
CA ASP A 305 35.68 10.33 13.40
C ASP A 305 35.56 10.06 14.89
N LEU A 306 36.26 10.87 15.68
CA LEU A 306 36.21 10.78 17.14
C LEU A 306 35.26 11.89 17.58
N ALA A 307 34.31 11.60 18.45
CA ALA A 307 33.36 12.62 18.90
C ALA A 307 32.73 12.32 20.24
N TYR A 308 31.93 13.26 20.72
CA TYR A 308 31.22 13.10 21.99
C TYR A 308 29.73 13.15 21.67
N ILE A 309 28.93 12.37 22.39
CA ILE A 309 27.49 12.37 22.20
C ILE A 309 26.85 12.86 23.49
N ASN A 310 26.04 13.90 23.40
CA ASN A 310 25.37 14.44 24.58
C ASN A 310 23.87 14.47 24.38
N VAL A 311 23.15 14.41 25.50
CA VAL A 311 21.71 14.51 25.47
C VAL A 311 21.48 16.00 25.67
N VAL A 312 20.61 16.60 24.86
CA VAL A 312 20.32 18.01 24.99
C VAL A 312 18.99 18.18 25.74
N ASP A 313 19.07 18.62 26.99
CA ASP A 313 17.88 18.81 27.83
C ASP A 313 17.69 20.29 28.16
N ARG A 314 16.77 20.94 27.44
CA ARG A 314 16.48 22.36 27.67
C ARG A 314 17.71 23.21 27.97
N ASP A 315 18.61 23.29 27.00
CA ASP A 315 19.84 24.09 27.16
C ASP A 315 20.94 23.50 28.05
N VAL A 316 20.75 22.27 28.50
CA VAL A 316 21.75 21.60 29.32
C VAL A 316 22.17 20.34 28.58
N GLU A 317 23.47 20.14 28.42
CA GLU A 317 23.97 18.97 27.73
C GLU A 317 24.64 17.96 28.65
N TYR A 318 24.26 16.69 28.48
CA TYR A 318 24.82 15.63 29.28
C TYR A 318 25.62 14.67 28.40
N ARG A 319 26.90 14.53 28.69
CA ARG A 319 27.76 13.64 27.93
C ARG A 319 27.37 12.20 28.25
N LEU A 320 27.26 11.38 27.21
CA LEU A 320 26.94 9.97 27.41
C LEU A 320 28.24 9.33 27.88
N TYR A 321 28.20 8.76 29.08
CA TYR A 321 29.38 8.15 29.68
C TYR A 321 29.20 6.67 30.03
N ALA A 322 30.09 5.84 29.50
CA ALA A 322 30.04 4.40 29.78
C ALA A 322 30.58 4.21 31.19
N ASP A 323 29.78 3.65 32.08
CA ASP A 323 30.24 3.45 33.44
C ASP A 323 31.25 2.31 33.49
N ILE A 324 32.53 2.64 33.38
CA ILE A 324 33.56 1.63 33.39
C ILE A 324 33.90 1.09 34.78
N SER A 325 33.10 1.46 35.78
CA SER A 325 33.32 0.98 37.13
C SER A 325 32.60 -0.35 37.29
N ILE A 326 31.94 -0.78 36.21
CA ILE A 326 31.22 -2.04 36.19
C ILE A 326 32.11 -3.07 35.50
N ALA A 327 32.41 -4.17 36.19
CA ALA A 327 33.27 -5.20 35.63
C ALA A 327 32.62 -5.99 34.49
N LYS A 328 31.30 -6.04 34.49
CA LYS A 328 30.56 -6.76 33.45
C LYS A 328 30.81 -6.15 32.08
N PRO A 329 30.68 -6.94 31.01
CA PRO A 329 30.89 -6.43 29.65
C PRO A 329 29.89 -5.34 29.26
N GLU A 330 28.76 -5.29 29.95
CA GLU A 330 27.76 -4.27 29.68
C GLU A 330 27.92 -3.15 30.68
N LYS A 331 28.50 -2.04 30.23
CA LYS A 331 28.71 -0.89 31.09
C LYS A 331 27.62 0.15 30.80
N ILE A 332 26.64 0.19 31.68
CA ILE A 332 25.50 1.09 31.56
C ILE A 332 25.95 2.51 31.20
N ILE A 333 25.16 3.18 30.37
CA ILE A 333 25.48 4.54 29.96
C ILE A 333 24.96 5.50 31.00
N LYS A 334 25.82 6.39 31.47
CA LYS A 334 25.43 7.38 32.46
C LYS A 334 25.49 8.77 31.84
N LEU A 335 24.69 9.70 32.36
CA LEU A 335 24.66 11.06 31.85
C LEU A 335 25.37 11.99 32.81
N ILE A 336 26.39 12.69 32.31
CA ILE A 336 27.16 13.62 33.13
C ILE A 336 27.14 15.00 32.51
N ARG A 337 26.65 15.98 33.26
CA ARG A 337 26.59 17.35 32.74
C ARG A 337 27.96 17.80 32.24
N THR A 338 27.97 18.37 31.04
CA THR A 338 29.21 18.85 30.43
C THR A 338 29.62 20.22 30.98
N SER A 341 33.56 20.74 29.30
CA SER A 341 33.22 21.12 27.90
C SER A 341 34.25 20.54 26.94
N ASN A 342 35.44 20.29 27.47
CA ASN A 342 36.54 19.74 26.69
C ASN A 342 37.02 18.46 27.38
N ASN A 343 36.50 18.24 28.58
CA ASN A 343 36.86 17.07 29.38
C ASN A 343 36.36 15.83 28.66
N SER A 344 37.30 15.01 28.19
CA SER A 344 36.94 13.79 27.49
C SER A 344 36.45 12.75 28.49
N LEU A 345 36.65 13.04 29.77
CA LEU A 345 36.25 12.14 30.84
C LEU A 345 36.97 10.79 30.74
N GLY A 346 38.04 10.74 29.98
CA GLY A 346 38.79 9.50 29.85
C GLY A 346 38.29 8.61 28.73
N GLN A 347 37.36 9.12 27.92
CA GLN A 347 36.84 8.35 26.81
C GLN A 347 36.37 9.21 25.65
N ILE A 348 36.22 8.57 24.50
CA ILE A 348 35.76 9.24 23.28
C ILE A 348 34.90 8.22 22.56
N ILE A 349 34.23 8.63 21.48
CA ILE A 349 33.39 7.72 20.71
C ILE A 349 33.86 7.65 19.27
N VAL A 350 33.97 6.44 18.72
CA VAL A 350 34.37 6.30 17.34
C VAL A 350 33.10 6.18 16.49
N MET A 351 32.86 7.14 15.62
CA MET A 351 31.67 7.10 14.76
C MET A 351 32.00 6.26 13.53
N ASP A 352 31.05 5.42 13.10
CA ASP A 352 31.26 4.58 11.93
C ASP A 352 29.92 4.00 11.48
N SER A 353 29.97 3.08 10.53
CA SER A 353 28.75 2.48 10.04
C SER A 353 28.97 1.22 9.22
N ILE A 354 27.99 0.33 9.28
CA ILE A 354 27.99 -0.91 8.51
C ILE A 354 26.79 -0.63 7.60
N GLY A 355 27.05 -0.29 6.34
CA GLY A 355 25.95 0.05 5.45
C GLY A 355 25.53 1.46 5.83
N ASN A 356 24.22 1.69 5.98
CA ASN A 356 23.73 3.00 6.37
C ASN A 356 23.45 2.95 7.88
N ASN A 357 23.86 1.86 8.51
CA ASN A 357 23.66 1.64 9.95
C ASN A 357 24.80 2.25 10.77
N CYS A 358 24.48 3.29 11.54
CA CYS A 358 25.48 3.95 12.38
C CYS A 358 25.87 3.15 13.62
N THR A 359 27.16 3.18 13.96
CA THR A 359 27.65 2.49 15.15
C THR A 359 28.45 3.49 15.94
N MET A 360 28.52 3.29 17.25
CA MET A 360 29.27 4.19 18.10
C MET A 360 30.10 3.37 19.06
N ASN A 361 31.42 3.44 18.90
CA ASN A 361 32.30 2.67 19.75
C ASN A 361 33.03 3.50 20.79
N PHE A 362 32.67 3.26 22.05
CA PHE A 362 33.28 3.93 23.18
C PHE A 362 34.67 3.31 23.40
N GLN A 363 35.67 4.18 23.51
CA GLN A 363 37.03 3.75 23.76
C GLN A 363 37.62 4.69 24.79
N ASN A 364 38.72 4.25 25.42
CA ASN A 364 39.39 5.08 26.39
C ASN A 364 40.35 5.98 25.61
N ASN A 365 41.19 6.71 26.30
CA ASN A 365 42.14 7.61 25.64
C ASN A 365 43.25 6.89 24.86
N ASN A 366 43.70 5.74 25.35
CA ASN A 366 44.76 4.99 24.67
C ASN A 366 44.28 4.20 23.47
N GLY A 367 43.04 4.44 23.04
CA GLY A 367 42.52 3.73 21.88
C GLY A 367 42.04 2.33 22.20
N GLY A 368 41.92 2.04 23.50
CA GLY A 368 41.45 0.73 23.91
C GLY A 368 39.93 0.71 23.89
N ASN A 369 39.36 -0.36 23.32
CA ASN A 369 37.91 -0.50 23.24
C ASN A 369 37.22 -0.70 24.57
N ILE A 370 36.08 -0.04 24.74
CA ILE A 370 35.29 -0.19 25.95
C ILE A 370 34.04 -0.97 25.56
N GLY A 371 33.45 -0.61 24.42
CA GLY A 371 32.26 -1.28 23.94
C GLY A 371 31.40 -0.46 23.01
N LEU A 372 30.63 -1.16 22.18
CA LEU A 372 29.72 -0.52 21.24
C LEU A 372 28.43 -0.11 21.95
N LEU A 373 27.94 1.08 21.62
CA LEU A 373 26.69 1.55 22.21
C LEU A 373 25.58 0.60 21.79
N GLY A 374 24.80 0.15 22.76
CA GLY A 374 23.70 -0.77 22.50
C GLY A 374 22.80 -0.73 23.73
N PHE A 375 22.26 -1.87 24.12
CA PHE A 375 21.41 -1.96 25.29
C PHE A 375 21.50 -3.39 25.82
N HIS A 376 21.13 -3.59 27.07
CA HIS A 376 21.20 -4.93 27.64
C HIS A 376 19.88 -5.35 28.23
N SER A 377 19.53 -4.79 29.39
CA SER A 377 18.25 -5.13 29.99
C SER A 377 17.30 -4.13 29.36
N ASN A 378 16.99 -3.08 30.11
CA ASN A 378 16.13 -2.03 29.59
C ASN A 378 16.92 -0.72 29.52
N ASN A 379 18.25 -0.82 29.54
CA ASN A 379 19.07 0.39 29.47
C ASN A 379 20.13 0.35 28.38
N LEU A 380 20.55 1.53 27.96
CA LEU A 380 21.60 1.66 26.97
C LEU A 380 22.91 1.30 27.67
N VAL A 381 23.79 0.62 26.95
CA VAL A 381 25.08 0.21 27.51
C VAL A 381 26.13 0.22 26.41
N ALA A 382 27.39 0.19 26.83
CA ALA A 382 28.49 0.12 25.88
C ALA A 382 28.95 -1.30 26.15
N SER A 383 28.85 -2.19 25.16
CA SER A 383 29.26 -3.56 25.39
C SER A 383 30.23 -4.11 24.36
N SER A 384 31.24 -4.83 24.85
CA SER A 384 32.23 -5.42 23.99
C SER A 384 31.66 -6.70 23.40
N TRP A 385 30.47 -7.09 23.85
CA TRP A 385 29.83 -8.30 23.35
C TRP A 385 29.54 -8.20 21.86
N TYR A 386 29.23 -6.99 21.40
CA TYR A 386 28.89 -6.78 19.99
C TYR A 386 30.00 -7.06 18.99
N TYR A 387 31.24 -6.86 19.40
CA TYR A 387 32.36 -7.09 18.50
C TYR A 387 32.29 -8.46 17.86
N ASN A 388 31.98 -9.49 18.65
CA ASN A 388 31.91 -10.85 18.13
C ASN A 388 30.49 -11.39 18.05
N ASN A 389 29.52 -10.50 17.87
CA ASN A 389 28.12 -10.93 17.81
C ASN A 389 27.22 -10.03 16.97
N ILE A 390 27.70 -9.65 15.79
CA ILE A 390 26.90 -8.82 14.91
C ILE A 390 26.38 -9.70 13.78
N ARG A 391 25.07 -9.66 13.54
CA ARG A 391 24.47 -10.46 12.46
C ARG A 391 24.95 -9.86 11.15
N LYS A 392 25.39 -10.73 10.24
CA LYS A 392 25.95 -10.31 8.96
C LYS A 392 25.20 -9.29 8.11
N ASN A 393 24.22 -9.75 7.33
CA ASN A 393 23.47 -8.85 6.45
C ASN A 393 22.06 -8.51 6.91
N THR A 394 21.98 -7.70 7.96
CA THR A 394 20.71 -7.27 8.52
C THR A 394 20.93 -6.10 9.44
N SER A 395 20.01 -5.13 9.42
CA SER A 395 20.13 -3.95 10.26
C SER A 395 19.67 -4.26 11.68
N SER A 396 19.13 -5.46 11.86
CA SER A 396 18.64 -5.88 13.17
C SER A 396 19.74 -6.29 14.14
N ASN A 397 20.45 -5.28 14.63
CA ASN A 397 21.53 -5.46 15.59
C ASN A 397 21.37 -4.38 16.67
N GLY A 398 21.35 -4.80 17.93
CA GLY A 398 21.19 -3.87 19.03
C GLY A 398 22.15 -2.71 19.05
N CYS A 399 23.29 -2.85 18.35
CA CYS A 399 24.29 -1.79 18.32
C CYS A 399 24.24 -0.94 17.04
N PHE A 400 23.12 -1.00 16.32
CA PHE A 400 22.96 -0.19 15.12
C PHE A 400 21.96 0.92 15.46
N TRP A 401 22.25 2.14 15.03
CA TRP A 401 21.38 3.25 15.34
C TRP A 401 21.16 4.14 14.15
N SER A 402 20.12 4.95 14.25
CA SER A 402 19.83 5.90 13.20
C SER A 402 19.55 7.25 13.90
N PHE A 403 19.95 8.35 13.27
CA PHE A 403 19.72 9.66 13.85
C PHE A 403 18.59 10.32 13.07
N ILE A 404 17.52 10.68 13.77
CA ILE A 404 16.36 11.28 13.13
C ILE A 404 16.17 12.77 13.38
N SER A 405 16.31 13.57 12.33
CA SER A 405 16.08 14.99 12.46
C SER A 405 14.60 15.26 12.12
N LYS A 406 13.96 16.14 12.88
CA LYS A 406 12.56 16.48 12.63
C LYS A 406 12.53 17.38 11.40
N GLU A 407 11.80 16.97 10.37
CA GLU A 407 11.73 17.74 9.12
C GLU A 407 10.35 17.86 8.49
N HIS A 408 10.23 18.82 7.57
CA HIS A 408 8.95 19.09 6.90
C HIS A 408 8.26 17.92 6.20
N GLY A 409 9.05 17.04 5.59
CA GLY A 409 8.48 15.91 4.87
C GLY A 409 7.88 14.79 5.71
N TRP A 410 7.96 14.91 7.04
CA TRP A 410 7.40 13.90 7.93
C TRP A 410 6.86 14.58 9.18
N GLN A 411 5.55 14.78 9.25
CA GLN A 411 4.95 15.44 10.40
C GLN A 411 4.23 14.48 11.36
N GLU A 412 4.23 14.80 12.65
CA GLU A 412 3.57 13.99 13.67
C GLU A 412 2.91 14.86 14.76
N ASN A 413 2.49 14.20 15.84
CA ASN A 413 1.88 14.86 17.00
C ASN A 413 2.95 15.19 18.04
N ASP B 3 21.01 59.15 4.43
CA ASP B 3 22.40 58.60 4.44
C ASP B 3 22.83 58.18 5.84
N ASN B 4 22.02 58.50 6.85
CA ASN B 4 22.36 58.16 8.23
C ASN B 4 22.28 56.67 8.51
N SER B 5 22.34 55.87 7.45
CA SER B 5 22.30 54.42 7.57
C SER B 5 23.75 53.92 7.65
N ILE B 6 24.15 53.50 8.84
CA ILE B 6 25.51 53.01 9.05
C ILE B 6 25.68 51.53 8.75
N LEU B 7 24.64 50.90 8.24
CA LEU B 7 24.66 49.48 7.88
C LEU B 7 23.35 49.13 7.18
N ASP B 8 23.47 48.64 5.94
CA ASP B 8 22.30 48.28 5.13
C ASP B 8 22.53 46.93 4.47
N MET B 9 22.02 45.87 5.10
CA MET B 9 22.19 44.50 4.61
C MET B 9 21.32 44.11 3.41
N ARG B 10 21.97 43.68 2.34
CA ARG B 10 21.32 43.28 1.10
C ARG B 10 21.94 41.99 0.54
N TYR B 11 21.20 41.32 -0.36
CA TYR B 11 21.71 40.10 -0.98
C TYR B 11 22.13 40.40 -2.40
N GLU B 12 23.31 39.96 -2.79
CA GLU B 12 23.79 40.22 -4.13
C GLU B 12 24.93 39.28 -4.44
N ASN B 13 25.08 38.93 -5.71
CA ASN B 13 26.13 38.00 -6.14
C ASN B 13 26.22 36.77 -5.24
N ASN B 14 25.08 36.28 -4.79
CA ASN B 14 25.00 35.09 -3.96
C ASN B 14 25.65 35.20 -2.58
N LYS B 15 25.51 36.36 -1.95
CA LYS B 15 26.07 36.59 -0.63
C LYS B 15 25.49 37.88 -0.06
N PHE B 16 25.60 38.05 1.26
CA PHE B 16 25.09 39.25 1.90
C PHE B 16 26.19 40.31 1.88
N ILE B 17 25.80 41.57 1.76
CA ILE B 17 26.77 42.65 1.72
C ILE B 17 26.18 43.94 2.28
N ASP B 18 27.04 44.78 2.86
CA ASP B 18 26.62 46.07 3.42
C ASP B 18 26.81 47.14 2.37
N ILE B 19 25.70 47.78 1.98
CA ILE B 19 25.73 48.82 0.95
C ILE B 19 25.63 50.25 1.49
N SER B 20 25.81 50.42 2.80
CA SER B 20 25.71 51.74 3.40
C SER B 20 26.97 52.56 3.17
N GLY B 21 28.08 51.88 2.86
CA GLY B 21 29.32 52.57 2.63
C GLY B 21 30.38 52.21 3.66
N TYR B 22 29.96 51.89 4.88
CA TYR B 22 30.89 51.53 5.94
C TYR B 22 31.49 50.15 5.73
N GLY B 23 30.97 49.43 4.73
CA GLY B 23 31.46 48.11 4.41
C GLY B 23 31.71 47.12 5.53
N SER B 24 30.68 46.81 6.32
CA SER B 24 30.82 45.84 7.39
C SER B 24 30.82 44.49 6.69
N ASN B 25 31.60 43.54 7.20
CA ASN B 25 31.67 42.22 6.58
C ASN B 25 30.58 41.29 7.07
N ILE B 26 29.77 40.79 6.14
CA ILE B 26 28.69 39.89 6.48
C ILE B 26 29.01 38.50 5.93
N SER B 27 28.86 37.47 6.77
CA SER B 27 29.15 36.12 6.32
C SER B 27 28.12 35.14 6.85
N ILE B 28 27.84 34.10 6.08
CA ILE B 28 26.88 33.08 6.50
C ILE B 28 27.64 31.79 6.79
N ASN B 29 27.05 30.95 7.62
CA ASN B 29 27.65 29.68 8.00
C ASN B 29 26.52 28.71 8.29
N GLY B 30 26.70 27.47 7.85
CA GLY B 30 25.66 26.48 8.06
C GLY B 30 24.56 26.65 7.04
N ASP B 31 23.38 26.15 7.38
CA ASP B 31 22.23 26.20 6.49
C ASP B 31 21.40 27.46 6.71
N VAL B 32 21.42 28.33 5.71
CA VAL B 32 20.65 29.58 5.76
C VAL B 32 19.74 29.61 4.56
N TYR B 33 18.44 29.71 4.81
CA TYR B 33 17.45 29.73 3.75
C TYR B 33 17.38 31.09 3.09
N ILE B 34 17.42 31.11 1.75
CA ILE B 34 17.33 32.36 0.99
C ILE B 34 16.08 32.29 0.12
N TYR B 35 15.14 33.20 0.36
CA TYR B 35 13.90 33.25 -0.40
C TYR B 35 14.11 33.50 -1.89
N SER B 36 13.52 32.62 -2.70
CA SER B 36 13.64 32.71 -4.14
C SER B 36 13.15 34.03 -4.76
N THR B 37 11.94 34.47 -4.43
CA THR B 37 11.41 35.69 -5.02
C THR B 37 11.91 37.01 -4.42
N ASN B 38 12.60 36.92 -3.29
CA ASN B 38 13.18 38.09 -2.62
C ASN B 38 14.34 37.60 -1.77
N ARG B 39 15.53 37.57 -2.37
CA ARG B 39 16.72 37.08 -1.69
C ARG B 39 17.17 37.88 -0.47
N ASN B 40 16.65 39.09 -0.32
CA ASN B 40 17.00 39.89 0.85
C ASN B 40 16.41 39.21 2.09
N GLN B 41 15.46 38.32 1.86
CA GLN B 41 14.83 37.59 2.94
C GLN B 41 15.55 36.26 3.20
N PHE B 42 15.82 35.96 4.47
CA PHE B 42 16.48 34.71 4.78
C PHE B 42 15.92 34.05 6.03
N GLY B 43 16.23 32.77 6.17
CA GLY B 43 15.77 32.04 7.32
C GLY B 43 16.92 31.32 8.00
N ILE B 44 16.90 31.32 9.32
CA ILE B 44 17.92 30.65 10.11
C ILE B 44 17.19 29.64 11.00
N TYR B 45 17.84 28.50 11.27
CA TYR B 45 17.23 27.45 12.06
C TYR B 45 17.75 27.31 13.50
N SER B 46 16.92 26.76 14.36
CA SER B 46 17.26 26.60 15.77
C SER B 46 18.03 25.36 16.21
N SER B 47 17.92 24.27 15.46
CA SER B 47 18.55 23.03 15.88
C SER B 47 19.65 22.47 14.99
N LYS B 48 20.25 23.33 14.17
CA LYS B 48 21.30 22.85 13.29
C LYS B 48 22.18 24.02 12.90
N PRO B 49 23.42 23.75 12.45
CA PRO B 49 24.29 24.86 12.07
C PRO B 49 23.53 25.79 11.13
N SER B 50 23.46 27.06 11.51
CA SER B 50 22.74 28.07 10.73
C SER B 50 22.94 29.44 11.36
N GLU B 51 23.52 30.37 10.60
CA GLU B 51 23.74 31.72 11.11
C GLU B 51 24.26 32.70 10.08
N VAL B 52 24.07 33.98 10.36
CA VAL B 52 24.55 35.05 9.51
C VAL B 52 25.22 36.04 10.46
N ASN B 53 26.51 36.28 10.26
CA ASN B 53 27.25 37.18 11.13
C ASN B 53 27.72 38.47 10.46
N ILE B 54 27.43 39.59 11.11
CA ILE B 54 27.85 40.89 10.59
C ILE B 54 29.03 41.37 11.42
N ALA B 55 30.22 41.36 10.81
CA ALA B 55 31.42 41.82 11.49
C ALA B 55 31.41 43.35 11.28
N GLN B 56 30.94 44.07 12.29
CA GLN B 56 30.85 45.52 12.22
C GLN B 56 32.17 46.23 11.96
N ASN B 57 32.13 47.21 11.05
CA ASN B 57 33.30 48.02 10.73
C ASN B 57 33.58 48.81 12.00
N ASN B 58 34.84 48.87 12.41
CA ASN B 58 35.19 49.59 13.64
C ASN B 58 34.53 50.95 13.83
N ASP B 59 34.16 51.60 12.73
CA ASP B 59 33.51 52.91 12.82
C ASP B 59 32.07 52.80 13.33
N ILE B 60 31.48 51.62 13.21
CA ILE B 60 30.10 51.39 13.65
C ILE B 60 30.02 50.89 15.09
N ILE B 61 30.94 50.02 15.47
CA ILE B 61 30.98 49.45 16.81
C ILE B 61 30.98 50.55 17.87
N TYR B 62 29.80 51.09 18.15
CA TYR B 62 29.68 52.15 19.13
C TYR B 62 29.96 51.68 20.55
N ASN B 63 30.34 52.62 21.41
CA ASN B 63 30.64 52.35 22.80
C ASN B 63 30.34 53.62 23.58
N GLY B 64 29.92 54.65 22.87
CA GLY B 64 29.61 55.92 23.50
C GLY B 64 28.53 55.79 24.56
N ARG B 65 28.08 56.93 25.08
CA ARG B 65 27.06 56.95 26.11
C ARG B 65 26.09 58.09 25.81
N TYR B 66 26.34 58.77 24.70
CA TYR B 66 25.52 59.88 24.24
C TYR B 66 25.16 59.66 22.78
N GLN B 67 25.80 58.66 22.16
CA GLN B 67 25.55 58.34 20.76
C GLN B 67 24.19 57.71 20.53
N ASN B 68 23.32 58.42 19.81
CA ASN B 68 22.00 57.93 19.51
C ASN B 68 22.00 57.03 18.29
N PHE B 69 21.18 55.98 18.33
CA PHE B 69 21.10 55.04 17.22
C PHE B 69 19.76 54.32 17.23
N SER B 70 19.43 53.71 16.10
CA SER B 70 18.19 52.96 15.99
C SER B 70 18.41 51.86 14.98
N ILE B 71 17.64 50.78 15.09
CA ILE B 71 17.75 49.67 14.14
C ILE B 71 16.36 49.34 13.62
N SER B 72 16.31 48.78 12.41
CA SER B 72 15.05 48.41 11.78
C SER B 72 15.24 47.10 11.00
N PHE B 73 14.17 46.33 10.90
CA PHE B 73 14.19 45.06 10.18
C PHE B 73 12.80 44.45 10.22
N TRP B 74 12.58 43.45 9.38
CA TRP B 74 11.30 42.74 9.38
C TRP B 74 11.61 41.33 9.86
N VAL B 75 10.67 40.72 10.57
CA VAL B 75 10.87 39.37 11.07
C VAL B 75 9.60 38.54 10.79
N ARG B 76 9.80 37.28 10.41
CA ARG B 76 8.67 36.39 10.11
C ARG B 76 8.74 35.26 11.11
N ILE B 77 7.71 35.17 11.95
CA ILE B 77 7.66 34.17 13.02
C ILE B 77 6.53 33.14 12.83
N PRO B 78 6.89 31.88 12.54
CA PRO B 78 5.86 30.84 12.35
C PRO B 78 4.99 30.68 13.58
N LYS B 79 3.79 30.12 13.37
CA LYS B 79 2.85 29.88 14.45
C LYS B 79 3.47 28.86 15.39
N TYR B 80 3.41 29.12 16.70
CA TYR B 80 3.94 28.18 17.68
C TYR B 80 2.87 27.12 17.87
N PHE B 81 3.26 25.85 17.91
CA PHE B 81 2.26 24.80 18.11
C PHE B 81 2.62 23.74 19.13
N ASN B 82 3.59 24.04 19.99
CA ASN B 82 4.00 23.11 21.03
C ASN B 82 4.02 23.73 22.41
N LYS B 83 3.80 22.90 23.44
CA LYS B 83 3.80 23.39 24.80
C LYS B 83 5.19 23.91 25.15
N VAL B 84 6.24 23.33 24.56
CA VAL B 84 7.60 23.76 24.83
C VAL B 84 7.88 25.18 24.40
N ASN B 85 6.97 25.78 23.65
CA ASN B 85 7.14 27.15 23.19
C ASN B 85 6.56 28.18 24.16
N LEU B 86 5.59 27.74 24.97
CA LEU B 86 4.88 28.62 25.91
C LEU B 86 5.73 29.58 26.74
N ASN B 87 6.82 29.08 27.31
CA ASN B 87 7.69 29.93 28.09
C ASN B 87 9.14 29.56 27.85
N ASN B 88 9.63 29.95 26.68
CA ASN B 88 10.98 29.65 26.27
C ASN B 88 11.51 30.81 25.44
N GLU B 89 12.11 31.79 26.12
CA GLU B 89 12.64 32.95 25.44
C GLU B 89 13.93 32.64 24.71
N TYR B 90 14.02 33.02 23.44
CA TYR B 90 15.25 32.76 22.69
C TYR B 90 15.71 33.98 21.90
N THR B 91 17.03 34.10 21.75
CA THR B 91 17.62 35.20 21.02
C THR B 91 17.72 34.85 19.53
N ILE B 92 17.56 35.86 18.67
CA ILE B 92 17.66 35.66 17.23
C ILE B 92 18.68 36.62 16.61
N ILE B 93 18.79 37.82 17.19
CA ILE B 93 19.75 38.82 16.71
C ILE B 93 20.56 39.22 17.93
N ASP B 94 21.85 38.88 17.93
CA ASP B 94 22.70 39.17 19.08
C ASP B 94 23.80 40.21 18.89
N CYS B 95 23.84 41.18 19.78
CA CYS B 95 24.88 42.20 19.73
C CYS B 95 25.27 42.54 21.17
N ILE B 96 25.46 41.48 21.96
CA ILE B 96 25.85 41.59 23.36
C ILE B 96 27.32 41.24 23.53
N ARG B 97 28.04 42.08 24.27
CA ARG B 97 29.47 41.88 24.51
C ARG B 97 29.71 41.19 25.85
N ASN B 98 30.34 40.01 25.81
CA ASN B 98 30.65 39.24 27.00
C ASN B 98 29.46 39.15 27.97
N ASN B 99 28.37 38.55 27.50
CA ASN B 99 27.17 38.41 28.32
C ASN B 99 26.90 39.65 29.15
N ASN B 100 27.24 40.82 28.62
CA ASN B 100 27.03 42.03 29.38
C ASN B 100 26.39 43.17 28.60
N SER B 101 27.18 44.16 28.23
CA SER B 101 26.68 45.32 27.51
C SER B 101 26.31 45.05 26.04
N GLY B 102 25.50 45.93 25.48
CA GLY B 102 25.07 45.80 24.10
C GLY B 102 23.56 45.66 23.99
N TRP B 103 23.09 45.19 22.84
CA TRP B 103 21.67 45.00 22.64
C TRP B 103 21.43 43.65 21.98
N LYS B 104 20.18 43.20 21.99
CA LYS B 104 19.80 41.94 21.37
C LYS B 104 18.30 41.90 21.18
N ILE B 105 17.88 41.14 20.17
CA ILE B 105 16.48 40.95 19.90
C ILE B 105 16.20 39.49 20.19
N SER B 106 15.21 39.23 21.04
CA SER B 106 14.84 37.87 21.35
C SER B 106 13.35 37.69 21.17
N LEU B 107 12.90 36.43 21.19
CA LEU B 107 11.49 36.13 21.03
C LEU B 107 11.04 35.11 22.08
N ASN B 108 9.74 35.04 22.25
CA ASN B 108 9.16 34.08 23.17
C ASN B 108 7.73 33.96 22.67
N TYR B 109 7.01 32.97 23.15
CA TYR B 109 5.64 32.78 22.76
C TYR B 109 4.91 34.12 22.91
N ASN B 110 4.27 34.58 21.84
CA ASN B 110 3.52 35.84 21.85
C ASN B 110 4.33 37.10 22.15
N LYS B 111 5.64 37.06 21.91
CA LYS B 111 6.46 38.23 22.20
C LYS B 111 7.65 38.47 21.30
N ILE B 112 7.98 39.75 21.12
CA ILE B 112 9.16 40.20 20.38
C ILE B 112 9.82 41.11 21.41
N ILE B 113 10.98 40.69 21.90
CA ILE B 113 11.68 41.42 22.95
C ILE B 113 12.96 42.15 22.57
N TRP B 114 13.10 43.36 23.11
CA TRP B 114 14.29 44.17 22.88
C TRP B 114 14.95 44.42 24.23
N THR B 115 16.25 44.14 24.30
CA THR B 115 17.03 44.31 25.51
C THR B 115 18.25 45.17 25.21
N LEU B 116 18.44 46.22 26.00
CA LEU B 116 19.59 47.12 25.86
C LEU B 116 20.26 47.18 27.22
N GLN B 117 21.57 46.99 27.27
CA GLN B 117 22.26 46.99 28.54
C GLN B 117 23.64 47.62 28.49
N ASP B 118 23.98 48.38 29.52
CA ASP B 118 25.29 49.02 29.60
C ASP B 118 26.27 48.11 30.31
N THR B 119 27.50 48.58 30.46
CA THR B 119 28.53 47.80 31.12
C THR B 119 28.27 47.62 32.62
N ALA B 120 27.65 48.61 33.24
CA ALA B 120 27.35 48.56 34.67
C ALA B 120 26.32 47.49 34.99
N GLY B 121 25.74 46.90 33.96
CA GLY B 121 24.74 45.88 34.18
C GLY B 121 23.34 46.46 34.14
N ASN B 122 23.25 47.78 33.98
CA ASN B 122 21.95 48.43 33.90
C ASN B 122 21.37 48.11 32.53
N ASN B 123 20.05 47.89 32.47
CA ASN B 123 19.44 47.57 31.19
C ASN B 123 18.00 48.04 31.12
N GLN B 124 17.41 47.90 29.94
CA GLN B 124 16.04 48.28 29.72
C GLN B 124 15.47 47.34 28.66
N LYS B 125 14.24 46.88 28.87
CA LYS B 125 13.61 45.98 27.92
C LYS B 125 12.33 46.57 27.35
N LEU B 126 12.12 46.34 26.06
CA LEU B 126 10.94 46.81 25.36
C LEU B 126 10.28 45.55 24.77
N VAL B 127 8.95 45.47 24.84
CA VAL B 127 8.27 44.28 24.36
C VAL B 127 6.97 44.48 23.59
N PHE B 128 6.86 43.78 22.47
CA PHE B 128 5.66 43.80 21.65
C PHE B 128 4.93 42.49 21.96
N ASN B 129 3.67 42.60 22.37
CA ASN B 129 2.87 41.42 22.71
C ASN B 129 1.81 41.17 21.63
N TYR B 130 1.66 39.91 21.24
CA TYR B 130 0.61 39.55 20.30
C TYR B 130 0.00 38.25 20.78
N THR B 131 -0.92 37.67 20.03
CA THR B 131 -1.58 36.46 20.52
C THR B 131 -1.85 35.42 19.42
N GLN B 132 -2.10 34.19 19.83
CA GLN B 132 -2.43 33.11 18.90
C GLN B 132 -3.87 32.69 19.10
N MET B 133 -4.56 33.39 19.99
CA MET B 133 -5.98 33.14 20.28
C MET B 133 -6.71 34.30 19.60
N ILE B 134 -6.85 34.21 18.28
CA ILE B 134 -7.48 35.24 17.48
C ILE B 134 -7.95 34.64 16.15
N SER B 135 -9.01 35.23 15.58
CA SER B 135 -9.58 34.74 14.33
C SER B 135 -8.59 34.81 13.18
N ILE B 136 -8.22 36.04 12.81
CA ILE B 136 -7.25 36.30 11.75
C ILE B 136 -6.17 37.14 12.42
N SER B 137 -4.90 36.80 12.19
CA SER B 137 -3.80 37.54 12.81
C SER B 137 -2.94 38.32 11.83
N ASP B 138 -2.52 39.51 12.25
CA ASP B 138 -1.68 40.36 11.44
C ASP B 138 -0.21 40.03 11.61
N TYR B 139 0.08 39.12 12.55
CA TYR B 139 1.47 38.79 12.87
C TYR B 139 1.95 37.36 12.66
N ILE B 140 1.20 36.37 13.13
CA ILE B 140 1.62 34.98 13.00
C ILE B 140 2.00 34.55 11.57
N ASN B 141 3.27 34.22 11.39
CA ASN B 141 3.84 33.78 10.11
C ASN B 141 3.86 34.87 9.05
N LYS B 142 3.67 36.11 9.48
CA LYS B 142 3.66 37.27 8.58
C LYS B 142 4.86 38.17 8.85
N TRP B 143 5.35 38.84 7.81
CA TRP B 143 6.48 39.74 8.02
C TRP B 143 6.00 40.90 8.89
N ILE B 144 6.76 41.12 9.96
CA ILE B 144 6.47 42.18 10.92
C ILE B 144 7.62 43.17 10.85
N PHE B 145 7.32 44.44 10.60
CA PHE B 145 8.36 45.45 10.53
C PHE B 145 8.70 45.96 11.92
N VAL B 146 9.94 45.75 12.34
CA VAL B 146 10.36 46.19 13.66
C VAL B 146 11.27 47.39 13.59
N THR B 147 11.08 48.32 14.52
CA THR B 147 11.91 49.53 14.56
C THR B 147 12.13 49.93 16.00
N ILE B 148 13.40 49.97 16.39
CA ILE B 148 13.80 50.33 17.74
C ILE B 148 14.61 51.62 17.63
N THR B 149 14.25 52.65 18.39
CA THR B 149 15.00 53.90 18.35
C THR B 149 15.55 54.20 19.75
N ASN B 150 16.67 54.89 19.80
CA ASN B 150 17.28 55.21 21.09
C ASN B 150 17.91 56.58 21.15
N ASN B 151 17.46 57.39 22.12
CA ASN B 151 18.02 58.71 22.34
C ASN B 151 18.55 58.63 23.77
N ARG B 152 19.87 58.62 23.90
CA ARG B 152 20.52 58.52 25.21
C ARG B 152 19.99 59.54 26.21
N LEU B 153 19.83 60.78 25.76
CA LEU B 153 19.33 61.82 26.64
C LEU B 153 17.80 61.73 26.73
N GLY B 154 17.23 60.76 26.02
CA GLY B 154 15.79 60.60 26.03
C GLY B 154 15.29 59.19 26.31
N ASN B 155 14.33 58.75 25.50
CA ASN B 155 13.75 57.42 25.66
C ASN B 155 14.16 56.39 24.61
N SER B 156 13.79 55.16 24.90
CA SER B 156 14.02 54.04 24.02
C SER B 156 12.61 53.58 23.66
N ARG B 157 12.32 53.44 22.36
CA ARG B 157 11.00 53.01 21.95
C ARG B 157 10.99 51.99 20.83
N ILE B 158 9.94 51.17 20.84
CA ILE B 158 9.78 50.12 19.84
C ILE B 158 8.56 50.34 18.97
N TYR B 159 8.78 50.30 17.67
CA TYR B 159 7.70 50.48 16.70
C TYR B 159 7.42 49.14 16.01
N ILE B 160 6.15 48.88 15.73
CA ILE B 160 5.73 47.67 15.04
C ILE B 160 4.89 48.12 13.84
N ASN B 161 5.36 47.78 12.64
CA ASN B 161 4.67 48.17 11.42
C ASN B 161 4.40 49.67 11.44
N GLY B 162 5.40 50.44 11.86
CA GLY B 162 5.29 51.89 11.90
C GLY B 162 4.57 52.51 13.09
N ASN B 163 3.87 51.69 13.87
CA ASN B 163 3.15 52.21 15.03
C ASN B 163 3.96 52.08 16.32
N LEU B 164 4.08 53.17 17.05
CA LEU B 164 4.81 53.15 18.31
C LEU B 164 4.08 52.22 19.26
N ILE B 165 4.80 51.26 19.83
CA ILE B 165 4.19 50.30 20.74
C ILE B 165 4.46 50.65 22.20
N ASP B 166 5.73 50.63 22.59
CA ASP B 166 6.08 50.96 23.96
C ASP B 166 7.24 51.93 24.01
N GLU B 167 7.41 52.55 25.16
CA GLU B 167 8.46 53.54 25.32
C GLU B 167 8.98 53.58 26.75
N LYS B 168 10.29 53.70 26.92
CA LYS B 168 10.89 53.76 28.23
C LYS B 168 12.15 54.63 28.24
N SER B 169 12.41 55.25 29.39
CA SER B 169 13.58 56.11 29.55
C SER B 169 14.85 55.27 29.77
N ILE B 170 15.93 55.68 29.12
CA ILE B 170 17.21 54.99 29.25
C ILE B 170 18.23 55.93 29.87
N SER B 171 17.82 56.64 30.92
CA SER B 171 18.71 57.57 31.60
C SER B 171 19.54 56.79 32.62
N ASN B 172 19.01 55.64 33.05
CA ASN B 172 19.69 54.81 34.04
C ASN B 172 20.86 54.08 33.40
N LEU B 173 21.03 54.23 32.10
CA LEU B 173 22.11 53.54 31.39
C LEU B 173 23.30 54.43 31.09
N GLY B 174 24.50 53.87 31.27
CA GLY B 174 25.71 54.61 31.01
C GLY B 174 26.49 54.12 29.82
N ASP B 175 27.59 53.41 30.08
CA ASP B 175 28.44 52.88 29.03
C ASP B 175 27.83 51.70 28.26
N ILE B 176 27.46 51.95 27.01
CA ILE B 176 26.91 50.88 26.17
C ILE B 176 27.94 50.47 25.14
N HIS B 177 28.53 49.29 25.35
CA HIS B 177 29.55 48.79 24.44
C HIS B 177 29.02 47.53 23.76
N VAL B 178 28.56 47.70 22.52
CA VAL B 178 28.01 46.58 21.76
C VAL B 178 29.09 45.66 21.24
N SER B 179 28.69 44.42 20.92
CA SER B 179 29.60 43.42 20.39
C SER B 179 30.18 43.86 19.06
N ASP B 180 31.28 43.25 18.65
CA ASP B 180 31.90 43.60 17.37
C ASP B 180 31.05 43.02 16.26
N ASN B 181 30.29 41.99 16.60
CA ASN B 181 29.44 41.34 15.63
C ASN B 181 27.96 41.46 15.98
N ILE B 182 27.13 41.30 14.96
CA ILE B 182 25.68 41.29 15.13
C ILE B 182 25.40 39.89 14.60
N LEU B 183 25.11 38.96 15.50
CA LEU B 183 24.87 37.58 15.11
C LEU B 183 23.41 37.19 14.95
N PHE B 184 23.06 36.79 13.73
CA PHE B 184 21.71 36.33 13.41
C PHE B 184 21.76 34.82 13.62
N LYS B 185 21.27 34.35 14.77
CA LYS B 185 21.30 32.94 15.10
C LYS B 185 20.28 32.68 16.18
N ILE B 186 19.58 31.56 16.08
CA ILE B 186 18.59 31.20 17.08
C ILE B 186 19.29 30.47 18.21
N VAL B 187 19.43 31.13 19.36
CA VAL B 187 20.11 30.53 20.50
C VAL B 187 19.20 30.39 21.71
N GLY B 188 19.08 29.17 22.23
CA GLY B 188 18.25 28.95 23.41
C GLY B 188 16.84 28.44 23.18
N CYS B 189 16.47 28.23 21.92
CA CYS B 189 15.13 27.74 21.61
C CYS B 189 15.15 26.22 21.78
N ASN B 190 14.29 25.73 22.67
CA ASN B 190 14.19 24.30 23.00
C ASN B 190 13.37 23.47 22.02
N ASP B 191 13.06 24.02 20.86
CA ASP B 191 12.24 23.34 19.89
C ASP B 191 12.93 23.42 18.54
N THR B 192 12.41 22.71 17.55
CA THR B 192 12.95 22.76 16.19
C THR B 192 12.15 23.89 15.54
N ARG B 193 12.80 25.03 15.35
CA ARG B 193 12.15 26.21 14.77
C ARG B 193 13.04 26.96 13.81
N TYR B 194 12.49 28.02 13.25
CA TYR B 194 13.21 28.91 12.36
C TYR B 194 12.46 30.23 12.37
N VAL B 195 13.09 31.27 11.83
CA VAL B 195 12.47 32.58 11.78
C VAL B 195 13.04 33.25 10.56
N GLY B 196 12.24 34.11 9.93
CA GLY B 196 12.73 34.80 8.76
C GLY B 196 13.08 36.23 9.09
N ILE B 197 14.07 36.77 8.39
CA ILE B 197 14.49 38.14 8.61
C ILE B 197 14.84 38.79 7.27
N ARG B 198 14.65 40.10 7.18
CA ARG B 198 14.95 40.83 5.95
C ARG B 198 15.14 42.31 6.20
N TYR B 199 15.91 42.95 5.33
CA TYR B 199 16.18 44.39 5.38
C TYR B 199 16.67 44.92 6.72
N PHE B 200 17.69 44.30 7.29
CA PHE B 200 18.22 44.78 8.56
C PHE B 200 19.06 46.05 8.30
N LYS B 201 18.88 47.05 9.16
CA LYS B 201 19.62 48.31 9.02
C LYS B 201 19.92 48.91 10.39
N VAL B 202 20.99 49.70 10.45
CA VAL B 202 21.40 50.37 11.67
C VAL B 202 21.58 51.86 11.33
N PHE B 203 21.01 52.73 12.16
CA PHE B 203 21.11 54.18 11.94
C PHE B 203 21.84 54.85 13.09
N ASP B 204 22.67 55.85 12.76
CA ASP B 204 23.42 56.58 13.80
C ASP B 204 22.62 57.71 14.44
N THR B 205 21.30 57.65 14.33
CA THR B 205 20.42 58.67 14.92
C THR B 205 19.15 58.05 15.44
N GLU B 206 18.26 58.90 15.95
CA GLU B 206 16.97 58.43 16.44
C GLU B 206 16.00 58.79 15.32
N LEU B 207 15.39 57.78 14.72
CA LEU B 207 14.45 58.01 13.63
C LEU B 207 13.13 58.57 14.14
N GLY B 208 12.53 59.45 13.36
CA GLY B 208 11.27 60.05 13.74
C GLY B 208 10.09 59.31 13.12
N LYS B 209 8.92 59.43 13.74
CA LYS B 209 7.71 58.77 13.27
C LYS B 209 7.57 58.82 11.76
N THR B 210 8.07 59.89 11.15
CA THR B 210 7.99 60.07 9.71
C THR B 210 9.00 59.23 8.93
N GLU B 211 10.25 59.25 9.36
CA GLU B 211 11.30 58.49 8.69
C GLU B 211 10.94 57.01 8.72
N ILE B 212 10.38 56.58 9.85
CA ILE B 212 10.00 55.19 10.03
C ILE B 212 8.92 54.80 9.02
N GLU B 213 7.84 55.58 8.95
CA GLU B 213 6.74 55.33 8.02
C GLU B 213 7.25 55.13 6.59
N THR B 214 8.27 55.89 6.22
CA THR B 214 8.85 55.81 4.88
C THR B 214 9.64 54.52 4.67
N LEU B 215 10.25 53.99 5.73
CA LEU B 215 11.00 52.75 5.61
C LEU B 215 10.00 51.62 5.49
N TYR B 216 8.92 51.75 6.26
CA TYR B 216 7.85 50.77 6.29
C TYR B 216 7.16 50.55 4.95
N SER B 217 7.00 51.61 4.17
CA SER B 217 6.32 51.48 2.88
C SER B 217 7.26 51.42 1.67
N ASP B 218 8.55 51.66 1.89
CA ASP B 218 9.50 51.66 0.78
C ASP B 218 10.27 50.37 0.52
N GLU B 219 10.78 49.74 1.57
CA GLU B 219 11.61 48.54 1.41
C GLU B 219 11.04 47.47 0.49
N PRO B 220 10.00 46.73 0.91
CA PRO B 220 9.54 45.74 -0.06
C PRO B 220 8.91 46.50 -1.23
N ASP B 221 9.37 46.23 -2.46
CA ASP B 221 8.86 46.91 -3.65
C ASP B 221 7.35 47.12 -3.56
N PRO B 222 6.91 48.38 -3.43
CA PRO B 222 5.49 48.74 -3.33
C PRO B 222 4.64 48.55 -4.59
N SER B 223 5.27 48.35 -5.73
CA SER B 223 4.54 48.15 -6.98
C SER B 223 4.05 46.70 -7.11
N ILE B 224 4.74 45.78 -6.45
CA ILE B 224 4.38 44.36 -6.50
C ILE B 224 3.33 44.05 -5.42
N LEU B 225 2.23 43.42 -5.80
CA LEU B 225 1.19 43.08 -4.83
C LEU B 225 1.72 42.03 -3.86
N LYS B 226 1.08 41.90 -2.71
CA LYS B 226 1.53 40.95 -1.70
C LYS B 226 0.49 39.88 -1.37
N ASP B 227 0.98 38.68 -1.01
CA ASP B 227 0.07 37.61 -0.63
C ASP B 227 -0.22 37.83 0.85
N PHE B 228 -1.01 36.96 1.45
CA PHE B 228 -1.41 37.06 2.85
C PHE B 228 -0.26 37.16 3.83
N TRP B 229 0.85 36.48 3.55
CA TRP B 229 1.99 36.48 4.45
C TRP B 229 2.94 37.69 4.32
N GLY B 230 2.73 38.52 3.31
CA GLY B 230 3.59 39.68 3.13
C GLY B 230 4.60 39.47 2.01
N ASN B 231 4.63 38.26 1.45
CA ASN B 231 5.54 37.95 0.35
C ASN B 231 4.96 38.47 -0.96
N TYR B 232 5.74 38.42 -2.04
CA TYR B 232 5.26 38.89 -3.33
C TYR B 232 4.20 37.96 -3.90
N LEU B 233 3.16 38.55 -4.47
CA LEU B 233 2.07 37.81 -5.10
C LEU B 233 2.58 37.35 -6.48
N LEU B 234 2.33 36.10 -6.84
CA LEU B 234 2.82 35.59 -8.11
C LEU B 234 1.73 35.10 -9.02
N TYR B 235 2.08 35.05 -10.30
CA TYR B 235 1.25 34.53 -11.36
C TYR B 235 1.54 33.03 -11.34
N ASN B 236 0.62 32.22 -11.86
CA ASN B 236 0.84 30.78 -11.93
C ASN B 236 1.07 30.09 -10.59
N LYS B 237 0.45 30.62 -9.54
CA LYS B 237 0.61 30.07 -8.20
C LYS B 237 -0.75 29.86 -7.53
N ARG B 238 -0.95 28.68 -6.94
CA ARG B 238 -2.22 28.36 -6.29
C ARG B 238 -2.43 29.08 -4.97
N TYR B 239 -3.63 29.63 -4.79
CA TYR B 239 -3.97 30.37 -3.58
C TYR B 239 -5.39 30.10 -3.14
N TYR B 240 -5.61 30.28 -1.85
CA TYR B 240 -6.96 30.18 -1.30
C TYR B 240 -7.35 31.66 -1.20
N LEU B 241 -8.65 31.92 -1.15
CA LEU B 241 -9.13 33.29 -1.08
C LEU B 241 -9.70 33.60 0.30
N LEU B 242 -9.50 34.82 0.74
CA LEU B 242 -10.03 35.29 2.03
C LEU B 242 -10.67 36.64 1.76
N ASN B 243 -11.91 36.84 2.18
CA ASN B 243 -12.53 38.15 2.00
C ASN B 243 -12.28 38.94 3.28
N LEU B 244 -11.74 40.15 3.14
CA LEU B 244 -11.43 40.97 4.30
C LEU B 244 -12.63 41.49 5.08
N LEU B 245 -13.81 41.43 4.48
CA LEU B 245 -14.99 41.88 5.22
C LEU B 245 -15.54 40.67 5.99
N ARG B 246 -15.70 39.54 5.31
CA ARG B 246 -16.20 38.31 5.93
C ARG B 246 -15.12 37.26 6.08
N THR B 247 -14.23 37.47 7.04
CA THR B 247 -13.11 36.55 7.26
C THR B 247 -13.49 35.22 7.86
N ASP B 248 -14.76 35.03 8.20
CA ASP B 248 -15.17 33.76 8.78
C ASP B 248 -15.83 32.88 7.73
N LYS B 249 -15.93 33.39 6.51
CA LYS B 249 -16.57 32.64 5.42
C LYS B 249 -15.61 32.04 4.40
N SER B 250 -16.00 30.88 3.87
CA SER B 250 -15.20 30.20 2.87
C SER B 250 -15.79 30.49 1.48
N ILE B 251 -14.93 30.56 0.47
CA ILE B 251 -15.39 30.81 -0.90
C ILE B 251 -15.50 29.42 -1.51
N THR B 252 -16.73 28.99 -1.79
CA THR B 252 -16.96 27.66 -2.33
C THR B 252 -17.57 27.63 -3.71
N GLN B 253 -17.36 26.52 -4.41
CA GLN B 253 -17.88 26.33 -5.75
C GLN B 253 -19.27 25.70 -5.68
N ASN B 254 -20.29 26.43 -6.12
CA ASN B 254 -21.64 25.92 -6.14
C ASN B 254 -21.71 25.25 -7.51
N SER B 255 -22.59 25.68 -8.39
CA SER B 255 -22.59 25.03 -9.70
C SER B 255 -21.47 25.71 -10.46
N ASN B 256 -21.80 26.71 -11.27
CA ASN B 256 -20.81 27.45 -12.02
C ASN B 256 -20.78 28.83 -11.36
N PHE B 257 -21.05 28.84 -10.06
CA PHE B 257 -21.08 30.05 -9.25
C PHE B 257 -20.12 29.88 -8.07
N LEU B 258 -19.87 30.98 -7.36
CA LEU B 258 -19.03 30.96 -6.18
C LEU B 258 -19.82 31.55 -5.03
N ASN B 259 -19.88 30.82 -3.91
CA ASN B 259 -20.63 31.28 -2.74
C ASN B 259 -19.69 31.70 -1.61
N ILE B 260 -20.22 32.45 -0.65
CA ILE B 260 -19.41 32.90 0.47
C ILE B 260 -20.29 32.89 1.73
N ASN B 261 -21.05 31.82 1.89
CA ASN B 261 -21.95 31.64 3.02
C ASN B 261 -21.45 30.53 3.94
N GLN B 262 -20.56 29.68 3.43
CA GLN B 262 -20.01 28.58 4.21
C GLN B 262 -18.98 29.06 5.22
N GLN B 263 -18.98 28.47 6.41
CA GLN B 263 -18.02 28.84 7.44
C GLN B 263 -16.67 28.18 7.17
N ARG B 264 -15.58 28.91 7.42
CA ARG B 264 -14.23 28.37 7.25
C ARG B 264 -13.97 27.42 8.43
N GLY B 265 -14.58 27.70 9.58
CA GLY B 265 -14.37 26.88 10.74
C GLY B 265 -13.17 27.37 11.55
N VAL B 266 -12.79 26.60 12.56
CA VAL B 266 -11.69 26.97 13.43
C VAL B 266 -10.75 25.81 13.68
N TYR B 267 -9.46 26.12 13.83
CA TYR B 267 -8.45 25.11 14.12
C TYR B 267 -7.79 25.56 15.41
N GLN B 268 -7.76 24.68 16.41
CA GLN B 268 -7.19 25.04 17.69
C GLN B 268 -6.52 23.90 18.45
N LYS B 269 -5.62 24.29 19.34
CA LYS B 269 -4.90 23.37 20.21
C LYS B 269 -4.98 24.04 21.56
N PRO B 270 -5.71 23.43 22.52
CA PRO B 270 -5.85 24.04 23.84
C PRO B 270 -4.59 24.65 24.43
N ASN B 271 -4.71 25.91 24.85
CA ASN B 271 -3.64 26.66 25.47
C ASN B 271 -2.48 27.09 24.58
N ILE B 272 -2.58 26.85 23.27
CA ILE B 272 -1.49 27.24 22.38
C ILE B 272 -1.99 28.15 21.24
N PHE B 273 -3.12 27.80 20.62
CA PHE B 273 -3.69 28.62 19.55
C PHE B 273 -5.12 28.22 19.21
N SER B 274 -5.85 29.17 18.61
CA SER B 274 -7.23 28.96 18.19
C SER B 274 -7.45 30.03 17.13
N ASN B 275 -7.51 29.60 15.87
CA ASN B 275 -7.67 30.52 14.76
C ASN B 275 -8.66 30.04 13.70
N THR B 276 -9.09 30.97 12.87
CA THR B 276 -10.00 30.65 11.80
C THR B 276 -9.18 29.84 10.80
N ARG B 277 -9.80 28.84 10.18
CA ARG B 277 -9.09 28.02 9.19
C ARG B 277 -8.81 28.84 7.95
N LEU B 278 -7.56 28.80 7.49
CA LEU B 278 -7.19 29.56 6.30
C LEU B 278 -7.20 28.73 5.02
N TYR B 279 -6.86 27.46 5.12
CA TYR B 279 -6.81 26.59 3.96
C TYR B 279 -8.13 25.91 3.69
N THR B 280 -9.11 26.67 3.22
CA THR B 280 -10.43 26.13 2.93
C THR B 280 -10.98 26.86 1.71
N GLY B 281 -11.90 26.22 0.99
CA GLY B 281 -12.49 26.85 -0.17
C GLY B 281 -11.76 26.56 -1.45
N VAL B 282 -12.21 27.17 -2.53
CA VAL B 282 -11.60 26.96 -3.84
C VAL B 282 -10.17 27.49 -3.90
N GLU B 283 -9.39 26.96 -4.82
CA GLU B 283 -8.04 27.43 -5.01
C GLU B 283 -8.09 28.20 -6.32
N VAL B 284 -7.46 29.37 -6.33
CA VAL B 284 -7.45 30.18 -7.53
C VAL B 284 -6.03 30.35 -8.04
N ILE B 285 -5.91 30.77 -9.28
CA ILE B 285 -4.60 30.99 -9.85
C ILE B 285 -4.70 32.21 -10.77
N ILE B 286 -3.69 33.07 -10.67
CA ILE B 286 -3.65 34.29 -11.47
C ILE B 286 -2.80 34.04 -12.70
N ARG B 287 -3.38 34.30 -13.88
CA ARG B 287 -2.73 34.09 -15.17
C ARG B 287 -2.53 35.41 -15.90
N LYS B 288 -1.46 35.52 -16.68
CA LYS B 288 -1.20 36.74 -17.46
C LYS B 288 -2.09 36.68 -18.71
N ASN B 289 -2.32 37.82 -19.35
CA ASN B 289 -3.17 37.85 -20.56
C ASN B 289 -2.37 37.72 -21.87
N ASN B 296 7.21 39.70 -18.07
CA ASN B 296 7.92 38.85 -19.06
C ASN B 296 9.08 38.13 -18.39
N THR B 297 10.03 38.91 -17.88
CA THR B 297 11.21 38.37 -17.21
C THR B 297 10.90 37.84 -15.79
N ASP B 298 9.66 38.02 -15.33
CA ASP B 298 9.32 37.54 -13.99
C ASP B 298 7.84 37.20 -13.80
N ASN B 299 7.52 36.65 -12.63
CA ASN B 299 6.15 36.25 -12.29
C ASN B 299 5.45 37.13 -11.25
N PHE B 300 6.01 38.30 -10.97
CA PHE B 300 5.43 39.19 -9.98
C PHE B 300 4.16 39.88 -10.46
N VAL B 301 3.10 39.84 -9.66
CA VAL B 301 1.86 40.50 -10.03
C VAL B 301 1.99 41.93 -9.51
N ARG B 302 2.00 42.89 -10.44
CA ARG B 302 2.13 44.30 -10.08
C ARG B 302 0.82 45.06 -10.18
N LYS B 303 0.74 46.17 -9.44
CA LYS B 303 -0.44 47.03 -9.43
C LYS B 303 -0.72 47.47 -10.86
N ASN B 304 -1.99 47.40 -11.26
CA ASN B 304 -2.43 47.78 -12.60
C ASN B 304 -2.21 46.73 -13.66
N ASP B 305 -1.67 45.58 -13.28
CA ASP B 305 -1.49 44.50 -14.24
C ASP B 305 -2.85 44.05 -14.72
N LEU B 306 -2.91 43.60 -15.97
CA LEU B 306 -4.16 43.09 -16.52
C LEU B 306 -4.01 41.57 -16.41
N ALA B 307 -4.99 40.89 -15.82
CA ALA B 307 -4.85 39.44 -15.66
C ALA B 307 -6.17 38.69 -15.60
N TYR B 308 -6.05 37.37 -15.53
CA TYR B 308 -7.21 36.51 -15.42
C TYR B 308 -7.08 35.74 -14.11
N ILE B 309 -8.21 35.45 -13.48
CA ILE B 309 -8.22 34.67 -12.26
C ILE B 309 -9.03 33.42 -12.56
N ASN B 310 -8.46 32.25 -12.36
CA ASN B 310 -9.19 30.99 -12.61
C ASN B 310 -9.31 30.17 -11.35
N VAL B 311 -10.32 29.30 -11.32
CA VAL B 311 -10.48 28.39 -10.20
C VAL B 311 -9.80 27.09 -10.64
N VAL B 312 -9.00 26.52 -9.76
CA VAL B 312 -8.32 25.28 -10.09
C VAL B 312 -9.08 24.14 -9.43
N ASP B 313 -9.55 23.20 -10.25
CA ASP B 313 -10.27 22.05 -9.75
C ASP B 313 -9.74 20.84 -10.51
N ARG B 314 -8.88 20.07 -9.86
CA ARG B 314 -8.29 18.87 -10.45
C ARG B 314 -7.76 19.06 -11.89
N ASP B 315 -6.78 19.93 -12.06
CA ASP B 315 -6.21 20.14 -13.39
C ASP B 315 -7.19 20.79 -14.38
N VAL B 316 -8.40 21.06 -13.94
CA VAL B 316 -9.37 21.73 -14.79
C VAL B 316 -9.44 23.15 -14.28
N GLU B 317 -9.31 24.13 -15.18
CA GLU B 317 -9.38 25.52 -14.77
C GLU B 317 -10.63 26.21 -15.32
N TYR B 318 -11.26 27.01 -14.48
CA TYR B 318 -12.45 27.76 -14.87
C TYR B 318 -12.21 29.24 -14.64
N ARG B 319 -12.41 30.04 -15.69
CA ARG B 319 -12.23 31.47 -15.60
C ARG B 319 -13.35 32.12 -14.81
N LEU B 320 -13.00 33.12 -14.00
CA LEU B 320 -14.03 33.86 -13.27
C LEU B 320 -14.54 34.87 -14.29
N TYR B 321 -15.82 34.75 -14.63
CA TYR B 321 -16.45 35.61 -15.62
C TYR B 321 -17.64 36.40 -15.06
N ALA B 322 -17.57 37.73 -15.18
CA ALA B 322 -18.65 38.60 -14.69
C ALA B 322 -19.80 38.52 -15.70
N ASP B 323 -20.96 38.04 -15.26
CA ASP B 323 -22.08 37.88 -16.17
C ASP B 323 -22.76 39.19 -16.58
N ILE B 324 -22.19 39.82 -17.62
CA ILE B 324 -22.70 41.08 -18.14
C ILE B 324 -24.11 41.04 -18.71
N SER B 325 -24.73 39.86 -18.73
CA SER B 325 -26.08 39.76 -19.25
C SER B 325 -27.04 40.26 -18.17
N ILE B 326 -26.52 40.49 -16.98
CA ILE B 326 -27.31 40.98 -15.86
C ILE B 326 -27.30 42.51 -15.86
N ALA B 327 -28.49 43.11 -15.95
CA ALA B 327 -28.60 44.56 -15.97
C ALA B 327 -28.78 45.12 -14.55
N LYS B 328 -27.69 45.09 -13.79
CA LYS B 328 -27.67 45.60 -12.42
C LYS B 328 -26.22 45.82 -12.06
N PRO B 329 -25.94 46.64 -11.04
CA PRO B 329 -24.54 46.86 -10.68
C PRO B 329 -23.82 45.57 -10.25
N GLU B 330 -24.56 44.56 -9.85
CA GLU B 330 -23.94 43.30 -9.45
C GLU B 330 -24.03 42.24 -10.54
N LYS B 331 -22.89 41.90 -11.15
CA LYS B 331 -22.87 40.87 -12.18
C LYS B 331 -22.32 39.65 -11.45
N ILE B 332 -23.17 38.65 -11.26
CA ILE B 332 -22.73 37.46 -10.56
C ILE B 332 -21.56 36.82 -11.32
N ILE B 333 -20.60 36.29 -10.58
CA ILE B 333 -19.45 35.64 -11.18
C ILE B 333 -19.85 34.22 -11.57
N LYS B 334 -19.52 33.83 -12.80
CA LYS B 334 -19.82 32.49 -13.27
C LYS B 334 -18.50 31.84 -13.67
N LEU B 335 -18.42 30.52 -13.53
CA LEU B 335 -17.20 29.81 -13.88
C LEU B 335 -17.33 29.23 -15.27
N ILE B 336 -16.30 29.44 -16.09
CA ILE B 336 -16.31 28.93 -17.46
C ILE B 336 -14.99 28.22 -17.76
N ARG B 337 -15.05 26.94 -18.10
CA ARG B 337 -13.84 26.18 -18.39
C ARG B 337 -13.02 26.87 -19.47
N THR B 338 -11.70 26.95 -19.25
CA THR B 338 -10.82 27.58 -20.23
C THR B 338 -10.38 26.56 -21.27
N ASN B 342 -5.94 31.82 -26.31
CA ASN B 342 -6.62 31.85 -24.98
C ASN B 342 -7.81 32.82 -25.02
N ASN B 343 -9.01 32.26 -25.00
CA ASN B 343 -10.24 33.04 -25.05
C ASN B 343 -10.31 34.12 -23.96
N SER B 344 -10.47 35.37 -24.39
CA SER B 344 -10.55 36.50 -23.46
C SER B 344 -11.95 36.71 -22.88
N LEU B 345 -12.97 36.20 -23.58
CA LEU B 345 -14.36 36.33 -23.15
C LEU B 345 -14.87 37.78 -23.11
N GLY B 346 -14.09 38.71 -23.61
CA GLY B 346 -14.51 40.09 -23.63
C GLY B 346 -14.21 40.92 -22.41
N GLN B 347 -13.58 40.31 -21.40
CA GLN B 347 -13.26 41.06 -20.19
C GLN B 347 -11.87 40.76 -19.65
N ILE B 348 -11.40 41.63 -18.78
CA ILE B 348 -10.09 41.51 -18.19
C ILE B 348 -10.19 41.98 -16.75
N ILE B 349 -9.23 41.58 -15.92
CA ILE B 349 -9.24 41.98 -14.53
C ILE B 349 -8.04 42.83 -14.23
N VAL B 350 -8.27 43.94 -13.53
CA VAL B 350 -7.18 44.82 -13.17
C VAL B 350 -6.76 44.53 -11.73
N MET B 351 -5.56 44.00 -11.57
CA MET B 351 -5.03 43.68 -10.25
C MET B 351 -4.53 44.96 -9.59
N ASP B 352 -4.82 45.13 -8.30
CA ASP B 352 -4.37 46.32 -7.60
C ASP B 352 -4.52 46.08 -6.11
N SER B 353 -4.20 47.11 -5.33
CA SER B 353 -4.30 47.01 -3.89
C SER B 353 -4.58 48.36 -3.25
N ILE B 354 -5.19 48.32 -2.08
CA ILE B 354 -5.48 49.51 -1.30
C ILE B 354 -4.94 49.08 0.05
N GLY B 355 -3.71 49.52 0.32
CA GLY B 355 -3.05 49.12 1.55
C GLY B 355 -2.40 47.80 1.20
N ASN B 356 -2.54 46.80 2.06
CA ASN B 356 -2.00 45.48 1.79
C ASN B 356 -3.14 44.58 1.31
N ASN B 357 -4.27 45.19 0.98
CA ASN B 357 -5.45 44.46 0.55
C ASN B 357 -5.64 44.50 -0.96
N CYS B 358 -5.77 43.33 -1.57
CA CYS B 358 -5.93 43.24 -3.02
C CYS B 358 -7.35 43.48 -3.51
N THR B 359 -7.44 44.07 -4.70
CA THR B 359 -8.71 44.35 -5.34
C THR B 359 -8.59 43.82 -6.76
N MET B 360 -9.71 43.41 -7.31
CA MET B 360 -9.76 42.89 -8.66
C MET B 360 -10.91 43.59 -9.36
N ASN B 361 -10.56 44.45 -10.31
CA ASN B 361 -11.53 45.22 -11.06
C ASN B 361 -11.76 44.66 -12.45
N PHE B 362 -12.97 44.16 -12.68
CA PHE B 362 -13.35 43.60 -13.98
C PHE B 362 -13.64 44.71 -14.98
N GLN B 363 -13.06 44.62 -16.18
CA GLN B 363 -13.29 45.60 -17.24
C GLN B 363 -13.58 44.89 -18.56
N ASN B 364 -14.24 45.58 -19.48
CA ASN B 364 -14.52 44.98 -20.78
C ASN B 364 -13.22 45.18 -21.56
N ASN B 365 -13.10 44.54 -22.71
CA ASN B 365 -11.88 44.68 -23.51
C ASN B 365 -11.59 46.12 -23.95
N ASN B 366 -12.60 46.97 -23.97
CA ASN B 366 -12.41 48.36 -24.39
C ASN B 366 -12.02 49.27 -23.23
N GLY B 367 -11.69 48.67 -22.09
CA GLY B 367 -11.29 49.45 -20.93
C GLY B 367 -12.41 49.93 -20.01
N GLY B 368 -13.66 49.66 -20.38
CA GLY B 368 -14.78 50.09 -19.56
C GLY B 368 -14.95 49.28 -18.28
N ASN B 369 -15.40 49.96 -17.22
CA ASN B 369 -15.60 49.31 -15.92
C ASN B 369 -16.81 48.39 -15.85
N ILE B 370 -16.61 47.23 -15.25
CA ILE B 370 -17.70 46.31 -15.05
C ILE B 370 -18.00 46.34 -13.56
N GLY B 371 -16.97 46.16 -12.73
CA GLY B 371 -17.14 46.19 -11.30
C GLY B 371 -16.04 45.46 -10.54
N LEU B 372 -15.80 45.86 -9.30
CA LEU B 372 -14.78 45.22 -8.46
C LEU B 372 -15.32 43.88 -7.97
N LEU B 373 -14.43 42.90 -7.79
CA LEU B 373 -14.87 41.59 -7.29
C LEU B 373 -15.30 41.71 -5.81
N GLY B 374 -16.53 41.30 -5.54
CA GLY B 374 -17.04 41.37 -4.18
C GLY B 374 -18.09 40.29 -4.00
N PHE B 375 -19.14 40.60 -3.25
CA PHE B 375 -20.23 39.66 -3.01
C PHE B 375 -21.47 40.47 -2.72
N HIS B 376 -22.65 39.96 -3.07
CA HIS B 376 -23.87 40.70 -2.79
C HIS B 376 -24.70 39.99 -1.74
N SER B 377 -25.30 38.87 -2.12
CA SER B 377 -26.09 38.11 -1.15
C SER B 377 -25.00 37.20 -0.60
N ASN B 378 -25.02 35.94 -0.97
CA ASN B 378 -23.95 35.06 -0.52
C ASN B 378 -23.23 34.51 -1.75
N ASN B 379 -23.22 35.33 -2.81
CA ASN B 379 -22.57 34.98 -4.06
C ASN B 379 -21.49 36.00 -4.44
N LEU B 380 -20.46 35.54 -5.13
CA LEU B 380 -19.42 36.45 -5.57
C LEU B 380 -19.95 37.18 -6.82
N VAL B 381 -19.70 38.48 -6.87
CA VAL B 381 -20.15 39.32 -7.98
C VAL B 381 -19.10 40.37 -8.31
N ALA B 382 -19.22 40.95 -9.51
CA ALA B 382 -18.36 42.05 -9.92
C ALA B 382 -19.37 43.19 -9.83
N SER B 383 -19.13 44.18 -8.99
CA SER B 383 -20.09 45.27 -8.83
C SER B 383 -19.53 46.67 -8.92
N SER B 384 -20.25 47.54 -9.62
CA SER B 384 -19.84 48.93 -9.78
C SER B 384 -20.16 49.72 -8.52
N TRP B 385 -20.95 49.13 -7.63
CA TRP B 385 -21.33 49.76 -6.36
C TRP B 385 -20.12 50.13 -5.50
N TYR B 386 -19.10 49.27 -5.52
CA TYR B 386 -17.90 49.50 -4.70
C TYR B 386 -17.11 50.76 -5.02
N TYR B 387 -17.04 51.13 -6.30
CA TYR B 387 -16.30 52.32 -6.71
C TYR B 387 -16.55 53.50 -5.78
N ASN B 388 -17.81 53.88 -5.60
CA ASN B 388 -18.14 55.00 -4.74
C ASN B 388 -18.70 54.57 -3.39
N ASN B 389 -18.22 53.45 -2.84
CA ASN B 389 -18.72 52.97 -1.56
C ASN B 389 -17.70 52.22 -0.70
N ILE B 390 -16.44 52.59 -0.83
CA ILE B 390 -15.39 51.95 -0.05
C ILE B 390 -15.13 52.72 1.24
N ARG B 391 -15.01 52.01 2.35
CA ARG B 391 -14.74 52.63 3.64
C ARG B 391 -13.29 53.11 3.70
N LYS B 392 -13.15 54.42 3.83
CA LYS B 392 -11.88 55.13 3.88
C LYS B 392 -10.63 54.49 4.49
N ASN B 393 -10.66 54.20 5.80
CA ASN B 393 -9.47 53.63 6.44
C ASN B 393 -9.64 52.29 7.14
N THR B 394 -10.21 51.32 6.47
CA THR B 394 -10.39 50.01 7.07
C THR B 394 -10.28 48.91 6.01
N SER B 395 -9.80 47.74 6.44
CA SER B 395 -9.67 46.62 5.53
C SER B 395 -11.00 45.88 5.47
N SER B 396 -11.98 46.37 6.23
CA SER B 396 -13.31 45.78 6.29
C SER B 396 -14.21 46.21 5.12
N ASN B 397 -13.78 45.89 3.91
CA ASN B 397 -14.50 46.21 2.69
C ASN B 397 -14.75 44.90 1.94
N GLY B 398 -15.97 44.72 1.46
CA GLY B 398 -16.32 43.50 0.75
C GLY B 398 -15.55 43.27 -0.53
N CYS B 399 -14.90 44.32 -1.04
CA CYS B 399 -14.14 44.19 -2.28
C CYS B 399 -12.64 44.10 -2.03
N PHE B 400 -12.28 43.82 -0.77
CA PHE B 400 -10.88 43.67 -0.36
C PHE B 400 -10.61 42.18 -0.22
N TRP B 401 -9.53 41.69 -0.83
CA TRP B 401 -9.19 40.28 -0.79
C TRP B 401 -7.74 39.97 -0.43
N SER B 402 -7.50 38.76 0.05
CA SER B 402 -6.16 38.33 0.36
C SER B 402 -5.93 36.96 -0.23
N PHE B 403 -4.76 36.73 -0.82
CA PHE B 403 -4.43 35.44 -1.41
C PHE B 403 -3.56 34.66 -0.44
N ILE B 404 -4.05 33.51 0.02
CA ILE B 404 -3.30 32.71 0.98
C ILE B 404 -2.71 31.44 0.37
N SER B 405 -1.39 31.31 0.43
CA SER B 405 -0.74 30.12 -0.08
C SER B 405 -0.48 29.20 1.12
N LYS B 406 -0.67 27.90 0.95
CA LYS B 406 -0.44 26.95 2.04
C LYS B 406 1.07 26.82 2.23
N GLU B 407 1.53 27.08 3.45
CA GLU B 407 2.96 27.01 3.73
C GLU B 407 3.34 26.37 5.05
N HIS B 408 4.61 26.01 5.16
CA HIS B 408 5.11 25.35 6.36
C HIS B 408 4.99 26.11 7.69
N GLY B 409 5.06 27.44 7.66
CA GLY B 409 4.95 28.22 8.90
C GLY B 409 3.54 28.33 9.48
N TRP B 410 2.58 27.65 8.84
CA TRP B 410 1.19 27.66 9.31
C TRP B 410 0.50 26.39 8.83
N GLN B 411 0.35 25.43 9.73
CA GLN B 411 -0.26 24.16 9.35
C GLN B 411 -1.65 23.95 9.96
N GLU B 412 -2.48 23.19 9.25
CA GLU B 412 -3.84 22.88 9.70
C GLU B 412 -4.19 21.45 9.27
N ASN B 413 -5.48 21.19 9.10
CA ASN B 413 -5.98 19.88 8.68
C ASN B 413 -6.26 19.83 7.17
N ASP C 3 -22.66 -55.56 -13.82
CA ASP C 3 -22.00 -56.54 -12.92
C ASP C 3 -22.91 -56.82 -11.72
N ASN C 4 -22.32 -57.35 -10.64
CA ASN C 4 -23.08 -57.65 -9.43
C ASN C 4 -22.86 -56.55 -8.40
N SER C 5 -23.02 -55.31 -8.83
CA SER C 5 -22.85 -54.16 -7.97
C SER C 5 -23.87 -54.15 -6.83
N ILE C 6 -23.39 -54.15 -5.59
CA ILE C 6 -24.28 -54.13 -4.43
C ILE C 6 -24.29 -52.75 -3.80
N LEU C 7 -23.56 -51.83 -4.43
CA LEU C 7 -23.47 -50.45 -3.99
C LEU C 7 -22.94 -49.60 -5.14
N ASP C 8 -23.68 -48.55 -5.50
CA ASP C 8 -23.29 -47.69 -6.59
C ASP C 8 -23.66 -46.26 -6.21
N MET C 9 -22.65 -45.51 -5.78
CA MET C 9 -22.80 -44.14 -5.33
C MET C 9 -22.87 -43.11 -6.46
N ARG C 10 -23.96 -42.36 -6.50
CA ARG C 10 -24.17 -41.32 -7.52
C ARG C 10 -24.71 -40.05 -6.86
N TYR C 11 -24.57 -38.92 -7.54
CA TYR C 11 -25.04 -37.66 -7.00
C TYR C 11 -26.35 -37.30 -7.69
N GLU C 12 -27.40 -37.08 -6.92
CA GLU C 12 -28.68 -36.73 -7.50
C GLU C 12 -29.50 -35.80 -6.64
N ASN C 13 -30.05 -34.78 -7.28
CA ASN C 13 -30.88 -33.80 -6.61
C ASN C 13 -30.27 -33.20 -5.35
N ASN C 14 -29.01 -32.79 -5.44
CA ASN C 14 -28.34 -32.15 -4.32
C ASN C 14 -27.99 -33.08 -3.17
N LYS C 15 -27.75 -34.34 -3.48
CA LYS C 15 -27.39 -35.33 -2.46
C LYS C 15 -26.82 -36.58 -3.11
N PHE C 16 -26.27 -37.46 -2.27
CA PHE C 16 -25.72 -38.73 -2.76
C PHE C 16 -26.75 -39.83 -2.50
N ILE C 17 -26.92 -40.71 -3.49
CA ILE C 17 -27.86 -41.82 -3.37
C ILE C 17 -27.21 -43.11 -3.87
N ASP C 18 -27.83 -44.24 -3.55
CA ASP C 18 -27.35 -45.55 -3.96
C ASP C 18 -28.31 -46.04 -5.04
N ILE C 19 -27.79 -46.33 -6.22
CA ILE C 19 -28.61 -46.77 -7.34
C ILE C 19 -28.44 -48.27 -7.64
N SER C 20 -27.87 -49.01 -6.69
CA SER C 20 -27.64 -50.44 -6.86
C SER C 20 -28.92 -51.26 -6.73
N GLY C 21 -29.76 -50.86 -5.79
CA GLY C 21 -31.00 -51.58 -5.56
C GLY C 21 -31.14 -51.90 -4.09
N TYR C 22 -30.01 -52.05 -3.40
CA TYR C 22 -30.02 -52.36 -1.98
C TYR C 22 -30.33 -51.10 -1.18
N GLY C 23 -30.54 -50.00 -1.90
CA GLY C 23 -30.85 -48.73 -1.28
C GLY C 23 -30.16 -48.37 0.02
N SER C 24 -28.85 -48.16 -0.03
CA SER C 24 -28.10 -47.78 1.16
C SER C 24 -28.24 -46.26 1.34
N ASN C 25 -28.48 -45.81 2.56
CA ASN C 25 -28.65 -44.38 2.82
C ASN C 25 -27.31 -43.64 2.91
N ILE C 26 -27.17 -42.59 2.11
CA ILE C 26 -25.94 -41.82 2.09
C ILE C 26 -26.16 -40.38 2.53
N SER C 27 -25.42 -39.92 3.53
CA SER C 27 -25.56 -38.56 4.01
C SER C 27 -24.21 -37.85 3.97
N ILE C 28 -24.26 -36.53 3.84
CA ILE C 28 -23.03 -35.74 3.80
C ILE C 28 -23.10 -34.73 4.94
N ASN C 29 -22.05 -34.65 5.74
CA ASN C 29 -22.01 -33.71 6.84
C ASN C 29 -20.79 -32.82 6.70
N GLY C 30 -20.94 -31.57 7.12
CA GLY C 30 -19.85 -30.62 7.05
C GLY C 30 -19.68 -30.05 5.66
N ASP C 31 -18.45 -29.66 5.35
CA ASP C 31 -18.14 -29.08 4.06
C ASP C 31 -17.59 -30.13 3.10
N VAL C 32 -18.38 -30.42 2.08
CA VAL C 32 -17.99 -31.40 1.07
C VAL C 32 -18.09 -30.75 -0.30
N TYR C 33 -16.95 -30.64 -0.97
CA TYR C 33 -16.89 -30.03 -2.28
C TYR C 33 -17.54 -30.92 -3.32
N ILE C 34 -18.39 -30.33 -4.15
CA ILE C 34 -19.06 -31.05 -5.22
C ILE C 34 -18.60 -30.39 -6.52
N TYR C 35 -17.92 -31.15 -7.37
CA TYR C 35 -17.44 -30.61 -8.64
C TYR C 35 -18.61 -30.17 -9.50
N SER C 36 -18.50 -28.97 -10.03
CA SER C 36 -19.56 -28.41 -10.87
C SER C 36 -19.85 -29.15 -12.17
N THR C 37 -18.80 -29.52 -12.92
CA THR C 37 -19.04 -30.18 -14.22
C THR C 37 -19.23 -31.70 -14.18
N ASN C 38 -19.07 -32.28 -13.00
CA ASN C 38 -19.28 -33.71 -12.81
C ASN C 38 -19.61 -33.85 -11.33
N ARG C 39 -20.88 -33.71 -10.98
CA ARG C 39 -21.33 -33.76 -9.59
C ARG C 39 -21.05 -35.08 -8.88
N ASN C 40 -20.69 -36.13 -9.62
CA ASN C 40 -20.37 -37.41 -8.99
C ASN C 40 -19.00 -37.33 -8.31
N GLN C 41 -18.24 -36.30 -8.65
CA GLN C 41 -16.92 -36.11 -8.05
C GLN C 41 -17.06 -35.22 -6.82
N PHE C 42 -16.52 -35.64 -5.68
CA PHE C 42 -16.60 -34.81 -4.48
C PHE C 42 -15.26 -34.67 -3.79
N GLY C 43 -15.18 -33.69 -2.90
CA GLY C 43 -13.95 -33.45 -2.17
C GLY C 43 -14.17 -33.40 -0.68
N ILE C 44 -13.25 -34.01 0.07
CA ILE C 44 -13.34 -34.00 1.51
C ILE C 44 -12.07 -33.39 2.08
N TYR C 45 -12.20 -32.71 3.22
CA TYR C 45 -11.06 -32.03 3.83
C TYR C 45 -10.61 -32.68 5.13
N SER C 46 -9.35 -32.42 5.47
CA SER C 46 -8.75 -33.00 6.66
C SER C 46 -8.84 -32.17 7.95
N SER C 47 -8.98 -30.85 7.84
CA SER C 47 -8.95 -30.02 9.04
C SER C 47 -10.22 -29.35 9.52
N LYS C 48 -11.36 -29.74 8.96
CA LYS C 48 -12.62 -29.14 9.36
C LYS C 48 -13.73 -30.12 9.11
N PRO C 49 -14.93 -29.88 9.66
CA PRO C 49 -16.05 -30.80 9.45
C PRO C 49 -16.22 -31.09 7.96
N SER C 50 -16.21 -32.38 7.63
CA SER C 50 -16.33 -32.79 6.24
C SER C 50 -16.35 -34.31 6.13
N GLU C 51 -17.46 -34.88 5.68
CA GLU C 51 -17.56 -36.32 5.53
C GLU C 51 -18.80 -36.77 4.78
N VAL C 52 -18.66 -37.90 4.10
CA VAL C 52 -19.76 -38.52 3.37
C VAL C 52 -19.85 -39.91 3.98
N ASN C 53 -21.00 -40.23 4.57
CA ASN C 53 -21.20 -41.54 5.21
C ASN C 53 -22.24 -42.42 4.52
N ILE C 54 -21.85 -43.65 4.22
CA ILE C 54 -22.77 -44.60 3.59
C ILE C 54 -23.24 -45.62 4.63
N ALA C 55 -24.45 -45.45 5.14
CA ALA C 55 -25.00 -46.39 6.13
C ALA C 55 -25.45 -47.62 5.35
N GLN C 56 -24.59 -48.62 5.30
CA GLN C 56 -24.86 -49.85 4.56
C GLN C 56 -26.15 -50.54 4.96
N ASN C 57 -26.77 -51.19 3.97
CA ASN C 57 -27.99 -51.94 4.17
C ASN C 57 -27.58 -53.29 4.74
N ASN C 58 -28.27 -53.73 5.79
CA ASN C 58 -27.96 -54.99 6.46
C ASN C 58 -27.66 -56.18 5.56
N ASP C 59 -28.17 -56.18 4.34
CA ASP C 59 -27.93 -57.28 3.41
C ASP C 59 -26.55 -57.15 2.76
N ILE C 60 -25.92 -56.00 2.94
CA ILE C 60 -24.61 -55.73 2.36
C ILE C 60 -23.49 -55.80 3.39
N ILE C 61 -23.79 -55.42 4.63
CA ILE C 61 -22.80 -55.45 5.69
C ILE C 61 -22.30 -56.88 5.88
N TYR C 62 -21.22 -57.23 5.19
CA TYR C 62 -20.66 -58.57 5.28
C TYR C 62 -19.93 -58.89 6.58
N ASN C 63 -20.48 -59.87 7.30
CA ASN C 63 -19.92 -60.36 8.55
C ASN C 63 -19.35 -61.73 8.23
N GLY C 64 -19.59 -62.17 6.99
CA GLY C 64 -19.12 -63.47 6.55
C GLY C 64 -17.62 -63.69 6.60
N ARG C 65 -17.21 -64.81 6.02
CA ARG C 65 -15.80 -65.19 5.96
C ARG C 65 -15.61 -66.10 4.74
N TYR C 66 -16.61 -66.09 3.87
CA TYR C 66 -16.61 -66.89 2.64
C TYR C 66 -17.07 -66.02 1.46
N GLN C 67 -17.48 -64.79 1.77
CA GLN C 67 -17.95 -63.88 0.73
C GLN C 67 -16.88 -63.07 0.03
N ASN C 68 -16.67 -63.35 -1.26
CA ASN C 68 -15.70 -62.62 -2.05
C ASN C 68 -16.30 -61.25 -2.35
N PHE C 69 -15.45 -60.27 -2.69
CA PHE C 69 -15.94 -58.95 -3.01
C PHE C 69 -14.86 -58.05 -3.60
N SER C 70 -15.30 -56.96 -4.20
CA SER C 70 -14.41 -55.99 -4.82
C SER C 70 -14.98 -54.59 -4.61
N ILE C 71 -14.09 -53.59 -4.63
CA ILE C 71 -14.51 -52.20 -4.52
C ILE C 71 -13.74 -51.46 -5.58
N SER C 72 -14.37 -50.46 -6.18
CA SER C 72 -13.70 -49.68 -7.20
C SER C 72 -14.07 -48.21 -7.03
N PHE C 73 -13.14 -47.34 -7.42
CA PHE C 73 -13.34 -45.90 -7.32
C PHE C 73 -12.10 -45.19 -7.84
N TRP C 74 -12.23 -43.90 -8.13
CA TRP C 74 -11.08 -43.12 -8.54
C TRP C 74 -10.81 -42.15 -7.41
N VAL C 75 -9.54 -41.85 -7.19
CA VAL C 75 -9.18 -40.91 -6.15
C VAL C 75 -8.30 -39.83 -6.80
N ARG C 76 -8.33 -38.62 -6.27
CA ARG C 76 -7.50 -37.53 -6.80
C ARG C 76 -6.72 -36.98 -5.62
N ILE C 77 -5.40 -37.15 -5.66
CA ILE C 77 -4.51 -36.74 -4.59
C ILE C 77 -3.58 -35.58 -4.94
N PRO C 78 -3.82 -34.40 -4.37
CA PRO C 78 -2.99 -33.22 -4.65
C PRO C 78 -1.50 -33.49 -4.40
N LYS C 79 -0.65 -32.67 -5.00
CA LYS C 79 0.79 -32.80 -4.81
C LYS C 79 1.05 -32.46 -3.34
N TYR C 80 1.86 -33.29 -2.68
CA TYR C 80 2.22 -33.06 -1.27
C TYR C 80 3.34 -32.05 -1.31
N PHE C 81 3.30 -31.01 -0.49
CA PHE C 81 4.40 -30.05 -0.51
C PHE C 81 5.03 -29.68 0.82
N ASN C 82 4.72 -30.43 1.88
CA ASN C 82 5.25 -30.17 3.21
C ASN C 82 5.97 -31.37 3.83
N LYS C 83 6.98 -31.09 4.65
CA LYS C 83 7.72 -32.16 5.30
C LYS C 83 6.83 -33.02 6.20
N VAL C 84 5.75 -32.45 6.73
CA VAL C 84 4.84 -33.20 7.59
C VAL C 84 4.05 -34.28 6.85
N ASN C 85 4.17 -34.33 5.53
CA ASN C 85 3.44 -35.33 4.74
C ASN C 85 4.32 -36.56 4.47
N LEU C 86 5.64 -36.40 4.59
CA LEU C 86 6.58 -37.48 4.30
C LEU C 86 6.27 -38.84 4.90
N ASN C 87 5.81 -38.85 6.15
CA ASN C 87 5.44 -40.09 6.79
C ASN C 87 4.27 -39.84 7.70
N ASN C 88 3.08 -39.85 7.09
CA ASN C 88 1.86 -39.60 7.82
C ASN C 88 0.74 -40.30 7.10
N GLU C 89 0.52 -41.57 7.41
CA GLU C 89 -0.54 -42.33 6.79
C GLU C 89 -1.87 -41.86 7.35
N TYR C 90 -2.80 -41.52 6.47
CA TYR C 90 -4.12 -41.10 6.93
C TYR C 90 -5.21 -41.87 6.19
N THR C 91 -6.32 -42.12 6.90
CA THR C 91 -7.43 -42.84 6.34
C THR C 91 -8.31 -41.90 5.54
N ILE C 92 -8.85 -42.39 4.41
CA ILE C 92 -9.75 -41.59 3.58
C ILE C 92 -11.11 -42.30 3.40
N ILE C 93 -11.09 -43.63 3.34
CA ILE C 93 -12.30 -44.43 3.21
C ILE C 93 -12.23 -45.52 4.26
N ASP C 94 -13.07 -45.41 5.28
CA ASP C 94 -13.09 -46.34 6.41
C ASP C 94 -14.29 -47.28 6.53
N CYS C 95 -14.02 -48.59 6.55
CA CYS C 95 -15.08 -49.58 6.72
C CYS C 95 -14.58 -50.58 7.76
N ILE C 96 -13.97 -50.04 8.82
CA ILE C 96 -13.41 -50.85 9.89
C ILE C 96 -14.33 -50.86 11.10
N ARG C 97 -14.68 -52.06 11.55
CA ARG C 97 -15.57 -52.23 12.69
C ARG C 97 -14.79 -52.19 14.01
N ASN C 98 -15.26 -51.35 14.93
CA ASN C 98 -14.66 -51.21 16.25
C ASN C 98 -13.13 -51.18 16.27
N ASN C 99 -12.54 -50.60 15.22
CA ASN C 99 -11.08 -50.48 15.12
C ASN C 99 -10.37 -51.81 15.06
N ASN C 100 -11.01 -52.80 14.43
CA ASN C 100 -10.41 -54.11 14.29
C ASN C 100 -10.65 -54.67 12.89
N SER C 101 -11.64 -55.54 12.75
CA SER C 101 -11.93 -56.15 11.45
C SER C 101 -12.60 -55.17 10.47
N GLY C 102 -12.53 -55.51 9.19
CA GLY C 102 -13.11 -54.67 8.15
C GLY C 102 -12.02 -54.29 7.17
N TRP C 103 -12.26 -53.26 6.37
CA TRP C 103 -11.28 -52.81 5.41
C TRP C 103 -11.23 -51.29 5.41
N LYS C 104 -10.15 -50.75 4.88
CA LYS C 104 -10.00 -49.30 4.80
C LYS C 104 -8.99 -48.91 3.75
N ILE C 105 -9.22 -47.76 3.12
CA ILE C 105 -8.29 -47.25 2.14
C ILE C 105 -7.62 -46.08 2.85
N SER C 106 -6.30 -46.05 2.84
CA SER C 106 -5.59 -44.97 3.48
C SER C 106 -4.54 -44.44 2.52
N LEU C 107 -4.03 -43.25 2.82
CA LEU C 107 -3.01 -42.65 1.97
C LEU C 107 -1.80 -42.22 2.79
N ASN C 108 -0.67 -42.10 2.10
CA ASN C 108 0.57 -41.64 2.71
C ASN C 108 1.37 -41.06 1.55
N TYR C 109 2.43 -40.33 1.87
CA TYR C 109 3.29 -39.76 0.85
C TYR C 109 3.68 -40.88 -0.12
N ASN C 110 3.47 -40.66 -1.42
CA ASN C 110 3.80 -41.63 -2.47
C ASN C 110 3.08 -42.98 -2.37
N LYS C 111 2.01 -43.06 -1.60
CA LYS C 111 1.29 -44.33 -1.46
C LYS C 111 -0.23 -44.25 -1.39
N ILE C 112 -0.86 -45.30 -1.91
CA ILE C 112 -2.31 -45.49 -1.83
C ILE C 112 -2.32 -46.87 -1.16
N ILE C 113 -2.90 -46.95 0.03
CA ILE C 113 -2.89 -48.19 0.81
C ILE C 113 -4.23 -48.85 1.08
N TRP C 114 -4.27 -50.17 0.88
CA TRP C 114 -5.45 -50.98 1.14
C TRP C 114 -5.16 -51.90 2.32
N THR C 115 -6.09 -51.93 3.29
CA THR C 115 -5.93 -52.79 4.46
C THR C 115 -7.19 -53.63 4.68
N LEU C 116 -7.01 -54.93 4.87
CA LEU C 116 -8.11 -55.86 5.11
C LEU C 116 -7.73 -56.59 6.40
N GLN C 117 -8.65 -56.61 7.37
CA GLN C 117 -8.35 -57.22 8.65
C GLN C 117 -9.53 -57.98 9.25
N ASP C 118 -9.27 -59.17 9.79
CA ASP C 118 -10.34 -59.97 10.40
C ASP C 118 -10.53 -59.65 11.88
N THR C 119 -11.40 -60.43 12.52
CA THR C 119 -11.73 -60.25 13.92
C THR C 119 -10.58 -60.64 14.86
N ALA C 120 -9.77 -61.59 14.42
CA ALA C 120 -8.62 -62.05 15.21
C ALA C 120 -7.55 -60.97 15.34
N GLY C 121 -7.36 -60.21 14.26
CA GLY C 121 -6.37 -59.15 14.28
C GLY C 121 -5.38 -59.33 13.15
N ASN C 122 -5.57 -60.41 12.39
CA ASN C 122 -4.72 -60.70 11.25
C ASN C 122 -5.15 -59.78 10.12
N ASN C 123 -4.21 -59.39 9.27
CA ASN C 123 -4.52 -58.51 8.17
C ASN C 123 -3.57 -58.66 7.01
N GLN C 124 -3.94 -58.04 5.90
CA GLN C 124 -3.12 -58.06 4.71
C GLN C 124 -3.22 -56.65 4.14
N LYS C 125 -2.10 -56.14 3.66
CA LYS C 125 -2.07 -54.81 3.09
C LYS C 125 -1.57 -54.86 1.65
N LEU C 126 -2.15 -54.01 0.81
CA LEU C 126 -1.77 -53.90 -0.58
C LEU C 126 -1.42 -52.43 -0.83
N VAL C 127 -0.28 -52.18 -1.47
CA VAL C 127 0.16 -50.82 -1.70
C VAL C 127 0.54 -50.46 -3.14
N PHE C 128 0.14 -49.26 -3.55
CA PHE C 128 0.51 -48.74 -4.84
C PHE C 128 1.48 -47.60 -4.54
N ASN C 129 2.66 -47.68 -5.12
CA ASN C 129 3.70 -46.69 -4.91
C ASN C 129 3.86 -45.79 -6.12
N TYR C 130 4.00 -44.49 -5.87
CA TYR C 130 4.26 -43.56 -6.95
C TYR C 130 5.30 -42.58 -6.45
N THR C 131 5.70 -41.62 -7.28
CA THR C 131 6.73 -40.71 -6.84
C THR C 131 6.42 -39.27 -7.18
N GLN C 132 7.17 -38.37 -6.56
CA GLN C 132 7.01 -36.95 -6.80
C GLN C 132 8.30 -36.40 -7.36
N MET C 133 9.25 -37.30 -7.58
CA MET C 133 10.56 -36.97 -8.17
C MET C 133 10.41 -37.50 -9.59
N ILE C 134 9.76 -36.74 -10.45
CA ILE C 134 9.51 -37.19 -11.81
C ILE C 134 9.17 -36.00 -12.71
N SER C 135 9.53 -36.10 -13.98
CA SER C 135 9.28 -35.04 -14.95
C SER C 135 7.78 -34.73 -15.08
N ILE C 136 7.03 -35.70 -15.57
CA ILE C 136 5.60 -35.60 -15.74
C ILE C 136 5.00 -36.84 -15.06
N SER C 137 4.03 -36.62 -14.18
CA SER C 137 3.39 -37.70 -13.44
C SER C 137 2.00 -38.03 -13.95
N ASP C 138 1.68 -39.32 -13.99
CA ASP C 138 0.36 -39.75 -14.44
C ASP C 138 -0.53 -39.91 -13.21
N TYR C 139 0.02 -39.58 -12.04
CA TYR C 139 -0.73 -39.75 -10.80
C TYR C 139 -0.97 -38.53 -9.91
N ILE C 140 0.02 -37.65 -9.79
CA ILE C 140 -0.15 -36.50 -8.91
C ILE C 140 -1.25 -35.54 -9.33
N ASN C 141 -2.19 -35.31 -8.42
CA ASN C 141 -3.32 -34.41 -8.65
C ASN C 141 -4.17 -34.83 -9.84
N LYS C 142 -4.10 -36.11 -10.20
CA LYS C 142 -4.86 -36.63 -11.33
C LYS C 142 -5.80 -37.73 -10.86
N TRP C 143 -6.90 -37.95 -11.57
CA TRP C 143 -7.80 -39.01 -11.18
C TRP C 143 -7.10 -40.34 -11.43
N ILE C 144 -7.09 -41.19 -10.41
CA ILE C 144 -6.46 -42.50 -10.49
C ILE C 144 -7.54 -43.53 -10.23
N PHE C 145 -7.70 -44.49 -11.14
CA PHE C 145 -8.73 -45.51 -10.95
C PHE C 145 -8.21 -46.64 -10.08
N VAL C 146 -8.88 -46.89 -8.97
CA VAL C 146 -8.49 -47.95 -8.04
C VAL C 146 -9.50 -49.08 -8.03
N THR C 147 -9.00 -50.32 -7.97
CA THR C 147 -9.87 -51.49 -7.94
C THR C 147 -9.31 -52.53 -6.99
N ILE C 148 -10.08 -52.90 -5.97
CA ILE C 148 -9.63 -53.91 -5.03
C ILE C 148 -10.58 -55.11 -5.12
N THR C 149 -10.03 -56.28 -5.42
CA THR C 149 -10.83 -57.51 -5.52
C THR C 149 -10.32 -58.50 -4.47
N ASN C 150 -11.25 -59.19 -3.82
CA ASN C 150 -10.90 -60.15 -2.78
C ASN C 150 -11.54 -61.52 -2.95
N ASN C 151 -10.70 -62.54 -3.08
CA ASN C 151 -11.18 -63.92 -3.19
C ASN C 151 -10.78 -64.63 -1.89
N ARG C 152 -11.76 -64.85 -1.03
CA ARG C 152 -11.53 -65.48 0.28
C ARG C 152 -10.79 -66.82 0.25
N LEU C 153 -10.62 -67.41 -0.92
CA LEU C 153 -9.92 -68.69 -1.04
C LEU C 153 -8.69 -68.54 -1.90
N GLY C 154 -8.44 -67.31 -2.33
CA GLY C 154 -7.28 -67.03 -3.16
C GLY C 154 -6.49 -65.85 -2.65
N ASN C 155 -6.38 -64.82 -3.48
CA ASN C 155 -5.63 -63.63 -3.08
C ASN C 155 -6.41 -62.33 -3.17
N SER C 156 -5.89 -61.32 -2.48
CA SER C 156 -6.49 -59.99 -2.50
C SER C 156 -5.64 -59.27 -3.54
N ARG C 157 -6.31 -58.54 -4.44
CA ARG C 157 -5.58 -57.83 -5.49
C ARG C 157 -5.88 -56.33 -5.57
N ILE C 158 -4.89 -55.56 -6.03
CA ILE C 158 -5.05 -54.12 -6.17
C ILE C 158 -4.72 -53.73 -7.60
N TYR C 159 -5.67 -53.05 -8.23
CA TYR C 159 -5.53 -52.60 -9.61
C TYR C 159 -5.47 -51.08 -9.68
N ILE C 160 -4.62 -50.58 -10.56
CA ILE C 160 -4.48 -49.14 -10.77
C ILE C 160 -4.68 -48.86 -12.26
N ASN C 161 -5.69 -48.06 -12.58
CA ASN C 161 -6.00 -47.72 -13.98
C ASN C 161 -6.14 -48.95 -14.87
N GLY C 162 -6.60 -50.05 -14.30
CA GLY C 162 -6.78 -51.25 -15.09
C GLY C 162 -5.70 -52.30 -14.89
N ASN C 163 -4.47 -51.86 -14.62
CA ASN C 163 -3.33 -52.77 -14.43
C ASN C 163 -3.21 -53.32 -13.01
N LEU C 164 -2.89 -54.62 -12.91
CA LEU C 164 -2.71 -55.28 -11.62
C LEU C 164 -1.40 -54.75 -11.06
N ILE C 165 -1.42 -54.30 -9.81
CA ILE C 165 -0.21 -53.76 -9.20
C ILE C 165 0.51 -54.72 -8.25
N ASP C 166 -0.25 -55.33 -7.36
CA ASP C 166 0.30 -56.28 -6.41
C ASP C 166 -0.78 -57.28 -6.05
N GLU C 167 -0.34 -58.44 -5.57
CA GLU C 167 -1.27 -59.51 -5.23
C GLU C 167 -0.72 -60.26 -4.03
N LYS C 168 -1.60 -60.54 -3.07
CA LYS C 168 -1.21 -61.26 -1.86
C LYS C 168 -2.31 -62.21 -1.40
N SER C 169 -1.91 -63.34 -0.84
CA SER C 169 -2.87 -64.33 -0.35
C SER C 169 -3.52 -63.83 0.93
N ILE C 170 -4.78 -64.22 1.14
CA ILE C 170 -5.51 -63.84 2.34
C ILE C 170 -6.03 -65.06 3.09
N SER C 171 -5.30 -66.17 2.99
CA SER C 171 -5.68 -67.41 3.66
C SER C 171 -5.52 -67.30 5.19
N ASN C 172 -4.64 -66.41 5.62
CA ASN C 172 -4.39 -66.19 7.04
C ASN C 172 -5.53 -65.40 7.66
N LEU C 173 -6.46 -64.95 6.82
CA LEU C 173 -7.58 -64.17 7.30
C LEU C 173 -8.79 -65.04 7.59
N GLY C 174 -9.39 -64.80 8.76
CA GLY C 174 -10.54 -65.58 9.16
C GLY C 174 -11.86 -64.83 9.03
N ASP C 175 -12.41 -64.43 10.16
CA ASP C 175 -13.69 -63.74 10.22
C ASP C 175 -13.60 -62.22 10.08
N ILE C 176 -13.97 -61.71 8.91
CA ILE C 176 -13.94 -60.27 8.65
C ILE C 176 -15.35 -59.69 8.75
N HIS C 177 -15.60 -58.96 9.84
CA HIS C 177 -16.91 -58.34 10.05
C HIS C 177 -16.76 -56.84 9.78
N VAL C 178 -17.09 -56.43 8.56
CA VAL C 178 -16.98 -55.02 8.19
C VAL C 178 -17.90 -54.11 8.98
N SER C 179 -17.62 -52.82 8.93
CA SER C 179 -18.42 -51.81 9.62
C SER C 179 -19.78 -51.69 8.97
N ASP C 180 -20.73 -51.13 9.69
CA ASP C 180 -22.08 -50.93 9.18
C ASP C 180 -22.04 -49.76 8.21
N ASN C 181 -20.96 -49.00 8.28
CA ASN C 181 -20.79 -47.81 7.47
C ASN C 181 -19.50 -47.76 6.67
N ILE C 182 -19.54 -47.02 5.58
CA ILE C 182 -18.38 -46.78 4.75
C ILE C 182 -18.25 -45.27 4.91
N LEU C 183 -17.24 -44.84 5.66
CA LEU C 183 -17.04 -43.44 5.94
C LEU C 183 -15.95 -42.76 5.14
N PHE C 184 -16.35 -41.85 4.25
CA PHE C 184 -15.41 -41.09 3.44
C PHE C 184 -15.05 -39.90 4.28
N LYS C 185 -13.86 -39.92 4.86
CA LYS C 185 -13.44 -38.84 5.74
C LYS C 185 -11.94 -38.91 5.96
N ILE C 186 -11.27 -37.77 5.88
CA ILE C 186 -9.83 -37.75 6.11
C ILE C 186 -9.56 -37.76 7.61
N VAL C 187 -9.08 -38.88 8.11
CA VAL C 187 -8.79 -39.05 9.52
C VAL C 187 -7.32 -39.36 9.77
N GLY C 188 -6.70 -38.56 10.63
CA GLY C 188 -5.29 -38.77 10.96
C GLY C 188 -4.26 -37.94 10.20
N CYS C 189 -4.70 -37.14 9.24
CA CYS C 189 -3.77 -36.30 8.46
C CYS C 189 -3.33 -35.11 9.30
N ASN C 190 -2.03 -34.97 9.47
CA ASN C 190 -1.45 -33.91 10.30
C ASN C 190 -1.37 -32.53 9.60
N ASP C 191 -1.67 -32.51 8.31
CA ASP C 191 -1.60 -31.30 7.50
C ASP C 191 -3.02 -30.86 7.14
N THR C 192 -3.16 -29.70 6.50
CA THR C 192 -4.46 -29.22 6.07
C THR C 192 -4.53 -29.65 4.60
N ARG C 193 -5.25 -30.72 4.33
CA ARG C 193 -5.35 -31.25 2.97
C ARG C 193 -6.76 -31.60 2.57
N TYR C 194 -6.88 -32.18 1.39
CA TYR C 194 -8.16 -32.63 0.87
C TYR C 194 -7.90 -33.70 -0.18
N VAL C 195 -8.93 -34.45 -0.53
CA VAL C 195 -8.77 -35.47 -1.56
C VAL C 195 -10.10 -35.57 -2.29
N GLY C 196 -10.02 -35.93 -3.56
CA GLY C 196 -11.21 -36.07 -4.35
C GLY C 196 -11.45 -37.54 -4.65
N ILE C 197 -12.71 -37.92 -4.72
CA ILE C 197 -13.08 -39.30 -5.01
C ILE C 197 -14.32 -39.30 -5.88
N ARG C 198 -14.48 -40.34 -6.69
CA ARG C 198 -15.63 -40.44 -7.58
C ARG C 198 -15.96 -41.88 -7.98
N TYR C 199 -17.22 -42.08 -8.34
CA TYR C 199 -17.72 -43.37 -8.80
C TYR C 199 -17.39 -44.56 -7.89
N PHE C 200 -17.66 -44.41 -6.60
CA PHE C 200 -17.39 -45.48 -5.63
C PHE C 200 -18.42 -46.59 -5.79
N LYS C 201 -17.95 -47.83 -5.78
CA LYS C 201 -18.84 -48.97 -5.92
C LYS C 201 -18.32 -50.23 -5.24
N VAL C 202 -19.25 -51.12 -4.91
CA VAL C 202 -18.93 -52.39 -4.28
C VAL C 202 -19.60 -53.52 -5.06
N PHE C 203 -18.87 -54.61 -5.25
CA PHE C 203 -19.35 -55.79 -5.97
C PHE C 203 -19.23 -56.99 -5.03
N ASP C 204 -20.17 -57.94 -5.11
CA ASP C 204 -20.10 -59.11 -4.25
C ASP C 204 -19.37 -60.26 -4.92
N THR C 205 -18.46 -59.94 -5.84
CA THR C 205 -17.70 -60.98 -6.52
C THR C 205 -16.28 -60.51 -6.77
N GLU C 206 -15.42 -61.43 -7.17
CA GLU C 206 -14.05 -61.09 -7.48
C GLU C 206 -14.02 -60.72 -8.96
N LEU C 207 -13.83 -59.44 -9.25
CA LEU C 207 -13.80 -58.96 -10.63
C LEU C 207 -12.54 -59.42 -11.37
N GLY C 208 -12.71 -59.70 -12.66
CA GLY C 208 -11.58 -60.12 -13.47
C GLY C 208 -11.06 -59.02 -14.37
N LYS C 209 -9.87 -59.23 -14.92
CA LYS C 209 -9.22 -58.28 -15.81
C LYS C 209 -10.18 -57.56 -16.77
N THR C 210 -10.93 -58.33 -17.54
CA THR C 210 -11.87 -57.77 -18.52
C THR C 210 -12.92 -56.85 -17.90
N GLU C 211 -13.61 -57.32 -16.88
CA GLU C 211 -14.64 -56.51 -16.22
C GLU C 211 -14.03 -55.19 -15.78
N ILE C 212 -12.88 -55.28 -15.10
CA ILE C 212 -12.19 -54.10 -14.60
C ILE C 212 -11.87 -53.10 -15.71
N GLU C 213 -11.37 -53.59 -16.84
CA GLU C 213 -11.03 -52.72 -17.96
C GLU C 213 -12.28 -51.97 -18.40
N THR C 214 -13.41 -52.67 -18.37
CA THR C 214 -14.68 -52.08 -18.77
C THR C 214 -15.10 -50.94 -17.85
N LEU C 215 -15.06 -51.16 -16.53
CA LEU C 215 -15.41 -50.12 -15.58
C LEU C 215 -14.51 -48.91 -15.80
N TYR C 216 -13.22 -49.18 -15.95
CA TYR C 216 -12.22 -48.16 -16.16
C TYR C 216 -12.47 -47.24 -17.35
N SER C 217 -12.72 -47.82 -18.52
CA SER C 217 -12.94 -47.03 -19.72
C SER C 217 -14.37 -46.57 -19.95
N ASP C 218 -15.29 -46.96 -19.07
CA ASP C 218 -16.68 -46.55 -19.24
C ASP C 218 -17.18 -45.55 -18.21
N GLU C 219 -16.57 -45.56 -17.02
CA GLU C 219 -17.02 -44.66 -15.96
C GLU C 219 -17.15 -43.21 -16.38
N PRO C 220 -16.05 -42.52 -16.67
CA PRO C 220 -16.23 -41.12 -17.07
C PRO C 220 -16.62 -41.09 -18.56
N ASP C 221 -17.70 -40.35 -18.89
CA ASP C 221 -18.19 -40.25 -20.26
C ASP C 221 -17.04 -40.20 -21.28
N PRO C 222 -16.86 -41.28 -22.06
CA PRO C 222 -15.79 -41.37 -23.06
C PRO C 222 -15.84 -40.44 -24.28
N SER C 223 -17.03 -39.93 -24.62
CA SER C 223 -17.14 -39.03 -25.77
C SER C 223 -16.61 -37.62 -25.48
N ILE C 224 -16.52 -37.27 -24.20
CA ILE C 224 -16.01 -35.96 -23.79
C ILE C 224 -14.49 -36.02 -23.60
N LEU C 225 -13.78 -35.07 -24.19
CA LEU C 225 -12.32 -35.04 -24.06
C LEU C 225 -11.94 -34.67 -22.63
N LYS C 226 -10.71 -35.00 -22.25
CA LYS C 226 -10.22 -34.75 -20.90
C LYS C 226 -9.09 -33.74 -20.85
N ASP C 227 -8.99 -33.02 -19.75
CA ASP C 227 -7.87 -32.10 -19.60
C ASP C 227 -6.76 -32.93 -18.96
N PHE C 228 -5.63 -32.31 -18.67
CA PHE C 228 -4.47 -32.99 -18.07
C PHE C 228 -4.80 -33.70 -16.76
N TRP C 229 -5.68 -33.11 -15.96
CA TRP C 229 -6.02 -33.67 -14.66
C TRP C 229 -7.04 -34.80 -14.71
N GLY C 230 -7.66 -35.03 -15.86
CA GLY C 230 -8.63 -36.11 -15.95
C GLY C 230 -10.05 -35.59 -15.86
N ASN C 231 -10.21 -34.27 -15.72
CA ASN C 231 -11.55 -33.70 -15.68
C ASN C 231 -12.00 -33.46 -17.11
N TYR C 232 -13.25 -33.05 -17.30
CA TYR C 232 -13.75 -32.78 -18.64
C TYR C 232 -13.11 -31.54 -19.25
N LEU C 233 -12.80 -31.62 -20.54
CA LEU C 233 -12.22 -30.51 -21.28
C LEU C 233 -13.40 -29.59 -21.59
N LEU C 234 -13.20 -28.29 -21.45
CA LEU C 234 -14.30 -27.37 -21.69
C LEU C 234 -13.96 -26.27 -22.68
N TYR C 235 -15.01 -25.72 -23.26
CA TYR C 235 -14.90 -24.61 -24.18
C TYR C 235 -14.82 -23.37 -23.29
N ASN C 236 -14.32 -22.26 -23.83
CA ASN C 236 -14.28 -21.02 -23.08
C ASN C 236 -13.52 -21.11 -21.76
N LYS C 237 -12.44 -21.88 -21.74
CA LYS C 237 -11.64 -22.06 -20.54
C LYS C 237 -10.17 -22.00 -20.92
N ARG C 238 -9.40 -21.24 -20.14
CA ARG C 238 -7.96 -21.09 -20.40
C ARG C 238 -7.17 -22.32 -19.99
N TYR C 239 -6.23 -22.71 -20.84
CA TYR C 239 -5.36 -23.86 -20.59
C TYR C 239 -3.94 -23.55 -21.07
N TYR C 240 -2.98 -24.24 -20.47
CA TYR C 240 -1.59 -24.13 -20.89
C TYR C 240 -1.45 -25.36 -21.79
N LEU C 241 -0.49 -25.34 -22.69
CA LEU C 241 -0.32 -26.47 -23.60
C LEU C 241 0.89 -27.30 -23.23
N LEU C 242 0.76 -28.61 -23.42
CA LEU C 242 1.84 -29.54 -23.18
C LEU C 242 1.88 -30.52 -24.35
N ASN C 243 3.01 -30.60 -25.03
CA ASN C 243 3.14 -31.53 -26.15
C ASN C 243 3.63 -32.86 -25.55
N LEU C 244 2.89 -33.93 -25.81
CA LEU C 244 3.23 -35.23 -25.26
C LEU C 244 4.55 -35.86 -25.71
N LEU C 245 5.14 -35.36 -26.79
CA LEU C 245 6.42 -35.89 -27.26
C LEU C 245 7.55 -35.13 -26.55
N ARG C 246 7.46 -33.81 -26.55
CA ARG C 246 8.46 -32.97 -25.89
C ARG C 246 7.89 -32.31 -24.65
N THR C 247 7.60 -33.13 -23.64
CA THR C 247 7.03 -32.65 -22.38
C THR C 247 7.93 -31.68 -21.63
N ASP C 248 9.18 -31.55 -22.07
CA ASP C 248 10.12 -30.65 -21.42
C ASP C 248 10.16 -29.26 -22.05
N LYS C 249 9.37 -29.03 -23.10
CA LYS C 249 9.36 -27.73 -23.78
C LYS C 249 8.08 -26.92 -23.57
N SER C 250 8.24 -25.60 -23.58
CA SER C 250 7.12 -24.69 -23.43
C SER C 250 6.72 -24.18 -24.81
N ILE C 251 5.43 -23.92 -24.99
CA ILE C 251 4.88 -23.40 -26.25
C ILE C 251 4.86 -21.89 -26.10
N THR C 252 5.74 -21.21 -26.83
CA THR C 252 5.81 -19.75 -26.71
C THR C 252 5.51 -18.95 -27.98
N GLN C 253 5.16 -17.70 -27.77
CA GLN C 253 4.83 -16.79 -28.85
C GLN C 253 6.11 -16.09 -29.31
N ASN C 254 6.48 -16.32 -30.56
CA ASN C 254 7.67 -15.70 -31.13
C ASN C 254 7.17 -14.36 -31.65
N SER C 255 6.57 -14.38 -32.84
CA SER C 255 6.01 -13.18 -33.44
C SER C 255 4.53 -13.48 -33.62
N ASN C 256 4.17 -13.95 -34.80
CA ASN C 256 2.80 -14.34 -35.09
C ASN C 256 2.92 -15.85 -35.24
N PHE C 257 4.02 -16.38 -34.72
CA PHE C 257 4.33 -17.81 -34.76
C PHE C 257 4.34 -18.38 -33.34
N LEU C 258 4.40 -19.72 -33.27
CA LEU C 258 4.45 -20.40 -31.99
C LEU C 258 5.67 -21.33 -31.96
N ASN C 259 6.57 -21.09 -31.03
CA ASN C 259 7.78 -21.90 -30.88
C ASN C 259 7.60 -22.95 -29.78
N ILE C 260 8.46 -23.98 -29.84
CA ILE C 260 8.45 -25.06 -28.87
C ILE C 260 9.91 -25.48 -28.60
N ASN C 261 10.79 -24.49 -28.54
CA ASN C 261 12.21 -24.71 -28.30
C ASN C 261 12.67 -24.31 -26.90
N GLN C 262 11.87 -23.52 -26.18
CA GLN C 262 12.25 -23.09 -24.84
C GLN C 262 11.92 -24.14 -23.78
N GLN C 263 12.79 -24.28 -22.79
CA GLN C 263 12.59 -25.25 -21.71
C GLN C 263 11.50 -24.76 -20.76
N ARG C 264 10.62 -25.67 -20.36
CA ARG C 264 9.55 -25.34 -19.40
C ARG C 264 10.21 -25.03 -18.06
N GLY C 265 11.30 -25.75 -17.76
CA GLY C 265 12.00 -25.56 -16.51
C GLY C 265 11.56 -26.59 -15.50
N VAL C 266 12.19 -26.58 -14.33
CA VAL C 266 11.85 -27.53 -13.29
C VAL C 266 11.47 -26.82 -11.99
N TYR C 267 10.48 -27.36 -11.30
CA TYR C 267 10.04 -26.78 -10.04
C TYR C 267 10.28 -27.84 -8.96
N GLN C 268 11.03 -27.48 -7.93
CA GLN C 268 11.35 -28.45 -6.89
C GLN C 268 11.55 -27.92 -5.48
N LYS C 269 11.37 -28.83 -4.52
CA LYS C 269 11.53 -28.56 -3.10
C LYS C 269 12.25 -29.83 -2.60
N PRO C 270 13.51 -29.69 -2.16
CA PRO C 270 14.29 -30.84 -1.68
C PRO C 270 13.56 -31.84 -0.79
N ASN C 271 13.71 -33.12 -1.11
CA ASN C 271 13.09 -34.21 -0.35
C ASN C 271 11.56 -34.31 -0.49
N ILE C 272 10.95 -33.38 -1.20
CA ILE C 272 9.49 -33.43 -1.34
C ILE C 272 8.99 -33.62 -2.78
N PHE C 273 9.54 -32.87 -3.74
CA PHE C 273 9.16 -33.02 -5.14
C PHE C 273 10.14 -32.34 -6.08
N SER C 274 10.13 -32.81 -7.33
CA SER C 274 10.98 -32.26 -8.38
C SER C 274 10.25 -32.61 -9.68
N ASN C 275 9.65 -31.60 -10.31
CA ASN C 275 8.87 -31.82 -11.50
C ASN C 275 9.05 -30.74 -12.55
N THR C 276 8.72 -31.09 -13.78
CA THR C 276 8.77 -30.17 -14.90
C THR C 276 7.68 -29.15 -14.62
N ARG C 277 7.95 -27.86 -14.89
CA ARG C 277 6.96 -26.80 -14.69
C ARG C 277 5.82 -26.96 -15.69
N LEU C 278 4.59 -26.87 -15.22
CA LEU C 278 3.42 -27.04 -16.08
C LEU C 278 2.79 -25.72 -16.50
N TYR C 279 2.78 -24.74 -15.60
CA TYR C 279 2.16 -23.45 -15.90
C TYR C 279 3.15 -22.49 -16.55
N THR C 280 3.48 -22.74 -17.81
CA THR C 280 4.43 -21.92 -18.54
C THR C 280 4.00 -21.87 -20.01
N GLY C 281 4.38 -20.80 -20.70
CA GLY C 281 4.02 -20.68 -22.10
C GLY C 281 2.69 -19.99 -22.31
N VAL C 282 2.24 -19.97 -23.56
CA VAL C 282 1.00 -19.33 -23.91
C VAL C 282 -0.22 -19.99 -23.30
N GLU C 283 -1.25 -19.19 -23.08
CA GLU C 283 -2.52 -19.71 -22.58
C GLU C 283 -3.41 -19.77 -23.80
N VAL C 284 -4.13 -20.86 -23.95
CA VAL C 284 -5.02 -21.02 -25.08
C VAL C 284 -6.46 -21.24 -24.59
N ILE C 285 -7.43 -21.04 -25.48
CA ILE C 285 -8.84 -21.26 -25.16
C ILE C 285 -9.51 -21.84 -26.37
N ILE C 286 -10.44 -22.75 -26.13
CA ILE C 286 -11.19 -23.41 -27.20
C ILE C 286 -12.55 -22.74 -27.33
N ARG C 287 -12.90 -22.35 -28.56
CA ARG C 287 -14.18 -21.69 -28.83
C ARG C 287 -15.05 -22.54 -29.74
N LYS C 288 -16.36 -22.50 -29.51
CA LYS C 288 -17.30 -23.27 -30.32
C LYS C 288 -17.26 -22.77 -31.75
N ASN C 289 -17.41 -23.68 -32.71
CA ASN C 289 -17.37 -23.31 -34.12
C ASN C 289 -18.51 -22.38 -34.52
N ASN C 296 -24.00 -26.06 -27.40
CA ASN C 296 -25.22 -25.22 -27.28
C ASN C 296 -25.92 -25.49 -25.96
N THR C 297 -25.82 -26.73 -25.49
CA THR C 297 -26.46 -27.11 -24.23
C THR C 297 -25.45 -27.02 -23.09
N ASP C 298 -24.19 -27.33 -23.39
CA ASP C 298 -23.13 -27.29 -22.40
C ASP C 298 -21.78 -26.92 -23.00
N ASN C 299 -20.77 -26.81 -22.14
CA ASN C 299 -19.44 -26.43 -22.60
C ASN C 299 -18.46 -27.57 -22.72
N PHE C 300 -18.95 -28.80 -22.75
CA PHE C 300 -18.05 -29.94 -22.88
C PHE C 300 -17.52 -30.06 -24.30
N VAL C 301 -16.23 -30.33 -24.44
CA VAL C 301 -15.61 -30.51 -25.75
C VAL C 301 -15.66 -32.01 -26.00
N ARG C 302 -16.38 -32.41 -27.05
CA ARG C 302 -16.50 -33.84 -27.36
C ARG C 302 -15.72 -34.26 -28.60
N LYS C 303 -15.50 -35.57 -28.72
CA LYS C 303 -14.75 -36.11 -29.84
C LYS C 303 -15.46 -35.72 -31.13
N ASN C 304 -14.67 -35.31 -32.12
CA ASN C 304 -15.18 -34.90 -33.42
C ASN C 304 -15.90 -33.55 -33.41
N ASP C 305 -15.79 -32.82 -32.31
CA ASP C 305 -16.39 -31.50 -32.21
C ASP C 305 -15.55 -30.63 -33.13
N LEU C 306 -16.18 -29.64 -33.78
CA LEU C 306 -15.48 -28.72 -34.65
C LEU C 306 -15.24 -27.47 -33.81
N ALA C 307 -14.01 -26.98 -33.78
CA ALA C 307 -13.71 -25.82 -32.95
C ALA C 307 -12.60 -24.90 -33.43
N TYR C 308 -12.43 -23.80 -32.70
CA TYR C 308 -11.38 -22.82 -32.97
C TYR C 308 -10.50 -22.81 -31.72
N ILE C 309 -9.18 -22.68 -31.93
CA ILE C 309 -8.25 -22.61 -30.82
C ILE C 309 -7.59 -21.24 -30.91
N ASN C 310 -7.67 -20.45 -29.85
CA ASN C 310 -7.07 -19.12 -29.85
C ASN C 310 -6.06 -18.93 -28.72
N VAL C 311 -5.08 -18.08 -28.95
CA VAL C 311 -4.10 -17.78 -27.92
C VAL C 311 -4.67 -16.57 -27.20
N VAL C 312 -4.74 -16.64 -25.88
CA VAL C 312 -5.24 -15.55 -25.08
C VAL C 312 -4.05 -14.77 -24.54
N ASP C 313 -3.98 -13.51 -24.94
CA ASP C 313 -2.89 -12.64 -24.50
C ASP C 313 -3.48 -11.31 -24.06
N ARG C 314 -3.58 -11.13 -22.75
CA ARG C 314 -4.10 -9.90 -22.18
C ARG C 314 -5.37 -9.38 -22.84
N ASP C 315 -6.46 -10.12 -22.76
CA ASP C 315 -7.72 -9.64 -23.34
C ASP C 315 -7.78 -9.60 -24.87
N VAL C 316 -6.74 -10.12 -25.51
CA VAL C 316 -6.74 -10.17 -26.97
C VAL C 316 -6.60 -11.63 -27.37
N GLU C 317 -7.43 -12.07 -28.31
CA GLU C 317 -7.36 -13.45 -28.76
C GLU C 317 -6.84 -13.55 -30.19
N TYR C 318 -5.99 -14.54 -30.42
CA TYR C 318 -5.41 -14.77 -31.72
C TYR C 318 -5.73 -16.18 -32.20
N ARG C 319 -6.37 -16.28 -33.36
CA ARG C 319 -6.75 -17.55 -33.93
C ARG C 319 -5.52 -18.30 -34.45
N LEU C 320 -5.38 -19.56 -34.05
CA LEU C 320 -4.28 -20.38 -34.54
C LEU C 320 -4.68 -20.66 -35.99
N TYR C 321 -3.87 -20.20 -36.93
CA TYR C 321 -4.17 -20.35 -38.34
C TYR C 321 -3.07 -21.12 -39.09
N ALA C 322 -3.47 -22.16 -39.80
CA ALA C 322 -2.52 -22.97 -40.57
C ALA C 322 -2.19 -22.21 -41.86
N ASP C 323 -0.92 -21.91 -42.07
CA ASP C 323 -0.54 -21.16 -43.26
C ASP C 323 -0.57 -22.02 -44.51
N ILE C 324 -1.72 -22.01 -45.19
CA ILE C 324 -1.95 -22.79 -46.40
C ILE C 324 -1.24 -22.27 -47.64
N SER C 325 -0.48 -21.19 -47.50
CA SER C 325 0.24 -20.66 -48.65
C SER C 325 1.54 -21.45 -48.82
N ILE C 326 1.79 -22.37 -47.91
CA ILE C 326 2.98 -23.21 -47.93
C ILE C 326 2.64 -24.55 -48.60
N ALA C 327 3.21 -24.78 -49.78
CA ALA C 327 2.96 -26.01 -50.53
C ALA C 327 3.51 -27.24 -49.83
N LYS C 328 4.37 -27.02 -48.84
CA LYS C 328 5.00 -28.09 -48.08
C LYS C 328 3.96 -28.77 -47.17
N PRO C 329 4.17 -30.05 -46.83
CA PRO C 329 3.19 -30.73 -45.96
C PRO C 329 3.06 -30.13 -44.56
N GLU C 330 4.00 -29.28 -44.16
CA GLU C 330 3.96 -28.63 -42.85
C GLU C 330 3.53 -27.17 -43.00
N LYS C 331 2.33 -26.87 -42.53
CA LYS C 331 1.83 -25.50 -42.60
C LYS C 331 2.10 -24.85 -41.24
N ILE C 332 3.06 -23.95 -41.19
CA ILE C 332 3.38 -23.30 -39.93
C ILE C 332 2.14 -22.58 -39.38
N ILE C 333 1.96 -22.63 -38.08
CA ILE C 333 0.81 -21.99 -37.45
C ILE C 333 1.12 -20.51 -37.31
N LYS C 334 0.20 -19.68 -37.77
CA LYS C 334 0.38 -18.24 -37.67
C LYS C 334 -0.74 -17.72 -36.77
N LEU C 335 -0.47 -16.66 -36.02
CA LEU C 335 -1.47 -16.10 -35.11
C LEU C 335 -2.17 -14.90 -35.73
N ILE C 336 -3.50 -14.97 -35.81
CA ILE C 336 -4.26 -13.87 -36.39
C ILE C 336 -5.29 -13.32 -35.42
N ARG C 337 -5.23 -12.01 -35.18
CA ARG C 337 -6.16 -11.37 -34.27
C ARG C 337 -7.61 -11.64 -34.68
N THR C 338 -8.43 -11.97 -33.68
CA THR C 338 -9.85 -12.24 -33.90
C THR C 338 -10.64 -10.93 -33.86
N ASN C 342 -18.13 -13.93 -36.97
CA ASN C 342 -17.03 -14.85 -36.53
C ASN C 342 -16.40 -15.52 -37.75
N ASN C 343 -15.28 -14.95 -38.21
CA ASN C 343 -14.56 -15.46 -39.39
C ASN C 343 -13.89 -16.81 -39.14
N SER C 344 -14.13 -17.77 -40.03
CA SER C 344 -13.51 -19.08 -39.91
C SER C 344 -12.15 -19.08 -40.62
N LEU C 345 -11.92 -18.06 -41.43
CA LEU C 345 -10.67 -17.93 -42.17
C LEU C 345 -10.49 -19.07 -43.17
N GLY C 346 -11.57 -19.79 -43.45
CA GLY C 346 -11.50 -20.88 -44.41
C GLY C 346 -11.13 -22.21 -43.79
N GLN C 347 -10.98 -22.27 -42.48
CA GLN C 347 -10.64 -23.52 -41.83
C GLN C 347 -11.27 -23.70 -40.46
N ILE C 348 -11.38 -24.97 -40.06
CA ILE C 348 -11.95 -25.33 -38.77
C ILE C 348 -11.03 -26.39 -38.17
N ILE C 349 -11.19 -26.67 -36.87
CA ILE C 349 -10.38 -27.67 -36.20
C ILE C 349 -11.23 -28.79 -35.64
N VAL C 350 -10.81 -30.02 -35.88
CA VAL C 350 -11.53 -31.19 -35.38
C VAL C 350 -10.88 -31.68 -34.08
N MET C 351 -11.63 -31.55 -32.99
CA MET C 351 -11.14 -32.00 -31.70
C MET C 351 -11.39 -33.49 -31.59
N ASP C 352 -10.43 -34.23 -31.05
CA ASP C 352 -10.59 -35.67 -30.91
C ASP C 352 -9.49 -36.19 -29.99
N SER C 353 -9.39 -37.51 -29.86
CA SER C 353 -8.37 -38.10 -29.01
C SER C 353 -8.09 -39.56 -29.30
N ILE C 354 -6.86 -39.96 -29.02
CA ILE C 354 -6.38 -41.32 -29.18
C ILE C 354 -6.06 -41.71 -27.74
N GLY C 355 -7.06 -42.27 -27.06
CA GLY C 355 -6.87 -42.63 -25.67
C GLY C 355 -7.23 -41.42 -24.85
N ASN C 356 -6.26 -40.84 -24.16
CA ASN C 356 -6.49 -39.65 -23.37
C ASN C 356 -5.67 -38.52 -23.97
N ASN C 357 -4.99 -38.83 -25.07
CA ASN C 357 -4.14 -37.86 -25.76
C ASN C 357 -4.97 -37.08 -26.79
N CYS C 358 -5.07 -35.77 -26.60
CA CYS C 358 -5.85 -34.94 -27.50
C CYS C 358 -5.16 -34.65 -28.83
N THR C 359 -5.99 -34.56 -29.88
CA THR C 359 -5.49 -34.26 -31.21
C THR C 359 -6.37 -33.18 -31.82
N MET C 360 -5.73 -32.34 -32.63
CA MET C 360 -6.42 -31.25 -33.29
C MET C 360 -6.09 -31.33 -34.76
N ASN C 361 -7.11 -31.61 -35.56
CA ASN C 361 -6.95 -31.75 -36.99
C ASN C 361 -7.53 -30.58 -37.77
N PHE C 362 -6.64 -29.78 -38.35
CA PHE C 362 -7.04 -28.62 -39.14
C PHE C 362 -7.64 -29.06 -40.46
N GLN C 363 -8.82 -28.53 -40.79
CA GLN C 363 -9.47 -28.87 -42.04
C GLN C 363 -9.98 -27.57 -42.65
N ASN C 364 -10.27 -27.61 -43.95
CA ASN C 364 -10.80 -26.44 -44.62
C ASN C 364 -12.32 -26.53 -44.47
N ASN C 365 -13.02 -25.51 -44.95
CA ASN C 365 -14.48 -25.50 -44.86
C ASN C 365 -15.12 -26.69 -45.57
N ASN C 366 -14.42 -27.24 -46.57
CA ASN C 366 -14.93 -28.38 -47.34
C ASN C 366 -14.75 -29.74 -46.66
N GLY C 367 -14.10 -29.75 -45.50
CA GLY C 367 -13.88 -31.00 -44.81
C GLY C 367 -12.57 -31.62 -45.30
N GLY C 368 -11.83 -30.86 -46.09
CA GLY C 368 -10.57 -31.34 -46.60
C GLY C 368 -9.49 -31.18 -45.54
N ASN C 369 -8.64 -32.18 -45.40
CA ASN C 369 -7.57 -32.13 -44.41
C ASN C 369 -6.47 -31.15 -44.75
N ILE C 370 -5.85 -30.61 -43.71
CA ILE C 370 -4.73 -29.71 -43.88
C ILE C 370 -3.59 -30.37 -43.12
N GLY C 371 -3.88 -30.82 -41.90
CA GLY C 371 -2.87 -31.48 -41.08
C GLY C 371 -3.16 -31.42 -39.60
N LEU C 372 -2.61 -32.39 -38.86
CA LEU C 372 -2.78 -32.46 -37.42
C LEU C 372 -1.82 -31.47 -36.77
N LEU C 373 -2.24 -30.86 -35.66
CA LEU C 373 -1.39 -29.91 -34.97
C LEU C 373 -0.16 -30.62 -34.41
N GLY C 374 1.02 -30.07 -34.71
CA GLY C 374 2.25 -30.66 -34.23
C GLY C 374 3.38 -29.66 -34.32
N PHE C 375 4.58 -30.13 -34.62
CA PHE C 375 5.73 -29.25 -34.74
C PHE C 375 6.73 -29.86 -35.69
N HIS C 376 7.48 -29.04 -36.40
CA HIS C 376 8.46 -29.58 -37.32
C HIS C 376 9.87 -29.31 -36.83
N SER C 377 10.31 -28.06 -36.94
CA SER C 377 11.63 -27.70 -36.46
C SER C 377 11.36 -27.45 -35.00
N ASN C 378 11.28 -26.18 -34.64
CA ASN C 378 10.96 -25.80 -33.26
C ASN C 378 9.75 -24.87 -33.37
N ASN C 379 8.95 -25.10 -34.41
CA ASN C 379 7.74 -24.33 -34.69
C ASN C 379 6.52 -25.23 -34.66
N LEU C 380 5.38 -24.70 -34.25
CA LEU C 380 4.16 -25.49 -34.27
C LEU C 380 3.65 -25.47 -35.72
N VAL C 381 3.11 -26.59 -36.18
CA VAL C 381 2.61 -26.70 -37.53
C VAL C 381 1.39 -27.60 -37.64
N ALA C 382 0.72 -27.51 -38.78
CA ALA C 382 -0.43 -28.35 -39.08
C ALA C 382 0.15 -29.25 -40.17
N SER C 383 0.46 -30.50 -39.84
CA SER C 383 1.05 -31.39 -40.83
C SER C 383 0.29 -32.67 -41.15
N SER C 384 0.29 -33.02 -42.44
CA SER C 384 -0.37 -34.23 -42.92
C SER C 384 0.53 -35.43 -42.74
N TRP C 385 1.78 -35.18 -42.35
CA TRP C 385 2.75 -36.25 -42.12
C TRP C 385 2.24 -37.20 -41.05
N TYR C 386 1.63 -36.64 -40.01
CA TYR C 386 1.10 -37.43 -38.90
C TYR C 386 0.03 -38.47 -39.26
N TYR C 387 -0.79 -38.20 -40.27
CA TYR C 387 -1.85 -39.15 -40.63
C TYR C 387 -1.33 -40.58 -40.81
N ASN C 388 -0.13 -40.73 -41.36
CA ASN C 388 0.44 -42.05 -41.56
C ASN C 388 1.82 -42.17 -40.91
N ASN C 389 1.91 -41.82 -39.64
CA ASN C 389 3.17 -41.87 -38.90
C ASN C 389 2.96 -41.82 -37.39
N ILE C 390 1.77 -42.18 -36.96
CA ILE C 390 1.45 -42.17 -35.54
C ILE C 390 1.79 -43.47 -34.82
N ARG C 391 2.78 -43.40 -33.94
CA ARG C 391 3.22 -44.55 -33.17
C ARG C 391 2.06 -45.05 -32.31
N LYS C 392 1.76 -46.33 -32.45
CA LYS C 392 0.65 -46.98 -31.74
C LYS C 392 0.49 -46.73 -30.24
N ASN C 393 0.59 -47.80 -29.45
CA ASN C 393 0.40 -47.74 -28.00
C ASN C 393 1.38 -46.88 -27.21
N THR C 394 1.54 -45.63 -27.61
CA THR C 394 2.44 -44.72 -26.92
C THR C 394 1.94 -43.29 -27.10
N SER C 395 1.89 -42.54 -26.00
CA SER C 395 1.44 -41.16 -26.06
C SER C 395 2.58 -40.30 -26.59
N SER C 396 3.68 -40.94 -26.97
CA SER C 396 4.86 -40.25 -27.49
C SER C 396 4.70 -39.89 -28.97
N ASN C 397 3.86 -38.90 -29.25
CA ASN C 397 3.64 -38.44 -30.61
C ASN C 397 3.64 -36.92 -30.66
N GLY C 398 4.30 -36.38 -31.68
CA GLY C 398 4.38 -34.93 -31.81
C GLY C 398 3.03 -34.27 -32.00
N CYS C 399 2.03 -35.04 -32.37
CA CYS C 399 0.69 -34.50 -32.61
C CYS C 399 -0.27 -34.84 -31.46
N PHE C 400 0.31 -35.16 -30.30
CA PHE C 400 -0.47 -35.49 -29.11
C PHE C 400 -0.31 -34.35 -28.11
N TRP C 401 -1.42 -33.88 -27.56
CA TRP C 401 -1.40 -32.75 -26.62
C TRP C 401 -2.32 -32.93 -25.41
N SER C 402 -2.01 -32.17 -24.35
CA SER C 402 -2.81 -32.15 -23.13
C SER C 402 -3.05 -30.69 -22.76
N PHE C 403 -4.25 -30.37 -22.29
CA PHE C 403 -4.56 -29.02 -21.88
C PHE C 403 -4.44 -28.94 -20.36
N ILE C 404 -3.65 -28.00 -19.87
CA ILE C 404 -3.44 -27.90 -18.43
C ILE C 404 -4.07 -26.66 -17.85
N SER C 405 -5.03 -26.83 -16.96
CA SER C 405 -5.64 -25.69 -16.29
C SER C 405 -4.90 -25.50 -14.96
N LYS C 406 -4.71 -24.25 -14.56
CA LYS C 406 -4.04 -23.97 -13.31
C LYS C 406 -4.99 -24.38 -12.19
N GLU C 407 -4.54 -25.31 -11.34
CA GLU C 407 -5.34 -25.87 -10.25
C GLU C 407 -4.73 -25.70 -8.86
N HIS C 408 -5.58 -25.68 -7.83
CA HIS C 408 -5.10 -25.53 -6.46
C HIS C 408 -4.35 -26.77 -6.01
N GLY C 409 -4.67 -27.92 -6.63
CA GLY C 409 -4.01 -29.16 -6.26
C GLY C 409 -2.58 -29.29 -6.75
N TRP C 410 -2.15 -28.36 -7.60
CA TRP C 410 -0.80 -28.35 -8.13
C TRP C 410 -0.33 -26.89 -8.20
N GLN C 411 0.53 -26.50 -7.27
CA GLN C 411 1.02 -25.12 -7.21
C GLN C 411 2.49 -24.98 -7.65
N GLU C 412 2.80 -23.84 -8.29
CA GLU C 412 4.16 -23.53 -8.76
C GLU C 412 4.52 -22.05 -8.56
N ASN C 413 5.52 -21.60 -9.32
CA ASN C 413 6.02 -20.23 -9.28
C ASN C 413 5.58 -19.41 -10.50
N ILE D 1 -33.66 -0.52 5.67
CA ILE D 1 -35.03 -1.11 5.63
C ILE D 1 -35.22 -1.81 4.29
N LYS D 2 -35.66 -3.06 4.32
CA LYS D 2 -35.85 -3.79 3.07
C LYS D 2 -37.05 -3.26 2.30
N ASP D 3 -37.71 -2.23 2.83
CA ASP D 3 -38.87 -1.61 2.17
C ASP D 3 -38.42 -0.80 0.95
N ASN D 4 -37.13 -0.47 0.92
CA ASN D 4 -36.59 0.31 -0.18
C ASN D 4 -35.77 -0.55 -1.13
N SER D 5 -35.66 -1.83 -0.83
CA SER D 5 -34.88 -2.71 -1.68
C SER D 5 -35.74 -3.15 -2.85
N ILE D 6 -35.20 -3.01 -4.06
CA ILE D 6 -35.91 -3.40 -5.27
C ILE D 6 -35.29 -4.70 -5.80
N LEU D 7 -34.25 -5.16 -5.12
CA LEU D 7 -33.56 -6.40 -5.47
C LEU D 7 -32.83 -6.90 -4.23
N ASP D 8 -33.14 -8.12 -3.82
CA ASP D 8 -32.51 -8.72 -2.65
C ASP D 8 -32.14 -10.17 -2.96
N MET D 9 -30.87 -10.38 -3.27
CA MET D 9 -30.35 -11.69 -3.65
C MET D 9 -30.08 -12.66 -2.50
N ARG D 10 -30.78 -13.79 -2.52
CA ARG D 10 -30.64 -14.82 -1.50
C ARG D 10 -30.56 -16.19 -2.15
N TYR D 11 -29.89 -17.12 -1.50
CA TYR D 11 -29.77 -18.47 -2.04
C TYR D 11 -30.78 -19.34 -1.29
N GLU D 12 -31.73 -19.91 -2.02
CA GLU D 12 -32.79 -20.75 -1.44
C GLU D 12 -33.01 -21.98 -2.32
N ASN D 13 -33.11 -23.14 -1.68
CA ASN D 13 -33.34 -24.40 -2.38
C ASN D 13 -32.44 -24.64 -3.58
N ASN D 14 -31.14 -24.46 -3.37
CA ASN D 14 -30.14 -24.69 -4.41
C ASN D 14 -30.16 -23.76 -5.63
N LYS D 15 -30.57 -22.52 -5.42
CA LYS D 15 -30.58 -21.52 -6.49
C LYS D 15 -30.72 -20.13 -5.88
N PHE D 16 -30.35 -19.11 -6.63
CA PHE D 16 -30.45 -17.74 -6.15
C PHE D 16 -31.81 -17.22 -6.58
N ILE D 17 -32.45 -16.45 -5.70
CA ILE D 17 -33.74 -15.88 -6.00
C ILE D 17 -33.78 -14.45 -5.48
N ASP D 18 -34.60 -13.62 -6.13
CA ASP D 18 -34.78 -12.25 -5.70
C ASP D 18 -35.97 -12.26 -4.75
N ILE D 19 -35.74 -11.89 -3.49
CA ILE D 19 -36.83 -11.91 -2.52
C ILE D 19 -37.45 -10.53 -2.25
N SER D 20 -37.18 -9.55 -3.11
CA SER D 20 -37.74 -8.21 -2.91
C SER D 20 -39.19 -8.17 -3.42
N GLY D 21 -39.53 -9.15 -4.24
CA GLY D 21 -40.89 -9.22 -4.77
C GLY D 21 -41.01 -8.71 -6.20
N TYR D 22 -40.00 -8.02 -6.71
CA TYR D 22 -40.06 -7.51 -8.07
C TYR D 22 -39.80 -8.65 -9.05
N GLY D 23 -39.40 -9.79 -8.51
CA GLY D 23 -39.17 -10.98 -9.31
C GLY D 23 -38.13 -10.97 -10.41
N SER D 24 -36.92 -10.50 -10.12
CA SER D 24 -35.87 -10.50 -11.13
C SER D 24 -35.37 -11.94 -11.19
N ASN D 25 -35.25 -12.49 -12.39
CA ASN D 25 -34.80 -13.87 -12.54
C ASN D 25 -33.28 -13.97 -12.41
N ILE D 26 -32.82 -14.76 -11.45
CA ILE D 26 -31.39 -14.93 -11.24
C ILE D 26 -30.96 -16.31 -11.71
N SER D 27 -29.98 -16.35 -12.60
CA SER D 27 -29.50 -17.62 -13.12
C SER D 27 -28.00 -17.81 -12.88
N ILE D 28 -27.62 -19.05 -12.62
CA ILE D 28 -26.23 -19.40 -12.41
C ILE D 28 -25.77 -19.98 -13.72
N ASN D 29 -24.47 -19.99 -13.96
CA ASN D 29 -23.99 -20.53 -15.21
C ASN D 29 -22.53 -20.87 -15.08
N GLY D 30 -22.21 -22.08 -15.51
CA GLY D 30 -20.84 -22.55 -15.41
C GLY D 30 -20.59 -22.96 -13.97
N ASP D 31 -19.35 -22.80 -13.52
CA ASP D 31 -18.97 -23.20 -12.19
C ASP D 31 -19.01 -22.06 -11.17
N VAL D 32 -20.04 -22.05 -10.33
CA VAL D 32 -20.15 -21.04 -9.28
C VAL D 32 -20.03 -21.75 -7.93
N TYR D 33 -19.02 -21.35 -7.16
CA TYR D 33 -18.78 -21.95 -5.85
C TYR D 33 -19.81 -21.44 -4.84
N ILE D 34 -20.39 -22.36 -4.07
CA ILE D 34 -21.37 -21.99 -3.06
C ILE D 34 -20.78 -22.38 -1.71
N TYR D 35 -20.63 -21.41 -0.82
CA TYR D 35 -20.05 -21.69 0.50
C TYR D 35 -20.93 -22.65 1.29
N SER D 36 -20.29 -23.62 1.93
CA SER D 36 -21.02 -24.63 2.69
C SER D 36 -21.72 -24.13 3.94
N THR D 37 -21.03 -23.35 4.76
CA THR D 37 -21.63 -22.84 6.00
C THR D 37 -22.52 -21.61 5.87
N ASN D 38 -22.50 -20.96 4.71
CA ASN D 38 -23.33 -19.79 4.44
C ASN D 38 -23.56 -19.75 2.94
N ARG D 39 -24.64 -20.38 2.51
CA ARG D 39 -25.01 -20.50 1.10
C ARG D 39 -25.22 -19.15 0.39
N ASN D 40 -25.40 -18.08 1.15
CA ASN D 40 -25.57 -16.76 0.52
C ASN D 40 -24.23 -16.26 -0.05
N GLN D 41 -23.14 -16.93 0.33
CA GLN D 41 -21.79 -16.58 -0.13
C GLN D 41 -21.41 -17.43 -1.32
N PHE D 42 -20.98 -16.79 -2.40
CA PHE D 42 -20.57 -17.54 -3.59
C PHE D 42 -19.31 -16.95 -4.18
N GLY D 43 -18.65 -17.74 -5.01
CA GLY D 43 -17.42 -17.30 -5.65
C GLY D 43 -17.49 -17.53 -7.15
N ILE D 44 -16.97 -16.58 -7.93
CA ILE D 44 -16.95 -16.70 -9.38
C ILE D 44 -15.51 -16.80 -9.87
N TYR D 45 -15.31 -17.45 -11.02
CA TYR D 45 -13.95 -17.61 -11.54
C TYR D 45 -13.61 -16.79 -12.78
N SER D 46 -12.33 -16.52 -12.95
CA SER D 46 -11.83 -15.70 -14.05
C SER D 46 -11.39 -16.43 -15.31
N SER D 47 -11.01 -17.70 -15.19
CA SER D 47 -10.49 -18.41 -16.35
C SER D 47 -11.33 -19.52 -16.95
N LYS D 48 -12.57 -19.65 -16.49
CA LYS D 48 -13.46 -20.69 -16.99
C LYS D 48 -14.90 -20.24 -16.87
N PRO D 49 -15.83 -20.92 -17.57
CA PRO D 49 -17.25 -20.55 -17.51
C PRO D 49 -17.64 -20.46 -16.05
N SER D 50 -18.21 -19.32 -15.67
CA SER D 50 -18.59 -19.09 -14.28
C SER D 50 -19.25 -17.73 -14.18
N GLU D 51 -20.54 -17.70 -13.86
CA GLU D 51 -21.25 -16.44 -13.74
C GLU D 51 -22.62 -16.55 -13.09
N VAL D 52 -23.06 -15.46 -12.47
CA VAL D 52 -24.39 -15.36 -11.86
C VAL D 52 -25.01 -14.14 -12.52
N ASN D 53 -26.14 -14.33 -13.19
CA ASN D 53 -26.81 -13.23 -13.88
C ASN D 53 -28.20 -12.90 -13.38
N ILE D 54 -28.43 -11.63 -13.13
CA ILE D 54 -29.74 -11.15 -12.68
C ILE D 54 -30.45 -10.44 -13.83
N ALA D 55 -31.51 -11.04 -14.34
CA ALA D 55 -32.28 -10.41 -15.41
C ALA D 55 -33.24 -9.48 -14.67
N GLN D 56 -32.92 -8.19 -14.67
CA GLN D 56 -33.73 -7.19 -13.97
C GLN D 56 -35.13 -7.02 -14.53
N ASN D 57 -36.08 -6.84 -13.62
CA ASN D 57 -37.46 -6.63 -14.02
C ASN D 57 -37.51 -5.25 -14.67
N ASN D 58 -38.25 -5.14 -15.77
CA ASN D 58 -38.38 -3.88 -16.49
C ASN D 58 -38.66 -2.67 -15.61
N ASP D 59 -39.52 -2.84 -14.62
CA ASP D 59 -39.89 -1.75 -13.71
C ASP D 59 -38.72 -1.29 -12.84
N ILE D 60 -37.70 -2.13 -12.72
CA ILE D 60 -36.54 -1.82 -11.90
C ILE D 60 -35.44 -1.13 -12.70
N ILE D 61 -35.22 -1.61 -13.92
CA ILE D 61 -34.20 -1.03 -14.80
C ILE D 61 -34.39 0.47 -14.90
N TYR D 62 -33.64 1.22 -14.09
CA TYR D 62 -33.77 2.66 -14.10
C TYR D 62 -33.22 3.34 -15.35
N ASN D 63 -33.85 4.46 -15.68
CA ASN D 63 -33.50 5.24 -16.86
C ASN D 63 -33.70 6.71 -16.47
N GLY D 64 -34.58 6.94 -15.51
CA GLY D 64 -34.85 8.29 -15.05
C GLY D 64 -33.59 8.95 -14.53
N ARG D 65 -33.19 10.04 -15.17
CA ARG D 65 -31.99 10.77 -14.79
C ARG D 65 -32.19 11.51 -13.46
N TYR D 66 -33.11 11.02 -12.64
CA TYR D 66 -33.40 11.66 -11.36
C TYR D 66 -33.57 10.67 -10.22
N GLN D 67 -33.69 9.39 -10.54
CA GLN D 67 -33.88 8.37 -9.52
C GLN D 67 -32.67 8.09 -8.64
N ASN D 68 -32.85 8.26 -7.34
CA ASN D 68 -31.79 7.98 -6.38
C ASN D 68 -31.72 6.46 -6.19
N PHE D 69 -30.53 5.94 -5.93
CA PHE D 69 -30.38 4.50 -5.71
C PHE D 69 -29.05 4.15 -5.04
N SER D 70 -29.01 2.97 -4.43
CA SER D 70 -27.83 2.50 -3.74
C SER D 70 -27.71 0.98 -3.90
N ILE D 71 -26.50 0.47 -3.76
CA ILE D 71 -26.28 -0.96 -3.85
C ILE D 71 -25.36 -1.32 -2.70
N SER D 72 -25.47 -2.56 -2.21
CA SER D 72 -24.63 -3.01 -1.12
C SER D 72 -24.33 -4.49 -1.30
N PHE D 73 -23.19 -4.91 -0.77
CA PHE D 73 -22.74 -6.29 -0.86
C PHE D 73 -21.39 -6.40 -0.18
N TRP D 74 -20.95 -7.62 0.06
CA TRP D 74 -19.64 -7.81 0.64
C TRP D 74 -18.84 -8.47 -0.48
N VAL D 75 -17.53 -8.31 -0.44
CA VAL D 75 -16.66 -8.94 -1.43
C VAL D 75 -15.44 -9.52 -0.70
N ARG D 76 -14.90 -10.62 -1.23
CA ARG D 76 -13.72 -11.28 -0.65
C ARG D 76 -12.72 -11.44 -1.77
N ILE D 77 -11.61 -10.71 -1.65
CA ILE D 77 -10.56 -10.68 -2.65
C ILE D 77 -9.27 -11.33 -2.15
N PRO D 78 -8.92 -12.49 -2.74
CA PRO D 78 -7.70 -13.22 -2.36
C PRO D 78 -6.44 -12.37 -2.54
N LYS D 79 -5.41 -12.71 -1.79
CA LYS D 79 -4.15 -11.99 -1.88
C LYS D 79 -3.65 -12.12 -3.31
N TYR D 80 -3.15 -11.03 -3.89
CA TYR D 80 -2.61 -11.06 -5.26
C TYR D 80 -1.15 -11.49 -5.11
N PHE D 81 -0.71 -12.49 -5.87
CA PHE D 81 0.68 -12.91 -5.74
C PHE D 81 1.51 -12.91 -7.03
N ASN D 82 0.92 -12.49 -8.15
CA ASN D 82 1.64 -12.45 -9.41
C ASN D 82 1.79 -11.04 -9.98
N LYS D 83 2.80 -10.86 -10.82
CA LYS D 83 3.05 -9.58 -11.45
C LYS D 83 1.93 -9.14 -12.40
N VAL D 84 1.23 -10.11 -13.00
CA VAL D 84 0.15 -9.80 -13.93
C VAL D 84 -1.00 -9.10 -13.22
N ASN D 85 -1.08 -9.27 -11.90
CA ASN D 85 -2.16 -8.64 -11.12
C ASN D 85 -1.92 -7.13 -10.90
N LEU D 86 -0.65 -6.74 -10.85
CA LEU D 86 -0.26 -5.35 -10.57
C LEU D 86 -1.06 -4.21 -11.19
N ASN D 87 -1.24 -4.23 -12.52
CA ASN D 87 -2.05 -3.20 -13.13
C ASN D 87 -2.96 -3.83 -14.16
N ASN D 88 -3.99 -4.48 -13.66
CA ASN D 88 -4.95 -5.18 -14.50
C ASN D 88 -6.35 -5.03 -13.93
N GLU D 89 -7.05 -3.98 -14.32
CA GLU D 89 -8.40 -3.74 -13.83
C GLU D 89 -9.37 -4.71 -14.50
N TYR D 90 -10.19 -5.37 -13.69
CA TYR D 90 -11.19 -6.31 -14.22
C TYR D 90 -12.51 -6.04 -13.52
N THR D 91 -13.61 -6.15 -14.26
CA THR D 91 -14.91 -5.90 -13.64
C THR D 91 -15.41 -7.20 -13.00
N ILE D 92 -16.17 -7.07 -11.91
CA ILE D 92 -16.72 -8.23 -11.21
C ILE D 92 -18.25 -8.20 -11.20
N ILE D 93 -18.81 -6.99 -11.17
CA ILE D 93 -20.27 -6.80 -11.21
C ILE D 93 -20.57 -5.78 -12.32
N ASP D 94 -21.19 -6.26 -13.39
CA ASP D 94 -21.47 -5.42 -14.55
C ASP D 94 -22.94 -5.04 -14.79
N CYS D 95 -23.21 -3.76 -14.95
CA CYS D 95 -24.57 -3.29 -15.27
C CYS D 95 -24.41 -2.14 -16.26
N ILE D 96 -23.57 -2.39 -17.26
CA ILE D 96 -23.26 -1.44 -18.30
C ILE D 96 -24.01 -1.81 -19.59
N ARG D 97 -24.74 -0.84 -20.12
CA ARG D 97 -25.50 -1.02 -21.34
C ARG D 97 -24.71 -0.57 -22.57
N ASN D 98 -24.66 -1.41 -23.59
CA ASN D 98 -23.97 -1.06 -24.83
C ASN D 98 -22.55 -0.55 -24.62
N ASN D 99 -21.90 -0.99 -23.54
CA ASN D 99 -20.53 -0.56 -23.24
C ASN D 99 -20.49 0.96 -23.03
N ASN D 100 -21.62 1.54 -22.59
CA ASN D 100 -21.68 2.97 -22.39
C ASN D 100 -22.19 3.39 -21.01
N SER D 101 -23.50 3.64 -20.91
CA SER D 101 -24.08 4.06 -19.65
C SER D 101 -24.35 2.91 -18.68
N GLY D 102 -24.54 3.28 -17.42
CA GLY D 102 -24.82 2.31 -16.39
C GLY D 102 -23.77 2.39 -15.29
N TRP D 103 -23.62 1.28 -14.58
CA TRP D 103 -22.64 1.23 -13.50
C TRP D 103 -21.97 -0.13 -13.46
N LYS D 104 -20.83 -0.18 -12.78
CA LYS D 104 -20.11 -1.43 -12.64
C LYS D 104 -19.16 -1.34 -11.46
N ILE D 105 -18.82 -2.51 -10.92
CA ILE D 105 -17.89 -2.60 -9.83
C ILE D 105 -16.72 -3.38 -10.43
N SER D 106 -15.52 -2.81 -10.32
CA SER D 106 -14.36 -3.49 -10.84
C SER D 106 -13.29 -3.53 -9.77
N LEU D 107 -12.24 -4.29 -10.02
CA LEU D 107 -11.15 -4.44 -9.07
C LEU D 107 -9.83 -4.30 -9.79
N ASN D 108 -8.78 -4.04 -9.02
CA ASN D 108 -7.43 -3.95 -9.55
C ASN D 108 -6.56 -4.11 -8.32
N TYR D 109 -5.26 -4.30 -8.53
CA TYR D 109 -4.33 -4.44 -7.43
C TYR D 109 -4.63 -3.34 -6.41
N ASN D 110 -4.81 -3.73 -5.15
CA ASN D 110 -5.10 -2.79 -4.07
C ASN D 110 -6.28 -1.83 -4.29
N LYS D 111 -7.24 -2.19 -5.13
CA LYS D 111 -8.40 -1.31 -5.36
C LYS D 111 -9.75 -1.97 -5.57
N ILE D 112 -10.77 -1.26 -5.10
CA ILE D 112 -12.17 -1.63 -5.31
C ILE D 112 -12.65 -0.34 -6.02
N ILE D 113 -13.17 -0.51 -7.23
CA ILE D 113 -13.59 0.61 -8.07
C ILE D 113 -15.06 0.64 -8.45
N TRP D 114 -15.66 1.82 -8.39
CA TRP D 114 -17.06 2.02 -8.77
C TRP D 114 -17.11 3.03 -9.90
N THR D 115 -17.90 2.73 -10.93
CA THR D 115 -18.04 3.64 -12.07
C THR D 115 -19.53 3.88 -12.36
N LEU D 116 -19.88 5.15 -12.56
CA LEU D 116 -21.24 5.55 -12.87
C LEU D 116 -21.14 6.37 -14.17
N GLN D 117 -21.95 6.04 -15.17
CA GLN D 117 -21.88 6.76 -16.44
C GLN D 117 -23.21 6.95 -17.16
N ASP D 118 -23.37 8.09 -17.84
CA ASP D 118 -24.61 8.35 -18.55
C ASP D 118 -24.50 8.05 -20.03
N THR D 119 -25.58 8.34 -20.74
CA THR D 119 -25.66 8.12 -22.18
C THR D 119 -24.69 8.96 -22.99
N ALA D 120 -24.39 10.15 -22.50
CA ALA D 120 -23.48 11.06 -23.19
C ALA D 120 -22.01 10.69 -23.00
N GLY D 121 -21.74 9.74 -22.11
CA GLY D 121 -20.38 9.33 -21.87
C GLY D 121 -19.78 9.98 -20.62
N ASN D 122 -20.56 10.83 -19.96
CA ASN D 122 -20.11 11.47 -18.74
C ASN D 122 -20.08 10.39 -17.66
N ASN D 123 -19.01 10.34 -16.87
CA ASN D 123 -18.92 9.34 -15.82
C ASN D 123 -18.38 9.94 -14.53
N GLN D 124 -18.29 9.10 -13.51
CA GLN D 124 -17.76 9.49 -12.22
C GLN D 124 -17.23 8.21 -11.60
N LYS D 125 -16.07 8.28 -10.97
CA LYS D 125 -15.47 7.11 -10.35
C LYS D 125 -15.19 7.29 -8.88
N LEU D 126 -15.40 6.22 -8.12
CA LEU D 126 -15.17 6.20 -6.69
C LEU D 126 -14.21 5.04 -6.44
N VAL D 127 -13.24 5.25 -5.56
CA VAL D 127 -12.23 4.24 -5.31
C VAL D 127 -11.83 4.00 -3.86
N PHE D 128 -11.71 2.72 -3.51
CA PHE D 128 -11.22 2.35 -2.19
C PHE D 128 -9.83 1.77 -2.38
N ASN D 129 -8.85 2.36 -1.69
CA ASN D 129 -7.46 1.92 -1.78
C ASN D 129 -7.03 1.22 -0.51
N TYR D 130 -6.36 0.08 -0.68
CA TYR D 130 -5.79 -0.66 0.42
C TYR D 130 -4.40 -1.08 -0.02
N THR D 131 -3.68 -1.87 0.77
CA THR D 131 -2.33 -2.26 0.38
C THR D 131 -2.02 -3.69 0.75
N GLN D 132 -0.98 -4.25 0.14
CA GLN D 132 -0.61 -5.63 0.45
C GLN D 132 0.70 -5.64 1.21
N MET D 133 1.24 -4.46 1.48
CA MET D 133 2.46 -4.35 2.25
C MET D 133 2.06 -3.77 3.59
N ILE D 134 1.67 -4.67 4.48
CA ILE D 134 1.19 -4.32 5.80
C ILE D 134 1.27 -5.59 6.65
N SER D 135 1.49 -5.42 7.96
CA SER D 135 1.61 -6.54 8.89
C SER D 135 0.40 -7.44 8.93
N ILE D 136 -0.73 -6.83 9.28
CA ILE D 136 -2.00 -7.51 9.40
C ILE D 136 -3.02 -6.68 8.62
N SER D 137 -3.74 -7.31 7.71
CA SER D 137 -4.72 -6.60 6.89
C SER D 137 -6.18 -6.90 7.20
N ASP D 138 -6.99 -5.85 7.23
CA ASP D 138 -8.42 -5.99 7.48
C ASP D 138 -9.14 -6.27 6.18
N TYR D 139 -8.41 -6.22 5.06
CA TYR D 139 -9.02 -6.40 3.75
C TYR D 139 -8.61 -7.59 2.87
N ILE D 140 -7.35 -7.99 2.91
CA ILE D 140 -6.89 -9.08 2.07
C ILE D 140 -7.52 -10.43 2.41
N ASN D 141 -8.20 -11.00 1.43
CA ASN D 141 -8.87 -12.29 1.59
C ASN D 141 -9.92 -12.35 2.70
N LYS D 142 -10.43 -11.19 3.10
CA LYS D 142 -11.46 -11.09 4.14
C LYS D 142 -12.69 -10.45 3.55
N TRP D 143 -13.86 -10.74 4.11
CA TRP D 143 -15.07 -10.12 3.58
C TRP D 143 -15.02 -8.63 3.86
N ILE D 144 -15.34 -7.84 2.84
CA ILE D 144 -15.37 -6.39 2.94
C ILE D 144 -16.76 -5.92 2.56
N PHE D 145 -17.40 -5.15 3.43
CA PHE D 145 -18.74 -4.67 3.14
C PHE D 145 -18.63 -3.38 2.31
N VAL D 146 -19.29 -3.38 1.16
CA VAL D 146 -19.26 -2.22 0.28
C VAL D 146 -20.65 -1.61 0.15
N THR D 147 -20.70 -0.29 0.16
CA THR D 147 -21.99 0.39 0.00
C THR D 147 -21.78 1.61 -0.88
N ILE D 148 -22.58 1.68 -1.95
CA ILE D 148 -22.50 2.79 -2.85
C ILE D 148 -23.86 3.47 -2.82
N THR D 149 -23.89 4.78 -2.59
CA THR D 149 -25.16 5.50 -2.55
C THR D 149 -25.09 6.57 -3.62
N ASN D 150 -26.24 6.87 -4.23
CA ASN D 150 -26.26 7.85 -5.30
C ASN D 150 -27.48 8.77 -5.24
N ASN D 151 -27.19 10.06 -5.04
CA ASN D 151 -28.22 11.10 -4.97
C ASN D 151 -28.04 11.88 -6.26
N ARG D 152 -28.97 11.73 -7.18
CA ARG D 152 -28.86 12.40 -8.47
C ARG D 152 -28.75 13.92 -8.39
N LEU D 153 -29.26 14.50 -7.32
CA LEU D 153 -29.19 15.95 -7.16
C LEU D 153 -28.08 16.32 -6.18
N GLY D 154 -27.23 15.35 -5.87
CA GLY D 154 -26.14 15.59 -4.94
C GLY D 154 -24.87 14.84 -5.23
N ASN D 155 -24.54 13.87 -4.39
CA ASN D 155 -23.32 13.11 -4.58
C ASN D 155 -23.49 11.62 -4.64
N SER D 156 -22.45 10.98 -5.15
CA SER D 156 -22.36 9.54 -5.22
C SER D 156 -21.26 9.27 -4.21
N ARG D 157 -21.44 8.27 -3.36
CA ARG D 157 -20.38 7.97 -2.42
C ARG D 157 -20.16 6.49 -2.17
N ILE D 158 -18.99 6.18 -1.64
CA ILE D 158 -18.62 4.81 -1.37
C ILE D 158 -18.28 4.63 0.11
N TYR D 159 -18.84 3.58 0.69
CA TYR D 159 -18.60 3.25 2.09
C TYR D 159 -17.92 1.89 2.13
N ILE D 160 -16.96 1.75 3.03
CA ILE D 160 -16.26 0.50 3.20
C ILE D 160 -16.44 0.13 4.66
N ASN D 161 -17.05 -1.03 4.90
CA ASN D 161 -17.31 -1.50 6.25
C ASN D 161 -18.06 -0.46 7.09
N GLY D 162 -18.98 0.24 6.42
CA GLY D 162 -19.79 1.25 7.09
C GLY D 162 -19.19 2.65 7.15
N ASN D 163 -17.93 2.81 6.76
CA ASN D 163 -17.27 4.13 6.81
C ASN D 163 -17.21 4.83 5.46
N LEU D 164 -17.55 6.11 5.44
CA LEU D 164 -17.50 6.90 4.23
C LEU D 164 -16.04 6.99 3.79
N ILE D 165 -15.75 6.58 2.56
CA ILE D 165 -14.39 6.60 2.05
C ILE D 165 -14.18 7.77 1.10
N ASP D 166 -15.07 7.91 0.12
CA ASP D 166 -14.96 9.02 -0.82
C ASP D 166 -16.33 9.48 -1.28
N GLU D 167 -16.36 10.68 -1.86
CA GLU D 167 -17.60 11.28 -2.32
C GLU D 167 -17.29 12.14 -3.55
N LYS D 168 -18.24 12.20 -4.48
CA LYS D 168 -18.08 13.00 -5.68
C LYS D 168 -19.44 13.37 -6.22
N SER D 169 -19.56 14.59 -6.72
CA SER D 169 -20.82 15.07 -7.28
C SER D 169 -21.09 14.37 -8.61
N ILE D 170 -22.35 14.00 -8.83
CA ILE D 170 -22.73 13.37 -10.08
C ILE D 170 -23.73 14.29 -10.79
N SER D 171 -23.55 15.59 -10.60
CA SER D 171 -24.43 16.58 -11.23
C SER D 171 -24.06 16.73 -12.71
N ASN D 172 -22.93 16.16 -13.12
CA ASN D 172 -22.52 16.24 -14.51
C ASN D 172 -23.08 15.06 -15.30
N LEU D 173 -23.83 14.20 -14.62
CA LEU D 173 -24.42 13.03 -15.25
C LEU D 173 -25.86 13.27 -15.67
N GLY D 174 -26.17 12.92 -16.91
CA GLY D 174 -27.51 13.09 -17.41
C GLY D 174 -28.34 11.82 -17.37
N ASP D 175 -28.71 11.33 -18.53
CA ASP D 175 -29.52 10.12 -18.62
C ASP D 175 -28.69 8.86 -18.37
N ILE D 176 -28.93 8.21 -17.23
CA ILE D 176 -28.23 6.99 -16.89
C ILE D 176 -29.15 5.79 -17.15
N HIS D 177 -28.92 5.10 -18.26
CA HIS D 177 -29.73 3.95 -18.61
C HIS D 177 -28.90 2.69 -18.35
N VAL D 178 -29.18 2.02 -17.25
CA VAL D 178 -28.43 0.83 -16.91
C VAL D 178 -28.77 -0.39 -17.75
N SER D 179 -27.94 -1.41 -17.63
CA SER D 179 -28.12 -2.65 -18.36
C SER D 179 -29.35 -3.38 -17.84
N ASP D 180 -29.90 -4.24 -18.68
CA ASP D 180 -31.07 -5.03 -18.29
C ASP D 180 -30.61 -6.07 -17.29
N ASN D 181 -29.36 -6.50 -17.40
CA ASN D 181 -28.84 -7.49 -16.51
C ASN D 181 -27.76 -6.97 -15.59
N ILE D 182 -27.67 -7.59 -14.42
CA ILE D 182 -26.63 -7.29 -13.45
C ILE D 182 -25.84 -8.58 -13.51
N LEU D 183 -24.70 -8.50 -14.18
CA LEU D 183 -23.83 -9.66 -14.39
C LEU D 183 -22.67 -9.79 -13.43
N PHE D 184 -22.72 -10.84 -12.60
CA PHE D 184 -21.66 -11.15 -11.63
C PHE D 184 -20.73 -12.11 -12.39
N LYS D 185 -19.63 -11.57 -12.89
CA LYS D 185 -18.67 -12.35 -13.68
C LYS D 185 -17.34 -11.62 -13.71
N ILE D 186 -16.24 -12.35 -13.57
CA ILE D 186 -14.92 -11.72 -13.62
C ILE D 186 -14.53 -11.56 -15.09
N VAL D 187 -14.52 -10.32 -15.58
CA VAL D 187 -14.20 -10.02 -16.98
C VAL D 187 -12.99 -9.10 -17.14
N GLY D 188 -12.03 -9.53 -17.94
CA GLY D 188 -10.84 -8.73 -18.19
C GLY D 188 -9.65 -9.01 -17.30
N CYS D 189 -9.72 -10.04 -16.47
CA CYS D 189 -8.64 -10.40 -15.56
C CYS D 189 -7.64 -11.32 -16.27
N ASN D 190 -6.39 -10.87 -16.36
CA ASN D 190 -5.31 -11.60 -17.03
C ASN D 190 -4.67 -12.74 -16.25
N ASP D 191 -5.30 -13.15 -15.16
CA ASP D 191 -4.74 -14.21 -14.32
C ASP D 191 -5.83 -15.21 -14.01
N THR D 192 -5.45 -16.32 -13.36
CA THR D 192 -6.43 -17.31 -12.95
C THR D 192 -6.80 -16.91 -11.52
N ARG D 193 -8.01 -16.40 -11.36
CA ARG D 193 -8.45 -15.91 -10.05
C ARG D 193 -9.93 -16.14 -9.80
N TYR D 194 -10.36 -15.70 -8.61
CA TYR D 194 -11.75 -15.77 -8.24
C TYR D 194 -12.00 -14.71 -7.17
N VAL D 195 -13.27 -14.40 -6.91
CA VAL D 195 -13.62 -13.44 -5.88
C VAL D 195 -14.92 -13.95 -5.25
N GLY D 196 -15.10 -13.65 -3.97
CA GLY D 196 -16.30 -14.07 -3.29
C GLY D 196 -17.24 -12.89 -3.14
N ILE D 197 -18.53 -13.17 -3.17
CA ILE D 197 -19.54 -12.15 -3.02
C ILE D 197 -20.74 -12.69 -2.24
N ARG D 198 -21.36 -11.81 -1.46
CA ARG D 198 -22.51 -12.20 -0.68
C ARG D 198 -23.41 -11.01 -0.35
N TYR D 199 -24.68 -11.31 -0.12
CA TYR D 199 -25.66 -10.31 0.26
C TYR D 199 -25.84 -9.10 -0.63
N PHE D 200 -25.85 -9.30 -1.96
CA PHE D 200 -26.02 -8.18 -2.90
C PHE D 200 -27.44 -7.61 -2.86
N LYS D 201 -27.54 -6.29 -2.85
CA LYS D 201 -28.83 -5.62 -2.81
C LYS D 201 -28.83 -4.27 -3.49
N VAL D 202 -29.98 -3.89 -4.01
CA VAL D 202 -30.16 -2.61 -4.66
C VAL D 202 -31.37 -1.94 -3.98
N PHE D 203 -31.24 -0.64 -3.71
CA PHE D 203 -32.29 0.13 -3.07
C PHE D 203 -32.63 1.31 -3.99
N ASP D 204 -33.88 1.75 -3.98
CA ASP D 204 -34.26 2.87 -4.83
C ASP D 204 -34.20 4.20 -4.06
N THR D 205 -33.20 4.34 -3.20
CA THR D 205 -33.02 5.56 -2.42
C THR D 205 -31.55 5.73 -2.04
N GLU D 206 -31.20 6.92 -1.58
CA GLU D 206 -29.83 7.18 -1.13
C GLU D 206 -29.79 6.78 0.34
N LEU D 207 -29.20 5.63 0.63
CA LEU D 207 -29.11 5.16 2.02
C LEU D 207 -28.38 6.15 2.91
N GLY D 208 -28.83 6.24 4.16
CA GLY D 208 -28.20 7.13 5.11
C GLY D 208 -27.21 6.37 5.98
N LYS D 209 -26.28 7.10 6.56
CA LYS D 209 -25.25 6.53 7.41
C LYS D 209 -25.82 5.51 8.39
N THR D 210 -27.01 5.81 8.91
CA THR D 210 -27.64 4.91 9.87
C THR D 210 -28.09 3.58 9.28
N GLU D 211 -28.69 3.61 8.11
CA GLU D 211 -29.14 2.37 7.49
C GLU D 211 -27.91 1.53 7.16
N ILE D 212 -26.85 2.18 6.65
CA ILE D 212 -25.64 1.47 6.28
C ILE D 212 -25.03 0.79 7.51
N GLU D 213 -24.96 1.51 8.62
CA GLU D 213 -24.42 0.95 9.86
C GLU D 213 -25.22 -0.30 10.26
N THR D 214 -26.51 -0.27 9.99
CA THR D 214 -27.40 -1.38 10.31
C THR D 214 -27.19 -2.59 9.40
N LEU D 215 -27.09 -2.36 8.09
CA LEU D 215 -26.86 -3.43 7.13
C LEU D 215 -25.52 -4.11 7.41
N TYR D 216 -24.57 -3.34 7.91
CA TYR D 216 -23.24 -3.84 8.19
C TYR D 216 -23.16 -4.83 9.35
N SER D 217 -23.88 -4.56 10.43
CA SER D 217 -23.83 -5.44 11.60
C SER D 217 -24.87 -6.55 11.66
N ASP D 218 -25.93 -6.44 10.85
CA ASP D 218 -27.00 -7.42 10.86
C ASP D 218 -26.92 -8.60 9.90
N GLU D 219 -26.55 -8.35 8.65
CA GLU D 219 -26.49 -9.40 7.64
C GLU D 219 -25.95 -10.73 8.16
N PRO D 220 -24.61 -10.89 8.19
CA PRO D 220 -24.18 -12.19 8.71
C PRO D 220 -24.66 -12.33 10.16
N ASP D 221 -25.21 -13.49 10.50
CA ASP D 221 -25.75 -13.73 11.85
C ASP D 221 -24.84 -13.21 12.95
N PRO D 222 -25.22 -12.09 13.57
CA PRO D 222 -24.41 -11.48 14.65
C PRO D 222 -24.21 -12.35 15.90
N SER D 223 -24.99 -13.40 16.06
CA SER D 223 -24.82 -14.24 17.23
C SER D 223 -23.71 -15.28 17.03
N ILE D 224 -23.34 -15.54 15.78
CA ILE D 224 -22.29 -16.51 15.49
C ILE D 224 -20.94 -15.84 15.39
N LEU D 225 -19.95 -16.38 16.10
CA LEU D 225 -18.61 -15.80 16.08
C LEU D 225 -17.99 -15.98 14.70
N LYS D 226 -17.01 -15.14 14.40
CA LYS D 226 -16.34 -15.19 13.11
C LYS D 226 -14.85 -15.50 13.22
N ASP D 227 -14.33 -16.20 12.22
CA ASP D 227 -12.91 -16.50 12.19
C ASP D 227 -12.22 -15.27 11.59
N PHE D 228 -10.90 -15.35 11.43
CA PHE D 228 -10.10 -14.24 10.90
C PHE D 228 -10.59 -13.71 9.56
N TRP D 229 -11.08 -14.59 8.69
CA TRP D 229 -11.53 -14.15 7.38
C TRP D 229 -12.94 -13.57 7.32
N GLY D 230 -13.70 -13.70 8.41
CA GLY D 230 -15.05 -13.17 8.42
C GLY D 230 -16.11 -14.23 8.18
N ASN D 231 -15.68 -15.50 8.11
CA ASN D 231 -16.60 -16.62 7.93
C ASN D 231 -17.01 -17.06 9.33
N TYR D 232 -18.01 -17.93 9.44
CA TYR D 232 -18.45 -18.39 10.75
C TYR D 232 -17.41 -19.27 11.41
N LEU D 233 -17.19 -19.04 12.70
CA LEU D 233 -16.25 -19.83 13.47
C LEU D 233 -16.92 -21.19 13.71
N LEU D 234 -16.17 -22.27 13.53
CA LEU D 234 -16.75 -23.61 13.70
C LEU D 234 -16.05 -24.42 14.77
N TYR D 235 -16.77 -25.42 15.27
CA TYR D 235 -16.24 -26.36 16.26
C TYR D 235 -15.62 -27.49 15.44
N ASN D 236 -14.70 -28.24 16.04
CA ASN D 236 -14.09 -29.37 15.35
C ASN D 236 -13.31 -28.95 14.10
N LYS D 237 -12.72 -27.76 14.13
CA LYS D 237 -11.95 -27.26 12.99
C LYS D 237 -10.63 -26.68 13.47
N ARG D 238 -9.53 -27.04 12.80
CA ARG D 238 -8.22 -26.54 13.20
C ARG D 238 -8.03 -25.07 12.84
N TYR D 239 -7.37 -24.36 13.74
CA TYR D 239 -7.11 -22.94 13.58
C TYR D 239 -5.77 -22.58 14.19
N TYR D 240 -5.16 -21.52 13.65
CA TYR D 240 -3.93 -21.00 14.21
C TYR D 240 -4.46 -19.85 15.03
N LEU D 241 -3.73 -19.46 16.06
CA LEU D 241 -4.15 -18.41 16.96
C LEU D 241 -3.37 -17.12 16.75
N LEU D 242 -4.07 -15.99 16.84
CA LEU D 242 -3.43 -14.69 16.71
C LEU D 242 -3.89 -13.78 17.85
N ASN D 243 -2.95 -13.24 18.61
CA ASN D 243 -3.32 -12.32 19.70
C ASN D 243 -3.43 -10.93 19.09
N LEU D 244 -4.55 -10.26 19.31
CA LEU D 244 -4.74 -8.94 18.71
C LEU D 244 -3.99 -7.78 19.34
N LEU D 245 -3.29 -8.04 20.43
CA LEU D 245 -2.48 -6.99 21.07
C LEU D 245 -1.06 -7.15 20.52
N ARG D 246 -0.55 -8.37 20.58
CA ARG D 246 0.79 -8.67 20.06
C ARG D 246 0.64 -9.46 18.76
N THR D 247 0.26 -8.78 17.68
CA THR D 247 0.05 -9.42 16.39
C THR D 247 1.30 -9.93 15.68
N ASP D 248 2.47 -9.62 16.23
CA ASP D 248 3.73 -10.06 15.64
C ASP D 248 4.29 -11.31 16.33
N LYS D 249 3.58 -11.80 17.33
CA LYS D 249 4.03 -12.97 18.07
C LYS D 249 3.30 -14.27 17.75
N SER D 250 4.05 -15.37 17.81
CA SER D 250 3.50 -16.69 17.53
C SER D 250 3.21 -17.36 18.87
N ILE D 251 2.16 -18.18 18.91
CA ILE D 251 1.81 -18.88 20.15
C ILE D 251 2.46 -20.25 19.98
N THR D 252 3.49 -20.52 20.79
CA THR D 252 4.19 -21.78 20.68
C THR D 252 4.18 -22.67 21.91
N GLN D 253 4.23 -23.97 21.68
CA GLN D 253 4.24 -24.94 22.76
C GLN D 253 5.67 -24.98 23.28
N ASN D 254 5.84 -24.96 24.59
CA ASN D 254 7.17 -25.02 25.16
C ASN D 254 7.30 -26.43 25.73
N SER D 255 6.85 -26.62 26.97
CA SER D 255 6.86 -27.94 27.57
C SER D 255 5.37 -28.25 27.70
N ASN D 256 4.78 -27.87 28.81
CA ASN D 256 3.34 -28.06 28.98
C ASN D 256 2.70 -26.67 29.06
N PHE D 257 3.47 -25.67 28.61
CA PHE D 257 3.01 -24.27 28.60
C PHE D 257 2.94 -23.78 27.15
N LEU D 258 2.43 -22.56 26.99
CA LEU D 258 2.31 -21.91 25.68
C LEU D 258 2.95 -20.53 25.75
N ASN D 259 3.99 -20.32 24.97
CA ASN D 259 4.70 -19.05 24.94
C ASN D 259 4.14 -18.15 23.86
N ILE D 260 4.42 -16.85 24.00
CA ILE D 260 3.98 -15.84 23.05
C ILE D 260 5.11 -14.81 22.88
N ASN D 261 6.35 -15.32 22.84
CA ASN D 261 7.52 -14.47 22.67
C ASN D 261 8.25 -14.63 21.33
N GLN D 262 7.99 -15.72 20.63
CA GLN D 262 8.62 -15.95 19.32
C GLN D 262 7.95 -15.13 18.24
N GLN D 263 8.74 -14.64 17.29
CA GLN D 263 8.23 -13.86 16.17
C GLN D 263 7.56 -14.76 15.15
N ARG D 264 6.45 -14.28 14.58
CA ARG D 264 5.73 -15.06 13.57
C ARG D 264 6.57 -15.01 12.30
N GLY D 265 7.28 -13.90 12.12
CA GLY D 265 8.10 -13.74 10.95
C GLY D 265 7.28 -13.05 9.86
N VAL D 266 7.92 -12.86 8.72
CA VAL D 266 7.31 -12.19 7.59
C VAL D 266 7.38 -13.02 6.32
N TYR D 267 6.30 -13.00 5.54
CA TYR D 267 6.30 -13.69 4.27
C TYR D 267 6.12 -12.59 3.24
N GLN D 268 7.02 -12.54 2.27
CA GLN D 268 6.93 -11.48 1.26
C GLN D 268 7.42 -11.86 -0.12
N LYS D 269 6.94 -11.11 -1.10
CA LYS D 269 7.32 -11.27 -2.50
C LYS D 269 7.55 -9.87 -3.05
N PRO D 270 8.79 -9.56 -3.46
CA PRO D 270 9.18 -8.26 -4.02
C PRO D 270 8.17 -7.59 -4.94
N ASN D 271 7.84 -6.35 -4.57
CA ASN D 271 6.90 -5.50 -5.28
C ASN D 271 5.44 -5.97 -5.28
N ILE D 272 5.16 -7.13 -4.70
CA ILE D 272 3.78 -7.66 -4.68
C ILE D 272 3.07 -7.65 -3.31
N PHE D 273 3.71 -8.20 -2.28
CA PHE D 273 3.11 -8.20 -0.95
C PHE D 273 4.18 -8.41 0.09
N SER D 274 3.85 -8.14 1.33
CA SER D 274 4.76 -8.35 2.44
C SER D 274 3.93 -8.27 3.70
N ASN D 275 3.72 -9.42 4.32
CA ASN D 275 2.90 -9.48 5.51
C ASN D 275 3.46 -10.38 6.59
N THR D 276 2.92 -10.24 7.79
CA THR D 276 3.35 -11.06 8.89
C THR D 276 2.80 -12.45 8.63
N ARG D 277 3.59 -13.48 8.93
CA ARG D 277 3.16 -14.87 8.73
C ARG D 277 1.97 -15.20 9.62
N LEU D 278 0.91 -15.70 9.01
CA LEU D 278 -0.29 -16.05 9.73
C LEU D 278 -0.30 -17.51 10.17
N TYR D 279 0.22 -18.39 9.32
CA TYR D 279 0.23 -19.83 9.60
C TYR D 279 1.46 -20.27 10.38
N THR D 280 1.51 -19.98 11.67
CA THR D 280 2.65 -20.37 12.49
C THR D 280 2.15 -20.58 13.90
N GLY D 281 2.92 -21.33 14.69
CA GLY D 281 2.51 -21.60 16.06
C GLY D 281 1.61 -22.82 16.17
N VAL D 282 1.00 -23.02 17.33
CA VAL D 282 0.12 -24.16 17.55
C VAL D 282 -1.18 -24.06 16.81
N GLU D 283 -1.77 -25.22 16.54
CA GLU D 283 -3.06 -25.29 15.91
C GLU D 283 -3.98 -25.66 17.07
N VAL D 284 -5.13 -25.02 17.15
CA VAL D 284 -6.07 -25.30 18.23
C VAL D 284 -7.37 -25.79 17.60
N ILE D 285 -8.20 -26.45 18.39
CA ILE D 285 -9.49 -26.94 17.92
C ILE D 285 -10.51 -26.71 19.04
N ILE D 286 -11.66 -26.17 18.67
CA ILE D 286 -12.73 -25.86 19.62
C ILE D 286 -13.72 -27.01 19.71
N ARG D 287 -13.92 -27.55 20.91
CA ARG D 287 -14.81 -28.68 21.11
C ARG D 287 -16.01 -28.36 22.01
N LYS D 288 -17.16 -28.98 21.70
CA LYS D 288 -18.37 -28.78 22.49
C LYS D 288 -18.22 -29.51 23.83
N ASN D 289 -18.81 -28.96 24.88
CA ASN D 289 -18.71 -29.57 26.20
C ASN D 289 -19.58 -30.81 26.38
N ASN D 296 -25.87 -26.56 18.64
CA ASN D 296 -25.65 -28.04 18.70
C ASN D 296 -26.08 -28.72 17.40
N THR D 297 -27.13 -28.20 16.77
CA THR D 297 -27.63 -28.76 15.52
C THR D 297 -26.62 -28.51 14.39
N ASP D 298 -25.62 -27.70 14.70
CA ASP D 298 -24.57 -27.34 13.75
C ASP D 298 -23.25 -27.18 14.49
N ASN D 299 -22.21 -26.75 13.79
CA ASN D 299 -20.91 -26.56 14.42
C ASN D 299 -20.54 -25.09 14.61
N PHE D 300 -21.54 -24.22 14.47
CA PHE D 300 -21.31 -22.78 14.62
C PHE D 300 -21.05 -22.45 16.08
N VAL D 301 -20.02 -21.65 16.34
CA VAL D 301 -19.71 -21.23 17.71
C VAL D 301 -20.47 -19.92 17.90
N ARG D 302 -21.37 -19.90 18.88
CA ARG D 302 -22.17 -18.71 19.15
C ARG D 302 -21.76 -18.01 20.43
N LYS D 303 -22.11 -16.74 20.53
CA LYS D 303 -21.80 -15.92 21.70
C LYS D 303 -22.33 -16.65 22.93
N ASN D 304 -21.55 -16.62 24.01
CA ASN D 304 -21.91 -17.25 25.28
C ASN D 304 -21.88 -18.77 25.30
N ASP D 305 -21.48 -19.38 24.19
CA ASP D 305 -21.38 -20.85 24.13
C ASP D 305 -20.38 -21.32 25.18
N LEU D 306 -20.47 -22.61 25.52
CA LEU D 306 -19.58 -23.23 26.48
C LEU D 306 -18.74 -24.26 25.72
N ALA D 307 -17.42 -24.16 25.80
CA ALA D 307 -16.57 -25.11 25.09
C ALA D 307 -15.21 -25.35 25.72
N TYR D 308 -14.41 -26.15 25.03
CA TYR D 308 -13.06 -26.47 25.47
C TYR D 308 -12.15 -26.13 24.30
N ILE D 309 -10.92 -25.72 24.60
CA ILE D 309 -9.96 -25.41 23.56
C ILE D 309 -8.79 -26.36 23.74
N ASN D 310 -8.45 -27.10 22.69
CA ASN D 310 -7.32 -28.02 22.77
C ASN D 310 -6.30 -27.68 21.71
N VAL D 311 -5.04 -27.94 22.02
CA VAL D 311 -3.97 -27.74 21.07
C VAL D 311 -3.94 -29.08 20.33
N VAL D 312 -3.82 -29.04 19.00
CA VAL D 312 -3.76 -30.28 18.24
C VAL D 312 -2.31 -30.52 17.84
N ASP D 313 -1.76 -31.66 18.24
CA ASP D 313 -0.38 -32.01 17.93
C ASP D 313 -0.31 -33.45 17.43
N ARG D 314 -0.21 -33.63 16.11
CA ARG D 314 -0.12 -34.95 15.50
C ARG D 314 -1.04 -36.01 16.12
N ASP D 315 -2.35 -35.83 15.97
CA ASP D 315 -3.29 -36.81 16.52
C ASP D 315 -3.41 -36.83 18.03
N VAL D 316 -2.84 -35.83 18.70
CA VAL D 316 -2.92 -35.75 20.15
C VAL D 316 -3.50 -34.39 20.51
N GLU D 317 -4.54 -34.39 21.34
CA GLU D 317 -5.14 -33.13 21.76
C GLU D 317 -4.85 -32.82 23.23
N TYR D 318 -4.39 -31.60 23.48
CA TYR D 318 -4.08 -31.17 24.82
C TYR D 318 -4.99 -30.01 25.21
N ARG D 319 -5.80 -30.27 26.22
CA ARG D 319 -6.74 -29.29 26.74
C ARG D 319 -5.99 -28.11 27.36
N LEU D 320 -6.43 -26.89 27.05
CA LEU D 320 -5.82 -25.73 27.65
C LEU D 320 -6.42 -25.63 29.04
N TYR D 321 -5.58 -25.84 30.06
CA TYR D 321 -6.01 -25.83 31.46
C TYR D 321 -5.43 -24.64 32.24
N ALA D 322 -6.32 -23.85 32.84
CA ALA D 322 -5.89 -22.69 33.63
C ALA D 322 -5.43 -23.22 34.99
N ASP D 323 -4.12 -23.21 35.23
CA ASP D 323 -3.57 -23.72 36.48
C ASP D 323 -4.04 -22.90 37.68
N ILE D 324 -5.17 -23.30 38.24
CA ILE D 324 -5.75 -22.60 39.38
C ILE D 324 -5.05 -22.88 40.72
N SER D 325 -3.86 -23.48 40.65
CA SER D 325 -3.10 -23.79 41.85
C SER D 325 -2.17 -22.64 42.18
N ILE D 326 -2.09 -21.67 41.29
CA ILE D 326 -1.22 -20.52 41.52
C ILE D 326 -2.08 -19.38 42.06
N ALA D 327 -1.68 -18.86 43.22
CA ALA D 327 -2.41 -17.75 43.83
C ALA D 327 -1.93 -16.47 43.19
N LYS D 328 -2.72 -15.95 42.26
CA LYS D 328 -2.36 -14.74 41.54
C LYS D 328 -3.43 -14.59 40.46
N PRO D 329 -3.75 -13.36 40.07
CA PRO D 329 -4.78 -13.21 39.03
C PRO D 329 -4.38 -13.84 37.70
N GLU D 330 -3.07 -14.05 37.51
CA GLU D 330 -2.58 -14.67 36.28
C GLU D 330 -2.40 -16.16 36.45
N LYS D 331 -3.38 -16.92 35.96
CA LYS D 331 -3.31 -18.37 36.05
C LYS D 331 -2.66 -18.82 34.75
N ILE D 332 -1.40 -19.25 34.80
CA ILE D 332 -0.72 -19.69 33.60
C ILE D 332 -1.52 -20.86 32.99
N ILE D 333 -1.57 -20.91 31.66
CA ILE D 333 -2.30 -21.97 30.97
C ILE D 333 -1.40 -23.18 30.82
N LYS D 334 -1.92 -24.34 31.20
CA LYS D 334 -1.16 -25.59 31.11
C LYS D 334 -1.82 -26.53 30.11
N LEU D 335 -1.01 -27.38 29.49
CA LEU D 335 -1.54 -28.33 28.53
C LEU D 335 -1.61 -29.73 29.13
N ILE D 336 -2.81 -30.30 29.17
CA ILE D 336 -2.98 -31.64 29.71
C ILE D 336 -3.68 -32.52 28.67
N ARG D 337 -3.04 -33.63 28.33
CA ARG D 337 -3.56 -34.57 27.35
C ARG D 337 -5.01 -35.00 27.66
N THR D 338 -5.84 -35.07 26.62
CA THR D 338 -7.25 -35.46 26.78
C THR D 338 -7.41 -36.99 26.78
N ASN D 342 -15.48 -37.70 28.06
CA ASN D 342 -14.88 -36.35 27.84
C ASN D 342 -14.78 -35.60 29.17
N ASN D 343 -13.68 -35.81 29.88
CA ASN D 343 -13.45 -35.17 31.17
C ASN D 343 -13.68 -33.67 31.12
N SER D 344 -13.87 -33.06 32.28
CA SER D 344 -14.12 -31.62 32.37
C SER D 344 -13.02 -30.86 33.11
N LEU D 345 -12.31 -31.56 34.00
CA LEU D 345 -11.25 -30.94 34.78
C LEU D 345 -11.82 -29.82 35.65
N GLY D 346 -13.13 -29.81 35.81
CA GLY D 346 -13.78 -28.78 36.60
C GLY D 346 -13.62 -27.40 36.00
N GLN D 347 -13.50 -27.34 34.69
CA GLN D 347 -13.33 -26.07 34.00
C GLN D 347 -14.07 -26.02 32.68
N ILE D 348 -14.47 -24.81 32.29
CA ILE D 348 -15.18 -24.57 31.05
C ILE D 348 -14.78 -23.22 30.49
N ILE D 349 -14.99 -23.02 29.21
CA ILE D 349 -14.65 -21.75 28.57
C ILE D 349 -15.89 -21.11 27.96
N VAL D 350 -16.07 -19.82 28.21
CA VAL D 350 -17.19 -19.10 27.65
C VAL D 350 -16.72 -18.38 26.39
N MET D 351 -17.22 -18.81 25.23
CA MET D 351 -16.83 -18.17 23.98
C MET D 351 -17.70 -16.93 23.80
N ASP D 352 -17.07 -15.81 23.46
CA ASP D 352 -17.82 -14.59 23.24
C ASP D 352 -16.98 -13.65 22.39
N SER D 353 -17.39 -12.38 22.31
CA SER D 353 -16.63 -11.44 21.50
C SER D 353 -17.04 -10.00 21.70
N ILE D 354 -16.07 -9.11 21.52
CA ILE D 354 -16.28 -7.66 21.61
C ILE D 354 -16.01 -7.25 20.16
N GLY D 355 -17.07 -6.97 19.41
CA GLY D 355 -16.89 -6.61 18.01
C GLY D 355 -16.62 -7.89 17.25
N ASN D 356 -15.52 -7.94 16.52
CA ASN D 356 -15.15 -9.14 15.77
C ASN D 356 -14.01 -9.79 16.54
N ASN D 357 -13.70 -9.21 17.70
CA ASN D 357 -12.63 -9.70 18.56
C ASN D 357 -13.13 -10.79 19.49
N CYS D 358 -12.59 -12.00 19.36
CA CYS D 358 -13.02 -13.10 20.19
C CYS D 358 -12.41 -13.07 21.59
N THR D 359 -13.18 -13.58 22.55
CA THR D 359 -12.72 -13.65 23.93
C THR D 359 -13.01 -15.04 24.44
N MET D 360 -12.18 -15.52 25.34
CA MET D 360 -12.37 -16.84 25.91
C MET D 360 -12.24 -16.71 27.41
N ASN D 361 -13.38 -16.79 28.08
CA ASN D 361 -13.41 -16.66 29.53
C ASN D 361 -13.45 -18.01 30.25
N PHE D 362 -12.39 -18.29 31.00
CA PHE D 362 -12.29 -19.52 31.76
C PHE D 362 -13.13 -19.40 33.04
N GLN D 363 -13.93 -20.42 33.33
CA GLN D 363 -14.77 -20.46 34.54
C GLN D 363 -14.73 -21.88 35.14
N ASN D 364 -15.10 -22.00 36.41
CA ASN D 364 -15.18 -23.31 37.05
C ASN D 364 -16.58 -23.81 36.69
N ASN D 365 -16.99 -24.97 37.18
CA ASN D 365 -18.33 -25.46 36.83
C ASN D 365 -19.44 -24.73 37.58
N ASN D 366 -19.10 -24.19 38.75
CA ASN D 366 -20.06 -23.45 39.56
C ASN D 366 -20.34 -22.06 38.98
N GLY D 367 -19.96 -21.86 37.73
CA GLY D 367 -20.19 -20.58 37.09
C GLY D 367 -19.31 -19.45 37.56
N GLY D 368 -18.32 -19.74 38.38
CA GLY D 368 -17.43 -18.69 38.86
C GLY D 368 -16.32 -18.36 37.86
N ASN D 369 -15.92 -17.09 37.79
CA ASN D 369 -14.88 -16.66 36.85
C ASN D 369 -13.47 -17.01 37.30
N ILE D 370 -12.62 -17.37 36.34
CA ILE D 370 -11.23 -17.67 36.62
C ILE D 370 -10.39 -16.60 35.92
N GLY D 371 -10.85 -16.17 34.74
CA GLY D 371 -10.13 -15.15 33.99
C GLY D 371 -10.16 -15.34 32.49
N LEU D 372 -10.03 -14.22 31.77
CA LEU D 372 -10.01 -14.23 30.32
C LEU D 372 -8.65 -14.72 29.82
N LEU D 373 -8.65 -15.41 28.69
CA LEU D 373 -7.40 -15.90 28.13
C LEU D 373 -6.60 -14.71 27.62
N GLY D 374 -5.32 -14.66 27.99
CA GLY D 374 -4.45 -13.57 27.58
C GLY D 374 -3.01 -14.00 27.79
N PHE D 375 -2.17 -13.08 28.22
CA PHE D 375 -0.77 -13.42 28.48
C PHE D 375 -0.22 -12.47 29.54
N HIS D 376 0.84 -12.88 30.22
CA HIS D 376 1.42 -12.01 31.25
C HIS D 376 2.89 -11.71 31.02
N SER D 377 3.74 -12.74 31.08
CA SER D 377 5.15 -12.50 30.79
C SER D 377 5.19 -12.81 29.31
N ASN D 378 5.62 -14.01 28.97
CA ASN D 378 5.68 -14.47 27.60
C ASN D 378 4.87 -15.76 27.54
N ASN D 379 3.95 -15.92 28.49
CA ASN D 379 3.11 -17.11 28.55
C ASN D 379 1.63 -16.78 28.51
N LEU D 380 0.85 -17.68 27.92
CA LEU D 380 -0.59 -17.49 27.88
C LEU D 380 -1.11 -17.75 29.30
N VAL D 381 -2.07 -16.94 29.73
CA VAL D 381 -2.65 -17.09 31.05
C VAL D 381 -4.13 -16.75 31.02
N ALA D 382 -4.83 -17.13 32.08
CA ALA D 382 -6.24 -16.83 32.24
C ALA D 382 -6.16 -15.81 33.38
N SER D 383 -6.52 -14.57 33.12
CA SER D 383 -6.43 -13.53 34.14
C SER D 383 -7.70 -12.73 34.38
N SER D 384 -8.01 -12.53 35.65
CA SER D 384 -9.19 -11.78 36.05
C SER D 384 -8.91 -10.28 35.90
N TRP D 385 -7.67 -9.96 35.57
CA TRP D 385 -7.25 -8.57 35.38
C TRP D 385 -8.02 -7.89 34.25
N TYR D 386 -8.20 -8.61 33.14
CA TYR D 386 -8.88 -8.05 31.98
C TYR D 386 -10.29 -7.53 32.20
N TYR D 387 -11.05 -8.17 33.09
CA TYR D 387 -12.42 -7.74 33.35
C TYR D 387 -12.57 -6.23 33.50
N ASN D 388 -11.71 -5.61 34.30
CA ASN D 388 -11.79 -4.16 34.50
C ASN D 388 -10.61 -3.42 33.87
N ASN D 389 -10.12 -3.93 32.74
CA ASN D 389 -8.98 -3.30 32.10
C ASN D 389 -9.01 -3.39 30.58
N ILE D 390 -10.20 -3.51 30.00
CA ILE D 390 -10.31 -3.60 28.55
C ILE D 390 -10.45 -2.21 27.92
N ARG D 391 -9.60 -1.93 26.93
CA ARG D 391 -9.64 -0.64 26.24
C ARG D 391 -10.85 -0.57 25.30
N LYS D 392 -11.81 0.25 25.72
CA LYS D 392 -13.09 0.48 25.05
C LYS D 392 -13.25 0.33 23.54
N ASN D 393 -12.57 1.17 22.76
CA ASN D 393 -12.72 1.10 21.30
C ASN D 393 -11.49 0.72 20.50
N THR D 394 -10.90 -0.42 20.82
CA THR D 394 -9.71 -0.86 20.11
C THR D 394 -9.55 -2.38 20.23
N SER D 395 -9.00 -2.98 19.17
CA SER D 395 -8.80 -4.42 19.15
C SER D 395 -7.51 -4.75 19.88
N SER D 396 -6.79 -3.70 20.29
CA SER D 396 -5.53 -3.85 20.99
C SER D 396 -5.66 -4.15 22.48
N ASN D 397 -6.15 -5.34 22.79
CA ASN D 397 -6.31 -5.81 24.16
C ASN D 397 -5.73 -7.21 24.20
N GLY D 398 -4.86 -7.46 25.17
CA GLY D 398 -4.23 -8.76 25.30
C GLY D 398 -5.15 -9.95 25.44
N CYS D 399 -6.43 -9.70 25.69
CA CYS D 399 -7.39 -10.79 25.83
C CYS D 399 -8.29 -10.92 24.61
N PHE D 400 -7.83 -10.37 23.48
CA PHE D 400 -8.58 -10.43 22.23
C PHE D 400 -7.84 -11.36 21.28
N TRP D 401 -8.58 -12.29 20.66
CA TRP D 401 -8.00 -13.26 19.75
C TRP D 401 -8.74 -13.46 18.45
N SER D 402 -8.01 -13.93 17.45
CA SER D 402 -8.59 -14.25 16.15
C SER D 402 -8.17 -15.67 15.81
N PHE D 403 -9.08 -16.42 15.21
CA PHE D 403 -8.80 -17.80 14.81
C PHE D 403 -8.57 -17.82 13.30
N ILE D 404 -7.38 -18.28 12.89
CA ILE D 404 -7.02 -18.30 11.47
C ILE D 404 -6.98 -19.70 10.86
N SER D 405 -7.81 -19.91 9.85
CA SER D 405 -7.85 -21.18 9.15
C SER D 405 -6.97 -21.08 7.89
N LYS D 406 -6.18 -22.11 7.63
CA LYS D 406 -5.31 -22.11 6.45
C LYS D 406 -6.20 -22.31 5.24
N GLU D 407 -6.17 -21.34 4.32
CA GLU D 407 -7.03 -21.42 3.14
C GLU D 407 -6.39 -20.99 1.83
N HIS D 408 -7.08 -21.33 0.75
CA HIS D 408 -6.66 -21.05 -0.62
C HIS D 408 -6.39 -19.57 -0.93
N GLY D 409 -7.23 -18.67 -0.41
CA GLY D 409 -7.05 -17.24 -0.70
C GLY D 409 -5.84 -16.56 -0.09
N TRP D 410 -5.09 -17.29 0.73
CA TRP D 410 -3.92 -16.71 1.37
C TRP D 410 -2.86 -17.79 1.52
N GLN D 411 -1.82 -17.75 0.69
CA GLN D 411 -0.78 -18.77 0.78
C GLN D 411 0.52 -18.25 1.39
N GLU D 412 1.26 -19.13 2.05
CA GLU D 412 2.54 -18.78 2.67
C GLU D 412 3.61 -19.88 2.45
N ASN D 413 4.79 -19.65 2.99
CA ASN D 413 5.92 -20.58 2.93
C ASN D 413 5.78 -21.65 4.00
#